data_9D7P
#
_entry.id   9D7P
#
_cell.length_a   1.00
_cell.length_b   1.00
_cell.length_c   1.00
_cell.angle_alpha   90.00
_cell.angle_beta   90.00
_cell.angle_gamma   90.00
#
_symmetry.space_group_name_H-M   'P 1'
#
loop_
_entity.id
_entity.type
_entity.pdbx_description
1 polymer 'Surface protein gp120'
2 polymer 'Transmembrane protein gp41'
3 polymer 'CH103 Fab light chain'
4 polymer 'CH103 Fab heavy chain'
5 branched 2-acetamido-2-deoxy-beta-D-glucopyranose-(1-4)-2-acetamido-2-deoxy-beta-D-glucopyranose
6 branched beta-D-mannopyranose-(1-4)-2-acetamido-2-deoxy-beta-D-glucopyranose-(1-4)-2-acetamido-2-deoxy-beta-D-glucopyranose
7 non-polymer 2-acetamido-2-deoxy-beta-D-glucopyranose
#
loop_
_entity_poly.entity_id
_entity_poly.type
_entity_poly.pdbx_seq_one_letter_code
_entity_poly.pdbx_strand_id
1 'polypeptide(L)'
;MPMGSLQPLATLYLLGMLVASVLAAENLWVTVYYGVPVWKDAETTLFCASDAKAYETEKHNVWATHACVPTDPNPQEIHL
ENVTEEFNMWKNNMVEQMHTDIISLWDQSLKPCVKLTPLCVTLQCTNVTNNITDDMRGELKNCSFNMTTELRDKKQKVYS
LFYRLDVVQINENQGNRSNNSNKEYRLINCNTSACTQACPKVSFEPIPIHYCAPAGFAILKCKDKKFNGTGPCPSVSTVQ
CTHGIKPVVSTQLLLNGSLAEEEVMIRSENITNNAKNILVQFNTPVQINCTRPNNNTRKSIRIGPGQAFYATGDIIGDIR
QAHCNVSKATWNETLGKVVKQLRKHFGNNTIIRFANSSGGDLEVTTHSFNCGGEFFYCNTSGLFNSTWISNTSVQGSNST
GSNDSITLPCRIKQIINMWQRIGQCMYAPPIQGVIRCVSNITGLILTRDGGSTNSTTETFRPGGGDMRDNWRSELYKYKV
VKIEPLGVAPTRCKRR
;
A,C,E
2 'polypeptide(L)'
;VVGRRRRRRAVGIGAVFLGFLGAAGSTMGAASMTLTVQARNLLSGIVQQQSNLLRAPEAQQHLLKLTVWGIKQLQARVLA
VERYLRDQQLLGIWGCSGKLICCTNVPWNSSWSNRNLSEIWDNMTWLQWDKEISNYTQIIYGLLEESQNQQEKNEQDLLA
LD
;
B,D,F
3 'polypeptide(L)'
;MGWSCIILFLVATATGSWASYELTQPPSVSVSPGQTATITCSGASTNVCWYQVKPGQSPEVVIFENYKRPSGIPDRFSGS
KSGSTATLTIRGTQAIDEADYYCQVWDSFSTFVFGSGTQVTVLGQPKANPTVTLFPPSSEELQANKATLVCLISDFYPGA
VTVAWKADSSPVKAGVETTTPSKQSNNKYAASSYLSLTPEQWKSHRSYSCQVTHEGSTVEKTVAPTECSPSKQSNNKYAA
SSYLSLTPEQWKSHRSYSCQVTHEGSTVEKTVAPTECS
;
G,I
4 'polypeptide(L)'
;MGWSCIILFLVATATGVHSQVQLQESGPGVVKSSETLSLTCTVSGGSMGGTYWSWLRLSPGKGLEWIGYIFHTGETNYSP
SLKGRVSISVDTSEDQFSLRLRSVTAADTAVYFCASLPRGQLVNAYFRNWGRGSLVSVTAASTKGPSVFPLAPSSKSTSG
GTAALGCLVKDYFPEPVTVSWNSGALTSGVHTFPAVLQSSGLYSLSSVVTVPSSSLGTQTYICNVNHKPSNTKVDKKVEP
KSCDK
;
H,J
#
# COMPACT_ATOMS: atom_id res chain seq x y z
N LEU A 28 -60.14 -19.71 16.35
CA LEU A 28 -58.71 -19.91 16.16
C LEU A 28 -58.10 -18.72 15.42
N TRP A 29 -57.08 -18.12 16.03
CA TRP A 29 -56.45 -16.92 15.50
C TRP A 29 -54.96 -17.16 15.30
N VAL A 30 -54.36 -16.41 14.37
CA VAL A 30 -52.95 -16.59 14.05
C VAL A 30 -52.09 -15.98 15.14
N THR A 31 -51.16 -16.77 15.66
CA THR A 31 -50.24 -16.35 16.71
C THR A 31 -48.81 -16.43 16.18
N VAL A 32 -48.07 -15.34 16.31
CA VAL A 32 -46.74 -15.21 15.73
C VAL A 32 -45.70 -15.51 16.81
N TYR A 33 -44.83 -16.47 16.53
CA TYR A 33 -43.76 -16.85 17.44
C TYR A 33 -42.41 -16.50 16.85
N TYR A 34 -41.54 -15.90 17.67
CA TYR A 34 -40.17 -15.58 17.27
C TYR A 34 -39.21 -16.38 18.14
N GLY A 35 -38.30 -17.10 17.49
CA GLY A 35 -37.35 -17.94 18.17
C GLY A 35 -37.58 -19.44 18.08
N VAL A 36 -38.34 -19.91 17.08
CA VAL A 36 -38.66 -21.32 16.96
C VAL A 36 -37.45 -22.08 16.44
N PRO A 37 -37.25 -23.35 16.82
CA PRO A 37 -36.08 -24.13 16.32
C PRO A 37 -36.32 -24.82 14.97
N VAL A 38 -36.28 -24.03 13.90
CA VAL A 38 -36.49 -24.52 12.54
C VAL A 38 -35.27 -24.13 11.71
N TRP A 39 -34.74 -25.08 10.95
CA TRP A 39 -33.61 -24.83 10.05
C TRP A 39 -33.92 -25.33 8.65
N LYS A 40 -33.24 -24.76 7.67
CA LYS A 40 -33.23 -25.27 6.30
C LYS A 40 -31.80 -25.32 5.78
N ASP A 41 -31.67 -25.89 4.57
CA ASP A 41 -30.37 -26.02 3.92
C ASP A 41 -29.99 -24.69 3.27
N ALA A 42 -28.76 -24.24 3.53
CA ALA A 42 -28.26 -23.01 2.94
C ALA A 42 -26.74 -23.08 2.90
N GLU A 43 -26.15 -22.15 2.16
CA GLU A 43 -24.70 -22.07 1.96
C GLU A 43 -24.18 -20.77 2.52
N THR A 44 -23.08 -20.83 3.24
CA THR A 44 -22.45 -19.66 3.84
C THR A 44 -20.94 -19.82 3.83
N THR A 45 -20.24 -18.76 4.20
CA THR A 45 -18.79 -18.74 4.24
C THR A 45 -18.34 -18.97 5.67
N LEU A 46 -18.00 -20.22 5.97
CA LEU A 46 -17.48 -20.57 7.30
C LEU A 46 -16.08 -20.01 7.49
N PHE A 47 -15.71 -19.75 8.73
CA PHE A 47 -14.41 -19.18 9.04
C PHE A 47 -13.58 -20.16 9.86
N CYS A 48 -12.26 -20.04 9.72
CA CYS A 48 -11.34 -20.95 10.38
C CYS A 48 -11.11 -20.54 11.82
N ALA A 49 -10.67 -21.51 12.63
CA ALA A 49 -10.30 -21.29 14.01
C ALA A 49 -9.33 -22.37 14.43
N SER A 50 -8.34 -21.98 15.24
CA SER A 50 -7.31 -22.91 15.67
C SER A 50 -6.81 -22.52 17.04
N ASP A 51 -6.17 -23.47 17.71
CA ASP A 51 -5.61 -23.25 19.04
C ASP A 51 -4.09 -23.26 19.01
N ASN A 61 4.17 -21.86 9.29
CA ASN A 61 3.68 -22.86 8.34
C ASN A 61 3.00 -22.24 7.11
N VAL A 62 2.67 -23.09 6.14
CA VAL A 62 2.04 -22.63 4.91
C VAL A 62 0.62 -22.16 5.18
N TRP A 63 -0.16 -22.96 5.90
CA TRP A 63 -1.54 -22.61 6.22
C TRP A 63 -1.56 -21.74 7.47
N ALA A 64 -1.84 -20.45 7.27
CA ALA A 64 -1.70 -19.45 8.32
C ALA A 64 -2.79 -19.57 9.38
N THR A 65 -2.55 -20.40 10.39
CA THR A 65 -3.49 -20.53 11.49
C THR A 65 -3.38 -19.40 12.51
N HIS A 66 -2.29 -18.62 12.46
CA HIS A 66 -2.20 -17.44 13.31
C HIS A 66 -3.12 -16.32 12.86
N ALA A 67 -3.50 -16.32 11.58
CA ALA A 67 -4.50 -15.39 11.08
C ALA A 67 -5.93 -15.86 11.33
N CYS A 68 -6.10 -17.08 11.83
CA CYS A 68 -7.42 -17.61 12.14
C CYS A 68 -7.90 -17.05 13.48
N VAL A 69 -9.16 -17.34 13.80
CA VAL A 69 -9.73 -16.91 15.08
C VAL A 69 -9.14 -17.76 16.20
N PRO A 70 -8.58 -17.15 17.26
CA PRO A 70 -8.08 -17.96 18.37
C PRO A 70 -9.23 -18.53 19.20
N THR A 71 -9.47 -19.82 19.06
CA THR A 71 -10.65 -20.44 19.65
C THR A 71 -10.33 -21.08 21.00
N ASP A 72 -11.34 -21.12 21.86
CA ASP A 72 -11.29 -21.83 23.11
C ASP A 72 -11.47 -23.32 22.86
N PRO A 73 -11.12 -24.17 23.84
CA PRO A 73 -11.57 -25.57 23.80
C PRO A 73 -13.09 -25.63 23.82
N ASN A 74 -13.65 -26.62 23.10
CA ASN A 74 -15.06 -26.75 22.81
C ASN A 74 -15.89 -26.91 24.09
N PRO A 75 -16.69 -25.91 24.47
CA PRO A 75 -17.40 -25.96 25.75
C PRO A 75 -18.52 -26.97 25.80
N GLN A 76 -19.41 -26.96 24.81
CA GLN A 76 -20.59 -27.81 24.82
C GLN A 76 -20.82 -28.42 23.45
N GLU A 77 -21.46 -29.59 23.45
CA GLU A 77 -21.88 -30.29 22.24
C GLU A 77 -23.34 -30.68 22.43
N ILE A 78 -24.24 -29.91 21.83
CA ILE A 78 -25.66 -30.06 22.08
C ILE A 78 -26.19 -31.29 21.34
N HIS A 79 -26.85 -32.18 22.08
CA HIS A 79 -27.42 -33.39 21.52
C HIS A 79 -28.91 -33.19 21.25
N LEU A 80 -29.36 -33.67 20.09
CA LEU A 80 -30.74 -33.53 19.66
C LEU A 80 -31.40 -34.90 19.64
N GLU A 81 -32.49 -35.06 20.39
CA GLU A 81 -33.02 -36.39 20.65
C GLU A 81 -33.88 -36.91 19.50
N ASN A 82 -35.00 -36.23 19.22
CA ASN A 82 -35.93 -36.69 18.18
C ASN A 82 -35.74 -35.90 16.89
N VAL A 83 -34.53 -35.93 16.36
CA VAL A 83 -34.20 -35.21 15.12
C VAL A 83 -33.58 -36.19 14.14
N THR A 84 -34.19 -36.31 12.97
CA THR A 84 -33.67 -37.12 11.87
C THR A 84 -33.40 -36.21 10.69
N GLU A 85 -32.16 -36.21 10.22
CA GLU A 85 -31.71 -35.29 9.18
C GLU A 85 -31.24 -36.04 7.95
N GLU A 86 -31.55 -35.48 6.79
CA GLU A 86 -31.18 -36.07 5.50
C GLU A 86 -29.78 -35.58 5.13
N PHE A 87 -28.78 -36.40 5.38
CA PHE A 87 -27.41 -36.04 5.05
C PHE A 87 -27.04 -36.48 3.63
N ASN A 88 -26.22 -35.66 2.98
CA ASN A 88 -25.64 -35.98 1.68
C ASN A 88 -24.28 -35.31 1.63
N MET A 89 -23.23 -36.10 1.41
CA MET A 89 -21.87 -35.57 1.45
C MET A 89 -21.27 -35.35 0.07
N TRP A 90 -21.85 -35.91 -0.98
CA TRP A 90 -21.37 -35.70 -2.34
C TRP A 90 -21.77 -34.34 -2.89
N LYS A 91 -22.76 -33.68 -2.29
CA LYS A 91 -23.15 -32.33 -2.65
C LYS A 91 -22.86 -31.33 -1.52
N ASN A 92 -21.92 -31.68 -0.64
CA ASN A 92 -21.51 -30.77 0.41
C ASN A 92 -20.71 -29.61 -0.19
N ASN A 93 -20.88 -28.42 0.40
CA ASN A 93 -20.25 -27.22 -0.13
C ASN A 93 -18.99 -26.86 0.65
N MET A 94 -18.89 -27.31 1.91
CA MET A 94 -17.73 -27.03 2.74
C MET A 94 -16.44 -27.63 2.20
N VAL A 95 -16.55 -28.69 1.39
CA VAL A 95 -15.37 -29.28 0.75
C VAL A 95 -14.76 -28.32 -0.27
N GLU A 96 -15.63 -27.68 -1.08
CA GLU A 96 -15.16 -26.72 -2.06
C GLU A 96 -14.58 -25.47 -1.39
N GLN A 97 -15.19 -25.03 -0.28
CA GLN A 97 -14.67 -23.90 0.47
C GLN A 97 -13.32 -24.23 1.11
N MET A 98 -13.16 -25.46 1.61
CA MET A 98 -11.87 -25.89 2.15
C MET A 98 -10.79 -25.95 1.06
N HIS A 99 -11.17 -26.44 -0.13
CA HIS A 99 -10.24 -26.49 -1.26
C HIS A 99 -9.80 -25.09 -1.67
N THR A 100 -10.76 -24.16 -1.77
CA THR A 100 -10.45 -22.78 -2.16
C THR A 100 -9.60 -22.08 -1.10
N ASP A 101 -9.91 -22.29 0.18
CA ASP A 101 -9.15 -21.67 1.26
C ASP A 101 -7.73 -22.21 1.33
N ILE A 102 -7.55 -23.51 1.11
CA ILE A 102 -6.22 -24.10 1.16
C ILE A 102 -5.37 -23.65 -0.03
N ILE A 103 -5.98 -23.56 -1.22
CA ILE A 103 -5.28 -23.05 -2.40
C ILE A 103 -4.88 -21.60 -2.21
N SER A 104 -5.79 -20.77 -1.68
CA SER A 104 -5.49 -19.36 -1.45
C SER A 104 -4.43 -19.18 -0.36
N LEU A 105 -4.46 -20.01 0.69
CA LEU A 105 -3.46 -19.93 1.74
C LEU A 105 -2.08 -20.32 1.22
N TRP A 106 -2.03 -21.33 0.35
CA TRP A 106 -0.77 -21.71 -0.31
C TRP A 106 -0.24 -20.57 -1.17
N ASP A 107 -1.14 -19.90 -1.91
CA ASP A 107 -0.72 -18.82 -2.80
C ASP A 107 -0.23 -17.59 -2.02
N GLN A 108 -0.90 -17.23 -0.93
CA GLN A 108 -0.40 -16.11 -0.12
C GLN A 108 0.83 -16.48 0.68
N SER A 109 1.04 -17.77 1.00
CA SER A 109 2.27 -18.14 1.67
C SER A 109 3.45 -18.17 0.70
N LEU A 110 3.21 -18.45 -0.57
CA LEU A 110 4.29 -18.43 -1.56
C LEU A 110 4.55 -17.04 -2.14
N LYS A 111 3.79 -16.02 -1.74
CA LYS A 111 3.93 -14.71 -2.38
C LYS A 111 5.13 -13.89 -1.90
N PRO A 112 5.52 -13.85 -0.62
CA PRO A 112 6.76 -13.13 -0.27
C PRO A 112 8.06 -13.83 -0.64
N CYS A 113 8.01 -15.01 -1.24
CA CYS A 113 9.20 -15.81 -1.47
C CYS A 113 9.96 -15.34 -2.71
N VAL A 114 11.19 -15.83 -2.84
CA VAL A 114 12.08 -15.45 -3.93
C VAL A 114 11.69 -16.23 -5.18
N LYS A 115 11.76 -15.57 -6.33
CA LYS A 115 11.43 -16.18 -7.62
C LYS A 115 12.72 -16.50 -8.36
N LEU A 116 12.82 -17.73 -8.87
CA LEU A 116 14.03 -18.21 -9.53
C LEU A 116 13.98 -17.93 -11.04
N THR A 117 13.90 -16.65 -11.38
CA THR A 117 14.00 -16.22 -12.77
C THR A 117 15.36 -16.51 -13.41
N PRO A 118 16.53 -16.18 -12.82
CA PRO A 118 17.78 -16.44 -13.54
C PRO A 118 18.26 -17.89 -13.54
N LEU A 119 17.43 -18.86 -13.15
CA LEU A 119 17.83 -20.25 -13.19
C LEU A 119 17.60 -20.91 -14.54
N CYS A 120 16.91 -20.24 -15.47
CA CYS A 120 16.72 -20.78 -16.81
C CYS A 120 17.92 -20.40 -17.67
N VAL A 121 18.98 -21.20 -17.55
CA VAL A 121 20.18 -21.07 -18.35
C VAL A 121 20.52 -22.43 -18.93
N THR A 122 21.53 -22.46 -19.79
CA THR A 122 22.00 -23.70 -20.39
C THR A 122 22.92 -24.41 -19.42
N LEU A 123 22.46 -25.52 -18.85
CA LEU A 123 23.22 -26.28 -17.88
C LEU A 123 24.15 -27.23 -18.63
N GLN A 124 25.35 -27.46 -18.09
CA GLN A 124 26.24 -28.50 -18.62
C GLN A 124 26.31 -29.58 -17.55
N CYS A 125 25.71 -30.73 -17.83
CA CYS A 125 25.56 -31.75 -16.80
C CYS A 125 26.33 -33.02 -17.14
N THR A 126 26.93 -33.63 -16.12
CA THR A 126 27.59 -34.91 -16.22
C THR A 126 26.87 -35.92 -15.33
N ASN A 127 26.75 -37.14 -15.82
CA ASN A 127 26.22 -38.24 -15.02
C ASN A 127 27.23 -38.61 -13.94
N VAL A 128 26.75 -38.85 -12.73
CA VAL A 128 27.61 -39.11 -11.59
C VAL A 128 27.78 -40.62 -11.40
N THR A 129 28.99 -41.01 -11.02
CA THR A 129 29.30 -42.40 -10.67
C THR A 129 30.15 -42.49 -9.41
N ASN A 130 30.24 -41.42 -8.63
CA ASN A 130 31.14 -41.39 -7.48
C ASN A 130 30.58 -42.20 -6.32
N ASN A 131 31.43 -43.01 -5.72
CA ASN A 131 31.15 -43.95 -4.63
C ASN A 131 30.02 -44.90 -5.00
N ILE A 132 29.32 -45.43 -4.01
CA ILE A 132 28.41 -46.56 -4.21
C ILE A 132 27.08 -46.05 -4.74
N THR A 133 26.97 -45.97 -6.06
CA THR A 133 25.69 -45.76 -6.74
C THR A 133 25.25 -47.10 -7.30
N ASP A 134 24.07 -47.55 -6.91
CA ASP A 134 23.59 -48.86 -7.31
C ASP A 134 23.13 -48.85 -8.78
N ASP A 135 22.74 -50.02 -9.27
CA ASP A 135 22.28 -50.14 -10.65
C ASP A 135 20.89 -49.53 -10.85
N MET A 136 20.17 -49.27 -9.77
CA MET A 136 18.88 -48.59 -9.82
C MET A 136 19.00 -47.08 -9.70
N ARG A 137 20.23 -46.55 -9.68
CA ARG A 137 20.44 -45.13 -9.43
C ARG A 137 21.22 -44.46 -10.56
N GLY A 138 20.80 -44.67 -11.80
CA GLY A 138 21.39 -43.97 -12.93
C GLY A 138 20.77 -42.61 -13.18
N GLU A 139 20.77 -41.77 -12.14
CA GLU A 139 20.12 -40.46 -12.18
C GLU A 139 20.98 -39.51 -11.35
N LEU A 140 20.38 -38.39 -10.93
CA LEU A 140 20.98 -37.34 -10.10
C LEU A 140 22.20 -36.73 -10.80
N LYS A 141 21.91 -36.04 -11.89
CA LYS A 141 22.93 -35.38 -12.71
C LYS A 141 23.63 -34.27 -11.92
N ASN A 142 24.91 -34.06 -12.25
CA ASN A 142 25.75 -33.04 -11.64
C ASN A 142 25.93 -31.95 -12.69
N CYS A 143 25.24 -30.83 -12.52
CA CYS A 143 25.23 -29.77 -13.52
C CYS A 143 26.07 -28.58 -13.06
N SER A 144 26.62 -27.86 -14.04
CA SER A 144 27.36 -26.63 -13.79
C SER A 144 26.81 -25.54 -14.71
N PHE A 145 26.83 -24.30 -14.22
CA PHE A 145 26.23 -23.20 -14.97
C PHE A 145 26.81 -21.88 -14.50
N ASN A 146 26.68 -20.89 -15.38
CA ASN A 146 27.05 -19.51 -15.10
C ASN A 146 25.84 -18.78 -14.51
N MET A 147 26.07 -17.98 -13.47
CA MET A 147 25.00 -17.37 -12.72
C MET A 147 25.36 -15.92 -12.39
N THR A 148 24.37 -15.05 -12.39
CA THR A 148 24.57 -13.68 -11.95
C THR A 148 24.84 -13.63 -10.45
N THR A 149 25.44 -12.54 -10.01
CA THR A 149 25.81 -12.36 -8.61
C THR A 149 25.23 -11.03 -8.15
N GLU A 150 25.65 -10.59 -6.96
CA GLU A 150 25.10 -9.40 -6.33
C GLU A 150 25.39 -8.14 -7.14
N LEU A 151 26.58 -8.05 -7.72
CA LEU A 151 26.92 -6.98 -8.65
C LEU A 151 26.59 -7.45 -10.06
N ARG A 152 25.79 -6.68 -10.79
CA ARG A 152 25.21 -7.14 -12.05
C ARG A 152 26.19 -7.09 -13.22
N ASP A 153 27.42 -6.62 -13.01
CA ASP A 153 28.44 -6.67 -14.04
C ASP A 153 29.42 -7.83 -13.86
N LYS A 154 29.14 -8.75 -12.94
CA LYS A 154 29.99 -9.90 -12.68
C LYS A 154 29.16 -11.17 -12.71
N LYS A 155 29.84 -12.29 -12.96
CA LYS A 155 29.21 -13.61 -13.02
C LYS A 155 30.05 -14.61 -12.24
N GLN A 156 29.42 -15.71 -11.85
CA GLN A 156 30.07 -16.78 -11.12
C GLN A 156 29.73 -18.12 -11.73
N LYS A 157 30.70 -19.04 -11.74
CA LYS A 157 30.51 -20.39 -12.25
C LYS A 157 30.26 -21.31 -11.06
N VAL A 158 29.05 -21.84 -10.96
CA VAL A 158 28.67 -22.68 -9.82
C VAL A 158 28.17 -24.01 -10.35
N TYR A 159 27.97 -24.95 -9.43
CA TYR A 159 27.50 -26.28 -9.76
C TYR A 159 26.50 -26.74 -8.72
N SER A 160 25.65 -27.69 -9.12
CA SER A 160 24.63 -28.26 -8.25
C SER A 160 24.33 -29.67 -8.69
N LEU A 161 23.54 -30.37 -7.88
CA LEU A 161 23.14 -31.75 -8.13
C LEU A 161 21.62 -31.77 -8.31
N PHE A 162 21.18 -31.95 -9.54
CA PHE A 162 19.76 -31.98 -9.84
C PHE A 162 19.30 -33.40 -10.12
N TYR A 163 18.03 -33.66 -9.83
CA TYR A 163 17.45 -34.97 -10.12
C TYR A 163 17.14 -35.07 -11.61
N ARG A 164 16.92 -36.31 -12.07
CA ARG A 164 16.70 -36.54 -13.49
C ARG A 164 15.30 -36.13 -13.93
N LEU A 165 14.32 -36.18 -13.04
CA LEU A 165 12.94 -35.88 -13.41
C LEU A 165 12.68 -34.40 -13.61
N ASP A 166 13.59 -33.53 -13.20
CA ASP A 166 13.41 -32.08 -13.31
C ASP A 166 14.22 -31.47 -14.42
N VAL A 167 14.97 -32.27 -15.17
CA VAL A 167 15.99 -31.80 -16.10
C VAL A 167 15.75 -32.43 -17.46
N VAL A 168 15.70 -31.61 -18.51
CA VAL A 168 15.38 -32.09 -19.85
C VAL A 168 16.46 -31.58 -20.83
N GLN A 169 16.70 -32.37 -21.88
CA GLN A 169 17.73 -32.04 -22.87
C GLN A 169 17.28 -30.90 -23.77
N ILE A 170 18.26 -30.24 -24.38
CA ILE A 170 18.01 -29.31 -25.47
C ILE A 170 18.78 -29.67 -26.74
N ASN A 171 19.89 -30.41 -26.63
CA ASN A 171 20.84 -30.79 -27.70
C ASN A 171 21.10 -29.76 -28.81
N SER A 181 32.01 -34.43 -24.56
CA SER A 181 32.40 -34.76 -23.20
C SER A 181 31.19 -34.74 -22.27
N ASN A 182 30.47 -33.63 -22.27
CA ASN A 182 29.28 -33.45 -21.46
C ASN A 182 28.13 -33.05 -22.38
N LYS A 183 26.94 -32.89 -21.79
CA LYS A 183 25.74 -32.57 -22.54
C LYS A 183 25.04 -31.36 -21.95
N GLU A 184 24.37 -30.62 -22.84
CA GLU A 184 23.63 -29.43 -22.48
C GLU A 184 22.21 -29.80 -22.10
N TYR A 185 21.74 -29.26 -20.98
CA TYR A 185 20.44 -29.52 -20.42
C TYR A 185 19.79 -28.22 -19.99
N ARG A 186 18.57 -28.33 -19.47
CA ARG A 186 17.85 -27.18 -18.92
C ARG A 186 16.82 -27.68 -17.93
N LEU A 187 16.32 -26.74 -17.11
CA LEU A 187 15.22 -27.06 -16.20
C LEU A 187 13.94 -27.31 -16.98
N ILE A 188 13.04 -28.10 -16.39
CA ILE A 188 11.90 -28.62 -17.14
C ILE A 188 10.88 -27.53 -17.44
N ASN A 189 10.67 -26.60 -16.51
CA ASN A 189 9.74 -25.49 -16.76
C ASN A 189 10.44 -24.22 -17.20
N CYS A 190 11.29 -24.29 -18.22
CA CYS A 190 11.87 -23.08 -18.78
C CYS A 190 11.10 -22.58 -19.99
N ASN A 191 9.98 -23.23 -20.33
CA ASN A 191 9.12 -22.79 -21.41
C ASN A 191 7.67 -22.60 -20.98
N THR A 192 7.36 -22.80 -19.70
CA THR A 192 6.01 -22.65 -19.19
C THR A 192 5.85 -21.56 -18.15
N SER A 193 6.72 -21.50 -17.15
CA SER A 193 6.56 -20.56 -16.06
C SER A 193 7.93 -20.30 -15.41
N ALA A 194 7.91 -19.69 -14.23
CA ALA A 194 9.10 -19.50 -13.42
C ALA A 194 8.77 -19.91 -11.99
N CYS A 195 9.69 -20.66 -11.38
CA CYS A 195 9.41 -21.26 -10.07
C CYS A 195 9.69 -20.28 -8.94
N THR A 196 8.92 -20.44 -7.87
CA THR A 196 9.08 -19.65 -6.65
C THR A 196 9.65 -20.58 -5.58
N GLN A 197 10.85 -20.27 -5.11
CA GLN A 197 11.52 -21.12 -4.14
C GLN A 197 10.88 -20.95 -2.76
N ALA A 198 10.52 -22.07 -2.15
CA ALA A 198 9.94 -22.02 -0.80
C ALA A 198 11.01 -21.70 0.22
N CYS A 199 10.63 -20.89 1.22
CA CYS A 199 11.57 -20.50 2.26
C CYS A 199 11.84 -21.69 3.19
N PRO A 200 13.07 -21.86 3.67
CA PRO A 200 13.35 -22.95 4.62
C PRO A 200 12.72 -22.75 5.98
N LYS A 201 12.36 -21.51 6.36
CA LYS A 201 11.71 -21.29 7.64
C LYS A 201 10.26 -21.74 7.63
N VAL A 202 9.59 -21.63 6.48
CA VAL A 202 8.20 -22.04 6.36
C VAL A 202 8.15 -23.55 6.22
N SER A 203 7.43 -24.21 7.12
CA SER A 203 7.34 -25.66 7.15
C SER A 203 6.02 -26.13 6.54
N PHE A 204 6.06 -27.35 5.97
CA PHE A 204 4.90 -27.95 5.33
C PHE A 204 4.13 -28.89 6.25
N GLU A 205 4.41 -28.85 7.54
CA GLU A 205 3.75 -29.75 8.50
C GLU A 205 2.31 -29.30 8.74
N PRO A 206 1.32 -30.16 8.49
CA PRO A 206 -0.08 -29.74 8.67
C PRO A 206 -0.47 -29.76 10.15
N ILE A 207 -1.06 -28.67 10.61
CA ILE A 207 -1.63 -28.60 11.95
C ILE A 207 -3.14 -28.44 11.78
N PRO A 208 -3.97 -28.92 12.72
CA PRO A 208 -5.42 -28.96 12.48
C PRO A 208 -6.07 -27.59 12.45
N ILE A 209 -7.17 -27.52 11.68
CA ILE A 209 -7.99 -26.32 11.58
C ILE A 209 -9.44 -26.72 11.80
N HIS A 210 -10.18 -25.87 12.52
CA HIS A 210 -11.58 -26.09 12.82
C HIS A 210 -12.43 -25.11 12.02
N TYR A 211 -13.46 -25.60 11.37
CA TYR A 211 -14.34 -24.77 10.56
C TYR A 211 -15.58 -24.41 11.37
N CYS A 212 -15.82 -23.11 11.56
CA CYS A 212 -16.91 -22.62 12.38
C CYS A 212 -17.89 -21.82 11.55
N ALA A 213 -19.19 -22.04 11.79
CA ALA A 213 -20.29 -21.36 11.14
C ALA A 213 -20.49 -19.97 11.72
N PRO A 214 -20.95 -19.01 10.91
CA PRO A 214 -21.22 -17.66 11.42
C PRO A 214 -22.52 -17.61 12.21
N ALA A 215 -22.88 -16.40 12.62
CA ALA A 215 -24.09 -16.18 13.40
C ALA A 215 -25.33 -16.39 12.54
N GLY A 216 -26.35 -16.98 13.14
CA GLY A 216 -27.55 -17.36 12.41
C GLY A 216 -27.46 -18.71 11.72
N PHE A 217 -26.34 -19.40 11.84
CA PHE A 217 -26.13 -20.71 11.23
C PHE A 217 -25.71 -21.71 12.31
N ALA A 218 -25.75 -22.98 11.95
CA ALA A 218 -25.34 -24.04 12.87
C ALA A 218 -24.75 -25.20 12.07
N ILE A 219 -23.97 -26.04 12.73
CA ILE A 219 -23.37 -27.20 12.09
C ILE A 219 -24.01 -28.43 12.72
N LEU A 220 -24.53 -29.32 11.87
CA LEU A 220 -25.13 -30.57 12.31
C LEU A 220 -24.15 -31.70 12.04
N LYS A 221 -23.93 -32.53 13.05
CA LYS A 221 -22.98 -33.62 13.00
C LYS A 221 -23.73 -34.94 13.11
N CYS A 222 -23.49 -35.85 12.16
CA CYS A 222 -24.12 -37.16 12.15
C CYS A 222 -23.27 -38.13 12.97
N LYS A 223 -23.86 -38.70 14.01
CA LYS A 223 -23.15 -39.58 14.93
C LYS A 223 -23.49 -41.05 14.72
N ASP A 224 -24.00 -41.41 13.55
CA ASP A 224 -24.34 -42.79 13.26
C ASP A 224 -23.08 -43.63 13.08
N LYS A 225 -23.09 -44.84 13.64
CA LYS A 225 -21.94 -45.72 13.55
C LYS A 225 -21.79 -46.31 12.15
N LYS A 226 -22.88 -46.71 11.53
CA LYS A 226 -22.89 -47.25 10.17
C LYS A 226 -23.51 -46.20 9.26
N PHE A 227 -22.68 -45.29 8.77
CA PHE A 227 -23.12 -44.19 7.92
C PHE A 227 -22.40 -44.29 6.58
N ASN A 228 -23.17 -44.35 5.50
CA ASN A 228 -22.61 -44.53 4.17
C ASN A 228 -22.61 -43.24 3.36
N GLY A 229 -22.80 -42.09 4.02
CA GLY A 229 -22.66 -40.80 3.38
C GLY A 229 -23.93 -40.22 2.77
N THR A 230 -25.00 -41.00 2.70
CA THR A 230 -26.23 -40.51 2.09
C THR A 230 -27.42 -41.16 2.79
N GLY A 231 -28.36 -40.34 3.26
CA GLY A 231 -29.59 -40.84 3.80
C GLY A 231 -30.00 -40.22 5.12
N PRO A 232 -31.03 -40.78 5.76
CA PRO A 232 -31.46 -40.28 7.08
C PRO A 232 -30.52 -40.76 8.17
N CYS A 233 -29.92 -39.82 8.89
CA CYS A 233 -29.01 -40.15 9.98
C CYS A 233 -29.66 -39.79 11.30
N PRO A 234 -29.98 -40.76 12.17
CA PRO A 234 -30.47 -40.44 13.51
C PRO A 234 -29.32 -40.01 14.42
N SER A 235 -29.71 -39.49 15.59
CA SER A 235 -28.82 -38.99 16.64
C SER A 235 -27.90 -37.88 16.12
N VAL A 236 -28.53 -36.82 15.61
CA VAL A 236 -27.81 -35.64 15.13
C VAL A 236 -27.40 -34.80 16.33
N SER A 237 -26.16 -34.32 16.32
CA SER A 237 -25.70 -33.36 17.31
C SER A 237 -25.53 -31.99 16.67
N THR A 238 -25.59 -30.95 17.49
CA THR A 238 -25.48 -29.57 17.03
C THR A 238 -24.20 -28.96 17.59
N VAL A 239 -23.33 -28.47 16.71
CA VAL A 239 -22.09 -27.84 17.10
C VAL A 239 -21.96 -26.50 16.38
N GLN A 240 -21.00 -25.71 16.85
CA GLN A 240 -20.63 -24.44 16.24
C GLN A 240 -19.31 -24.50 15.50
N CYS A 241 -18.49 -25.53 15.74
CA CYS A 241 -17.22 -25.71 15.05
C CYS A 241 -16.99 -27.19 14.81
N THR A 242 -16.18 -27.49 13.80
CA THR A 242 -15.84 -28.87 13.46
C THR A 242 -14.67 -29.35 14.30
N HIS A 243 -14.21 -30.57 14.03
CA HIS A 243 -13.10 -31.15 14.77
C HIS A 243 -11.79 -30.76 14.11
N GLY A 244 -10.69 -31.37 14.54
CA GLY A 244 -9.37 -31.01 14.07
C GLY A 244 -8.96 -31.63 12.75
N ILE A 245 -9.48 -31.08 11.65
CA ILE A 245 -9.15 -31.59 10.33
C ILE A 245 -7.75 -31.12 9.93
N LYS A 246 -6.89 -32.08 9.57
CA LYS A 246 -5.52 -31.80 9.16
C LYS A 246 -5.42 -31.76 7.64
N PRO A 247 -4.92 -30.67 7.06
CA PRO A 247 -4.77 -30.60 5.58
C PRO A 247 -3.60 -31.43 5.08
N VAL A 248 -3.79 -32.74 5.04
CA VAL A 248 -2.76 -33.67 4.59
C VAL A 248 -2.97 -33.94 3.11
N VAL A 249 -1.91 -33.76 2.32
CA VAL A 249 -1.96 -33.93 0.87
C VAL A 249 -1.38 -35.30 0.53
N SER A 250 -2.19 -36.14 -0.12
CA SER A 250 -1.76 -37.46 -0.53
C SER A 250 -2.57 -37.85 -1.76
N THR A 251 -2.16 -38.94 -2.40
CA THR A 251 -2.71 -39.32 -3.70
C THR A 251 -3.54 -40.60 -3.65
N GLN A 252 -2.97 -41.71 -3.19
CA GLN A 252 -3.67 -42.98 -3.19
C GLN A 252 -4.04 -43.48 -1.81
N LEU A 253 -3.21 -43.22 -0.79
CA LEU A 253 -3.44 -43.68 0.57
C LEU A 253 -3.47 -42.47 1.49
N LEU A 254 -4.51 -42.37 2.30
CA LEU A 254 -4.64 -41.28 3.25
C LEU A 254 -3.72 -41.55 4.44
N LEU A 255 -2.92 -40.54 4.81
CA LEU A 255 -1.78 -40.78 5.69
C LEU A 255 -1.92 -40.24 7.11
N ASN A 256 -2.81 -39.28 7.34
CA ASN A 256 -3.04 -38.79 8.70
C ASN A 256 -4.50 -38.35 8.77
N GLY A 257 -5.36 -39.27 9.23
CA GLY A 257 -6.79 -39.02 9.24
C GLY A 257 -7.47 -39.72 10.38
N SER A 258 -8.78 -39.49 10.48
CA SER A 258 -9.58 -40.09 11.54
C SER A 258 -10.01 -41.50 11.15
N LEU A 259 -9.89 -42.43 12.10
CA LEU A 259 -10.22 -43.82 11.85
C LEU A 259 -11.74 -44.01 11.83
N ALA A 260 -12.16 -45.19 11.38
CA ALA A 260 -13.58 -45.51 11.32
C ALA A 260 -14.10 -45.85 12.71
N GLU A 261 -15.41 -46.05 12.79
CA GLU A 261 -16.07 -46.24 14.08
C GLU A 261 -15.89 -47.66 14.59
N GLU A 262 -16.39 -48.65 13.86
CA GLU A 262 -16.28 -50.04 14.29
C GLU A 262 -15.95 -51.02 13.18
N GLU A 263 -16.04 -50.64 11.91
CA GLU A 263 -15.75 -51.55 10.80
C GLU A 263 -15.19 -50.74 9.64
N VAL A 264 -14.53 -51.44 8.72
CA VAL A 264 -13.97 -50.82 7.52
C VAL A 264 -15.14 -50.39 6.63
N MET A 265 -15.26 -49.09 6.39
CA MET A 265 -16.45 -48.53 5.75
C MET A 265 -16.13 -48.12 4.31
N ILE A 266 -16.92 -48.63 3.37
CA ILE A 266 -16.73 -48.38 1.95
C ILE A 266 -17.92 -47.60 1.44
N ARG A 267 -17.65 -46.44 0.83
CA ARG A 267 -18.71 -45.54 0.39
C ARG A 267 -18.39 -44.95 -0.97
N SER A 268 -19.43 -44.80 -1.79
CA SER A 268 -19.30 -44.24 -3.13
C SER A 268 -20.60 -43.55 -3.50
N GLU A 269 -20.52 -42.66 -4.50
CA GLU A 269 -21.71 -41.97 -4.97
C GLU A 269 -22.63 -42.89 -5.75
N ASN A 270 -22.06 -43.78 -6.55
CA ASN A 270 -22.82 -44.78 -7.28
C ASN A 270 -21.99 -46.05 -7.36
N ILE A 271 -22.51 -47.13 -6.78
CA ILE A 271 -21.79 -48.39 -6.76
C ILE A 271 -21.73 -49.01 -8.15
N THR A 272 -22.84 -48.95 -8.88
CA THR A 272 -22.93 -49.58 -10.20
C THR A 272 -22.24 -48.78 -11.30
N ASN A 273 -21.83 -47.55 -11.03
CA ASN A 273 -21.14 -46.74 -12.03
C ASN A 273 -19.64 -47.06 -12.04
N ASN A 274 -19.05 -46.98 -13.23
CA ASN A 274 -17.64 -47.33 -13.41
C ASN A 274 -16.71 -46.13 -13.34
N ALA A 275 -17.24 -44.91 -13.24
CA ALA A 275 -16.43 -43.70 -13.28
C ALA A 275 -16.51 -42.91 -11.97
N LYS A 276 -16.81 -43.59 -10.86
CA LYS A 276 -16.90 -42.96 -9.56
C LYS A 276 -15.84 -43.53 -8.64
N ASN A 277 -15.11 -42.64 -7.97
CA ASN A 277 -14.10 -43.07 -7.01
C ASN A 277 -14.77 -43.67 -5.77
N ILE A 278 -14.15 -44.70 -5.22
CA ILE A 278 -14.70 -45.48 -4.11
C ILE A 278 -13.81 -45.22 -2.90
N LEU A 279 -14.36 -44.59 -1.87
CA LEU A 279 -13.56 -44.26 -0.69
C LEU A 279 -13.69 -45.35 0.36
N VAL A 280 -12.55 -45.83 0.86
CA VAL A 280 -12.49 -46.87 1.88
C VAL A 280 -11.83 -46.28 3.11
N GLN A 281 -12.49 -46.40 4.25
CA GLN A 281 -12.00 -45.90 5.53
C GLN A 281 -11.70 -47.08 6.44
N PHE A 282 -10.47 -47.13 6.95
CA PHE A 282 -10.04 -48.25 7.77
C PHE A 282 -10.46 -48.04 9.22
N ASN A 283 -10.63 -49.14 9.94
CA ASN A 283 -10.87 -49.08 11.37
C ASN A 283 -9.59 -49.28 12.18
N THR A 284 -8.55 -49.85 11.57
CA THR A 284 -7.24 -50.02 12.17
C THR A 284 -6.19 -49.36 11.30
N PRO A 285 -5.27 -48.60 11.88
CA PRO A 285 -4.24 -47.93 11.07
C PRO A 285 -3.13 -48.89 10.66
N VAL A 286 -2.61 -48.69 9.45
CA VAL A 286 -1.50 -49.49 8.94
C VAL A 286 -0.27 -48.59 8.89
N GLN A 287 0.78 -48.94 9.63
CA GLN A 287 1.94 -48.08 9.73
C GLN A 287 2.80 -48.18 8.48
N ILE A 288 3.18 -47.02 7.94
CA ILE A 288 4.05 -46.92 6.77
C ILE A 288 5.23 -46.03 7.13
N ASN A 289 6.44 -46.49 6.79
CA ASN A 289 7.69 -45.81 7.12
C ASN A 289 8.43 -45.50 5.83
N CYS A 290 8.43 -44.25 5.38
CA CYS A 290 9.23 -43.85 4.23
C CYS A 290 10.45 -43.07 4.70
N THR A 291 11.61 -43.40 4.14
CA THR A 291 12.85 -42.74 4.51
C THR A 291 13.69 -42.44 3.29
N ARG A 292 14.61 -41.50 3.45
CA ARG A 292 15.64 -41.18 2.47
C ARG A 292 17.01 -41.32 3.13
N PRO A 293 17.84 -42.26 2.69
CA PRO A 293 19.13 -42.50 3.37
C PRO A 293 20.25 -41.58 2.94
N ASN A 294 20.05 -40.71 1.95
CA ASN A 294 21.12 -39.86 1.44
C ASN A 294 21.40 -38.72 2.42
N ASN A 295 22.67 -38.36 2.54
CA ASN A 295 23.12 -37.28 3.43
C ASN A 295 23.56 -36.10 2.56
N ASN A 296 22.67 -35.12 2.40
CA ASN A 296 22.98 -33.97 1.56
C ASN A 296 23.69 -32.86 2.35
N THR A 297 24.20 -31.89 1.59
CA THR A 297 24.68 -30.62 2.10
C THR A 297 24.10 -29.51 1.25
N ARG A 298 23.48 -28.52 1.90
CA ARG A 298 22.79 -27.44 1.21
C ARG A 298 23.73 -26.25 1.06
N LYS A 299 23.95 -25.82 -0.18
CA LYS A 299 24.75 -24.65 -0.48
C LYS A 299 23.86 -23.46 -0.79
N SER A 300 24.43 -22.26 -0.59
CA SER A 300 23.74 -21.02 -0.89
C SER A 300 24.47 -20.29 -2.00
N ILE A 301 23.74 -19.92 -3.05
CA ILE A 301 24.29 -19.18 -4.17
C ILE A 301 23.57 -17.84 -4.22
N ARG A 302 24.32 -16.74 -4.13
CA ARG A 302 23.73 -15.41 -4.14
C ARG A 302 23.40 -15.03 -5.57
N ILE A 303 22.10 -14.90 -5.87
CA ILE A 303 21.66 -14.66 -7.24
C ILE A 303 21.29 -13.19 -7.41
N GLY A 304 21.53 -12.39 -6.39
CA GLY A 304 21.20 -10.98 -6.44
C GLY A 304 21.29 -10.35 -5.06
N PRO A 305 20.79 -9.12 -4.93
CA PRO A 305 20.80 -8.45 -3.62
C PRO A 305 19.80 -9.06 -2.66
N GLY A 306 20.29 -9.80 -1.67
CA GLY A 306 19.43 -10.42 -0.68
C GLY A 306 18.67 -11.63 -1.14
N GLN A 307 19.02 -12.20 -2.28
CA GLN A 307 18.32 -13.37 -2.82
C GLN A 307 19.30 -14.52 -2.94
N ALA A 308 18.93 -15.66 -2.36
CA ALA A 308 19.78 -16.84 -2.33
C ALA A 308 19.04 -18.03 -2.91
N PHE A 309 19.79 -18.88 -3.61
CA PHE A 309 19.30 -20.11 -4.20
C PHE A 309 19.96 -21.26 -3.45
N TYR A 310 19.15 -22.14 -2.87
CA TYR A 310 19.65 -23.25 -2.07
C TYR A 310 19.82 -24.48 -2.98
N ALA A 311 21.07 -24.82 -3.25
CA ALA A 311 21.40 -25.91 -4.16
C ALA A 311 21.87 -27.13 -3.38
N THR A 312 21.79 -28.30 -4.03
CA THR A 312 22.26 -29.54 -3.43
C THR A 312 23.75 -29.67 -3.70
N GLY A 313 24.53 -29.80 -2.63
CA GLY A 313 25.97 -29.98 -2.74
C GLY A 313 26.36 -31.44 -2.83
N ASP A 314 27.56 -31.74 -2.33
CA ASP A 314 28.05 -33.11 -2.36
C ASP A 314 27.32 -33.97 -1.34
N ILE A 315 27.33 -35.28 -1.59
CA ILE A 315 26.68 -36.25 -0.72
C ILE A 315 27.76 -37.00 0.06
N ILE A 316 27.69 -36.94 1.38
CA ILE A 316 28.65 -37.64 2.23
C ILE A 316 28.27 -39.11 2.29
N GLY A 317 29.20 -39.97 1.88
CA GLY A 317 28.96 -41.40 1.96
C GLY A 317 28.46 -41.99 0.65
N ASP A 318 27.55 -42.95 0.74
CA ASP A 318 27.00 -43.62 -0.42
C ASP A 318 25.63 -43.09 -0.80
N ILE A 319 25.24 -43.36 -2.04
CA ILE A 319 23.97 -42.92 -2.60
C ILE A 319 23.07 -44.14 -2.75
N ARG A 320 21.95 -44.15 -2.03
CA ARG A 320 21.04 -45.28 -2.04
C ARG A 320 19.61 -44.78 -2.26
N GLN A 321 18.76 -45.70 -2.73
CA GLN A 321 17.38 -45.36 -3.06
C GLN A 321 16.56 -45.10 -1.81
N ALA A 322 15.61 -44.18 -1.94
CA ALA A 322 14.68 -43.86 -0.87
C ALA A 322 13.48 -44.81 -0.95
N HIS A 323 13.19 -45.50 0.14
CA HIS A 323 12.19 -46.56 0.12
C HIS A 323 11.07 -46.30 1.12
N CYS A 324 10.06 -47.16 1.04
CA CYS A 324 8.78 -47.01 1.76
C CYS A 324 8.41 -48.40 2.28
N ASN A 325 8.63 -48.63 3.57
CA ASN A 325 8.33 -49.91 4.22
C ASN A 325 6.85 -49.94 4.61
N VAL A 326 6.18 -51.05 4.28
CA VAL A 326 4.82 -51.33 4.71
C VAL A 326 4.77 -52.76 5.22
N SER A 327 4.25 -52.96 6.44
CA SER A 327 4.17 -54.29 7.02
C SER A 327 3.22 -55.18 6.23
N LYS A 328 3.57 -56.47 6.13
CA LYS A 328 2.90 -57.39 5.22
C LYS A 328 1.67 -58.05 5.83
N ALA A 329 1.79 -58.57 7.06
CA ALA A 329 0.68 -59.27 7.69
C ALA A 329 -0.46 -58.32 8.03
N THR A 330 -0.12 -57.11 8.49
CA THR A 330 -1.14 -56.10 8.77
C THR A 330 -1.86 -55.67 7.49
N TRP A 331 -1.11 -55.56 6.39
CA TRP A 331 -1.74 -55.21 5.11
C TRP A 331 -2.62 -56.33 4.60
N ASN A 332 -2.22 -57.59 4.82
CA ASN A 332 -3.07 -58.72 4.41
C ASN A 332 -4.34 -58.78 5.23
N GLU A 333 -4.25 -58.52 6.54
CA GLU A 333 -5.45 -58.48 7.38
C GLU A 333 -6.36 -57.32 7.01
N THR A 334 -5.78 -56.16 6.68
CA THR A 334 -6.59 -55.01 6.31
C THR A 334 -7.25 -55.22 4.95
N LEU A 335 -6.56 -55.87 4.01
CA LEU A 335 -7.17 -56.21 2.73
C LEU A 335 -8.26 -57.26 2.90
N GLY A 336 -8.12 -58.17 3.86
CA GLY A 336 -9.20 -59.09 4.17
C GLY A 336 -10.43 -58.40 4.73
N LYS A 337 -10.22 -57.43 5.63
CA LYS A 337 -11.31 -56.62 6.15
C LYS A 337 -11.97 -55.78 5.05
N VAL A 338 -11.19 -55.35 4.06
CA VAL A 338 -11.75 -54.61 2.93
C VAL A 338 -12.58 -55.52 2.04
N VAL A 339 -12.05 -56.72 1.73
CA VAL A 339 -12.71 -57.58 0.73
C VAL A 339 -13.96 -58.23 1.32
N LYS A 340 -14.05 -58.35 2.65
CA LYS A 340 -15.29 -58.83 3.27
C LYS A 340 -16.46 -57.90 2.99
N GLN A 341 -16.29 -56.60 3.26
CA GLN A 341 -17.37 -55.66 2.99
C GLN A 341 -17.51 -55.36 1.51
N LEU A 342 -16.45 -55.54 0.71
CA LEU A 342 -16.61 -55.43 -0.74
C LEU A 342 -17.45 -56.58 -1.30
N ARG A 343 -17.30 -57.78 -0.75
CA ARG A 343 -18.17 -58.89 -1.11
C ARG A 343 -19.58 -58.67 -0.59
N LYS A 344 -19.72 -57.96 0.54
CA LYS A 344 -21.05 -57.60 1.01
C LYS A 344 -21.75 -56.64 0.03
N HIS A 345 -21.01 -55.62 -0.44
CA HIS A 345 -21.62 -54.61 -1.31
C HIS A 345 -21.69 -55.00 -2.78
N PHE A 346 -20.94 -56.02 -3.22
CA PHE A 346 -20.79 -56.28 -4.64
C PHE A 346 -21.25 -57.66 -5.10
N GLY A 347 -21.74 -58.50 -4.20
CA GLY A 347 -22.08 -59.86 -4.58
C GLY A 347 -21.29 -60.84 -3.75
N ASN A 348 -21.97 -61.85 -3.20
CA ASN A 348 -21.40 -62.65 -2.12
C ASN A 348 -20.52 -63.76 -2.67
N ASN A 349 -20.58 -64.03 -3.98
CA ASN A 349 -19.67 -64.95 -4.64
C ASN A 349 -18.74 -64.24 -5.61
N THR A 350 -18.68 -62.92 -5.57
CA THR A 350 -17.93 -62.14 -6.54
C THR A 350 -16.43 -62.19 -6.22
N ILE A 351 -15.61 -62.45 -7.24
CA ILE A 351 -14.15 -62.52 -7.09
C ILE A 351 -13.58 -61.11 -7.20
N ILE A 352 -12.80 -60.71 -6.20
CA ILE A 352 -12.22 -59.38 -6.11
C ILE A 352 -10.73 -59.48 -6.40
N ARG A 353 -10.25 -58.66 -7.34
CA ARG A 353 -8.85 -58.64 -7.72
C ARG A 353 -8.28 -57.24 -7.56
N PHE A 354 -7.06 -57.15 -7.03
CA PHE A 354 -6.35 -55.89 -6.85
C PHE A 354 -5.20 -55.82 -7.85
N ALA A 355 -5.01 -54.66 -8.45
CA ALA A 355 -3.93 -54.44 -9.41
C ALA A 355 -3.36 -53.04 -9.22
N ASN A 356 -2.17 -52.82 -9.77
CA ASN A 356 -1.55 -51.51 -9.72
C ASN A 356 -2.19 -50.58 -10.76
N SER A 357 -1.79 -49.30 -10.70
CA SER A 357 -2.44 -48.26 -11.50
C SER A 357 -2.16 -48.43 -12.98
N SER A 358 -3.08 -47.93 -13.80
CA SER A 358 -3.02 -48.17 -15.24
C SER A 358 -2.04 -47.24 -15.93
N GLY A 359 -2.29 -45.93 -15.87
CA GLY A 359 -1.42 -45.00 -16.55
C GLY A 359 -1.82 -43.57 -16.28
N GLY A 360 -1.00 -42.65 -16.78
CA GLY A 360 -1.20 -41.24 -16.56
C GLY A 360 0.10 -40.50 -16.26
N ASP A 361 0.02 -39.46 -15.45
CA ASP A 361 1.21 -38.70 -15.07
C ASP A 361 1.90 -39.39 -13.89
N LEU A 362 3.03 -38.81 -13.46
CA LEU A 362 3.77 -39.39 -12.34
C LEU A 362 3.03 -39.19 -11.02
N GLU A 363 2.31 -38.08 -10.87
CA GLU A 363 1.56 -37.83 -9.65
C GLU A 363 0.36 -38.76 -9.49
N VAL A 364 -0.31 -39.12 -10.59
CA VAL A 364 -1.53 -39.92 -10.51
C VAL A 364 -1.20 -41.37 -10.19
N THR A 365 -0.27 -41.97 -10.93
CA THR A 365 0.01 -43.39 -10.81
C THR A 365 0.80 -43.78 -9.57
N THR A 366 1.44 -42.83 -8.90
CA THR A 366 2.27 -43.12 -7.73
C THR A 366 1.70 -42.42 -6.51
N HIS A 367 2.05 -42.97 -5.34
CA HIS A 367 1.60 -42.41 -4.06
C HIS A 367 2.48 -41.21 -3.74
N SER A 368 1.93 -40.01 -3.90
CA SER A 368 2.68 -38.77 -3.81
C SER A 368 2.35 -38.05 -2.51
N PHE A 369 3.37 -37.63 -1.78
CA PHE A 369 3.21 -36.92 -0.52
C PHE A 369 4.51 -36.18 -0.23
N ASN A 370 4.66 -35.69 1.01
CA ASN A 370 5.90 -35.06 1.42
C ASN A 370 6.20 -35.41 2.88
N CYS A 371 7.46 -35.72 3.15
CA CYS A 371 7.94 -35.94 4.52
C CYS A 371 9.05 -34.94 4.80
N GLY A 372 8.86 -34.11 5.83
CA GLY A 372 9.79 -33.02 6.06
C GLY A 372 9.52 -31.91 5.06
N GLY A 373 10.38 -31.80 4.05
CA GLY A 373 10.15 -30.88 2.97
C GLY A 373 10.31 -31.54 1.62
N GLU A 374 10.77 -32.78 1.61
CA GLU A 374 10.99 -33.51 0.36
C GLU A 374 9.75 -34.30 -0.02
N PHE A 375 9.46 -34.31 -1.32
CA PHE A 375 8.23 -34.89 -1.87
C PHE A 375 8.52 -36.30 -2.35
N PHE A 376 7.91 -37.28 -1.71
CA PHE A 376 8.09 -38.68 -2.06
C PHE A 376 7.00 -39.17 -3.01
N TYR A 377 7.38 -40.12 -3.85
CA TYR A 377 6.49 -40.82 -4.78
C TYR A 377 6.79 -42.31 -4.59
N CYS A 378 6.05 -42.97 -3.68
CA CYS A 378 6.24 -44.41 -3.47
C CYS A 378 5.39 -45.18 -4.47
N ASN A 379 5.97 -46.27 -4.98
CA ASN A 379 5.48 -46.94 -6.18
C ASN A 379 4.14 -47.63 -5.94
N THR A 380 4.04 -48.39 -4.85
CA THR A 380 2.81 -49.08 -4.39
C THR A 380 2.22 -50.00 -5.46
N SER A 381 3.09 -50.75 -6.14
CA SER A 381 2.63 -51.83 -7.00
C SER A 381 2.65 -53.18 -6.31
N GLY A 382 3.45 -53.33 -5.25
CA GLY A 382 3.42 -54.52 -4.43
C GLY A 382 2.32 -54.53 -3.38
N LEU A 383 1.69 -53.38 -3.13
CA LEU A 383 0.58 -53.33 -2.18
C LEU A 383 -0.67 -53.96 -2.78
N PHE A 384 -0.97 -53.64 -4.03
CA PHE A 384 -2.15 -54.18 -4.72
C PHE A 384 -1.66 -55.16 -5.78
N ASN A 385 -1.39 -56.39 -5.36
CA ASN A 385 -0.99 -57.47 -6.24
C ASN A 385 -1.60 -58.78 -5.78
N SER A 386 -2.85 -58.76 -5.38
CA SER A 386 -3.48 -59.92 -4.75
C SER A 386 -4.76 -60.28 -5.49
N THR A 387 -5.01 -61.58 -5.60
CA THR A 387 -6.26 -62.12 -6.13
C THR A 387 -6.99 -62.84 -5.01
N TRP A 388 -8.13 -62.29 -4.60
CA TRP A 388 -8.88 -62.79 -3.46
C TRP A 388 -10.05 -63.62 -4.00
N ILE A 389 -9.86 -64.94 -4.02
CA ILE A 389 -10.92 -65.83 -4.48
C ILE A 389 -11.96 -65.98 -3.37
N SER A 390 -13.18 -66.37 -3.76
CA SER A 390 -14.26 -66.54 -2.81
C SER A 390 -14.46 -67.97 -2.36
N ASN A 391 -13.92 -68.95 -3.10
CA ASN A 391 -14.09 -70.35 -2.72
C ASN A 391 -13.24 -70.69 -1.49
N THR A 392 -11.96 -70.30 -1.50
CA THR A 392 -11.09 -70.54 -0.36
C THR A 392 -11.42 -69.59 0.79
N SER A 393 -11.64 -68.30 0.46
CA SER A 393 -11.95 -67.22 1.42
C SER A 393 -10.93 -67.07 2.53
N SER A 402 4.53 -59.22 10.67
CA SER A 402 5.28 -58.77 11.84
C SER A 402 6.54 -58.00 11.42
N ASN A 403 7.70 -58.64 11.55
CA ASN A 403 8.95 -57.98 11.19
C ASN A 403 9.17 -57.92 9.69
N ASP A 404 8.63 -58.88 8.94
CA ASP A 404 8.76 -58.86 7.49
C ASP A 404 7.86 -57.79 6.89
N SER A 405 8.37 -57.10 5.87
CA SER A 405 7.66 -55.99 5.27
C SER A 405 7.96 -55.92 3.78
N ILE A 406 7.30 -54.98 3.11
CA ILE A 406 7.41 -54.76 1.68
C ILE A 406 8.00 -53.38 1.46
N THR A 407 9.03 -53.30 0.63
CA THR A 407 9.70 -52.03 0.31
C THR A 407 9.23 -51.53 -1.04
N LEU A 408 8.86 -50.25 -1.09
CA LEU A 408 8.47 -49.60 -2.32
C LEU A 408 9.45 -48.49 -2.66
N PRO A 409 9.85 -48.36 -3.93
CA PRO A 409 10.76 -47.26 -4.30
C PRO A 409 10.06 -45.92 -4.30
N CYS A 410 10.62 -44.96 -3.56
CA CYS A 410 10.02 -43.64 -3.36
C CYS A 410 10.93 -42.58 -3.99
N ARG A 411 10.56 -42.16 -5.20
CA ARG A 411 11.32 -41.18 -5.95
C ARG A 411 11.04 -39.76 -5.45
N ILE A 412 11.98 -38.86 -5.72
CA ILE A 412 11.94 -37.49 -5.19
C ILE A 412 12.12 -36.51 -6.33
N LYS A 413 11.22 -35.53 -6.42
CA LYS A 413 11.34 -34.40 -7.33
C LYS A 413 11.59 -33.12 -6.54
N GLN A 414 12.37 -32.21 -7.12
CA GLN A 414 12.58 -30.89 -6.52
C GLN A 414 11.56 -29.88 -7.03
N ILE A 415 11.33 -29.86 -8.35
CA ILE A 415 10.33 -28.98 -8.94
C ILE A 415 8.95 -29.62 -8.77
N ILE A 416 8.04 -28.90 -8.14
CA ILE A 416 6.72 -29.44 -7.78
C ILE A 416 5.64 -28.52 -8.32
N ASN A 417 4.76 -29.07 -9.15
CA ASN A 417 3.52 -28.42 -9.53
C ASN A 417 2.41 -28.97 -8.63
N MET A 418 1.87 -28.12 -7.76
CA MET A 418 1.11 -28.62 -6.61
C MET A 418 -0.31 -29.02 -6.99
N TRP A 419 -1.11 -28.05 -7.45
CA TRP A 419 -2.53 -28.29 -7.69
C TRP A 419 -2.85 -28.45 -9.18
N GLN A 420 -1.83 -28.71 -10.01
CA GLN A 420 -1.93 -28.86 -11.47
C GLN A 420 -2.56 -27.62 -12.12
N ARG A 421 -1.86 -26.49 -11.96
CA ARG A 421 -2.26 -25.23 -12.57
C ARG A 421 -1.14 -24.75 -13.49
N ILE A 422 -1.52 -24.25 -14.65
CA ILE A 422 -0.54 -23.76 -15.62
C ILE A 422 -0.05 -22.40 -15.18
N GLY A 423 1.27 -22.25 -15.09
CA GLY A 423 1.88 -21.01 -14.67
C GLY A 423 2.33 -20.96 -13.23
N GLN A 424 2.10 -22.02 -12.45
CA GLN A 424 2.48 -22.07 -11.06
C GLN A 424 3.51 -23.17 -10.84
N CYS A 425 4.62 -22.82 -10.21
CA CYS A 425 5.65 -23.79 -9.85
C CYS A 425 6.20 -23.44 -8.48
N MET A 426 6.70 -24.48 -7.79
CA MET A 426 7.39 -24.30 -6.52
C MET A 426 8.67 -25.14 -6.55
N TYR A 427 9.79 -24.52 -6.23
CA TYR A 427 11.05 -25.24 -6.09
C TYR A 427 11.26 -25.56 -4.61
N ALA A 428 11.16 -26.83 -4.25
CA ALA A 428 11.39 -27.23 -2.88
C ALA A 428 12.87 -27.25 -2.59
N PRO A 429 13.36 -26.49 -1.60
CA PRO A 429 14.79 -26.50 -1.31
C PRO A 429 15.20 -27.80 -0.66
N PRO A 430 16.43 -28.26 -0.88
CA PRO A 430 16.86 -29.53 -0.27
C PRO A 430 17.10 -29.38 1.23
N ILE A 431 16.93 -30.49 1.94
CA ILE A 431 17.15 -30.54 3.38
C ILE A 431 18.34 -31.44 3.64
N GLN A 432 19.35 -30.89 4.31
CA GLN A 432 20.52 -31.68 4.69
C GLN A 432 20.19 -32.61 5.84
N GLY A 433 20.85 -33.76 5.86
CA GLY A 433 20.59 -34.79 6.83
C GLY A 433 19.86 -35.98 6.25
N VAL A 434 19.27 -36.77 7.13
CA VAL A 434 18.54 -37.99 6.76
C VAL A 434 17.10 -37.83 7.22
N ILE A 435 16.16 -38.04 6.29
CA ILE A 435 14.74 -37.81 6.54
C ILE A 435 14.04 -39.14 6.76
N ARG A 436 13.32 -39.24 7.88
CA ARG A 436 12.49 -40.39 8.20
C ARG A 436 11.09 -39.90 8.52
N CYS A 437 10.09 -40.67 8.10
CA CYS A 437 8.72 -40.29 8.47
C CYS A 437 7.89 -41.53 8.70
N VAL A 438 6.98 -41.44 9.67
CA VAL A 438 6.09 -42.54 10.05
C VAL A 438 4.66 -42.03 9.96
N SER A 439 3.77 -42.82 9.38
CA SER A 439 2.38 -42.37 9.29
C SER A 439 1.43 -43.56 9.22
N ASN A 440 0.15 -43.25 9.35
CA ASN A 440 -0.92 -44.25 9.39
C ASN A 440 -1.73 -44.22 8.10
N ILE A 441 -1.69 -45.31 7.33
CA ILE A 441 -2.68 -45.55 6.29
C ILE A 441 -3.99 -45.84 7.01
N THR A 442 -4.92 -44.89 6.93
CA THR A 442 -6.26 -45.04 7.50
C THR A 442 -7.35 -45.10 6.45
N GLY A 443 -7.00 -45.03 5.17
CA GLY A 443 -8.00 -45.09 4.12
C GLY A 443 -7.35 -44.92 2.77
N LEU A 444 -8.14 -45.27 1.74
CA LEU A 444 -7.63 -45.27 0.38
C LEU A 444 -8.77 -45.16 -0.62
N ILE A 445 -8.41 -44.77 -1.84
CA ILE A 445 -9.36 -44.52 -2.92
C ILE A 445 -9.16 -45.58 -3.99
N LEU A 446 -10.23 -46.31 -4.31
CA LEU A 446 -10.24 -47.28 -5.38
C LEU A 446 -11.05 -46.78 -6.58
N THR A 447 -10.92 -47.52 -7.67
CA THR A 447 -11.68 -47.28 -8.89
C THR A 447 -11.84 -48.62 -9.58
N ARG A 448 -13.07 -49.02 -9.84
CA ARG A 448 -13.34 -50.31 -10.47
C ARG A 448 -13.19 -50.19 -11.97
N ASP A 449 -12.59 -51.22 -12.58
CA ASP A 449 -12.40 -51.28 -14.02
C ASP A 449 -13.27 -52.39 -14.60
N GLY A 450 -14.04 -52.06 -15.62
CA GLY A 450 -14.92 -53.03 -16.27
C GLY A 450 -15.32 -52.64 -17.67
N SER A 455 -18.55 -59.31 -15.27
CA SER A 455 -18.70 -60.68 -14.78
C SER A 455 -18.44 -60.75 -13.27
N THR A 456 -17.98 -61.91 -12.81
CA THR A 456 -17.70 -62.12 -11.40
C THR A 456 -16.30 -61.66 -11.00
N THR A 457 -15.46 -61.25 -11.95
CA THR A 457 -14.11 -60.78 -11.67
C THR A 457 -14.06 -59.26 -11.78
N GLU A 458 -13.65 -58.60 -10.70
CA GLU A 458 -13.56 -57.14 -10.64
C GLU A 458 -12.12 -56.74 -10.36
N THR A 459 -11.60 -55.81 -11.14
CA THR A 459 -10.25 -55.29 -10.96
C THR A 459 -10.32 -53.89 -10.37
N PHE A 460 -9.70 -53.71 -9.20
CA PHE A 460 -9.71 -52.45 -8.49
C PHE A 460 -8.34 -51.79 -8.63
N ARG A 461 -8.33 -50.51 -9.01
CA ARG A 461 -7.09 -49.78 -9.19
C ARG A 461 -7.07 -48.58 -8.24
N PRO A 462 -5.91 -48.21 -7.70
CA PRO A 462 -5.85 -47.01 -6.85
C PRO A 462 -6.07 -45.74 -7.66
N GLY A 463 -6.78 -44.80 -7.03
CA GLY A 463 -7.10 -43.54 -7.67
C GLY A 463 -5.98 -42.53 -7.52
N GLY A 464 -6.15 -41.38 -8.17
CA GLY A 464 -5.11 -40.37 -8.20
C GLY A 464 -5.68 -38.98 -8.28
N GLY A 465 -5.00 -38.05 -7.60
CA GLY A 465 -5.33 -36.64 -7.62
C GLY A 465 -6.67 -36.35 -6.96
N ASP A 466 -7.24 -35.19 -7.35
CA ASP A 466 -8.59 -34.75 -7.01
C ASP A 466 -8.77 -34.64 -5.50
N MET A 467 -8.06 -33.67 -4.92
CA MET A 467 -7.89 -33.54 -3.47
C MET A 467 -9.18 -33.23 -2.72
N ARG A 468 -10.25 -32.82 -3.40
CA ARG A 468 -11.53 -32.72 -2.71
C ARG A 468 -12.08 -34.08 -2.32
N ASP A 469 -11.70 -35.15 -3.03
CA ASP A 469 -12.01 -36.49 -2.56
C ASP A 469 -11.18 -36.87 -1.35
N ASN A 470 -9.97 -36.31 -1.23
CA ASN A 470 -9.17 -36.50 -0.03
C ASN A 470 -9.82 -35.80 1.18
N TRP A 471 -10.37 -34.61 0.95
CA TRP A 471 -11.02 -33.87 2.03
C TRP A 471 -12.51 -34.18 2.18
N ARG A 472 -13.05 -35.11 1.39
CA ARG A 472 -14.37 -35.63 1.67
C ARG A 472 -14.37 -36.72 2.74
N SER A 473 -13.20 -37.26 3.08
CA SER A 473 -13.11 -38.31 4.07
C SER A 473 -13.15 -37.78 5.50
N GLU A 474 -12.96 -36.47 5.69
CA GLU A 474 -13.06 -35.84 7.00
C GLU A 474 -14.31 -35.00 7.16
N LEU A 475 -14.75 -34.32 6.11
CA LEU A 475 -16.00 -33.56 6.12
C LEU A 475 -17.16 -34.41 5.63
N TYR A 476 -17.33 -35.59 6.20
CA TYR A 476 -18.36 -36.52 5.79
C TYR A 476 -19.53 -36.60 6.75
N LYS A 477 -19.38 -36.12 7.98
CA LYS A 477 -20.45 -36.12 8.97
C LYS A 477 -21.04 -34.74 9.21
N TYR A 478 -20.47 -33.69 8.62
CA TYR A 478 -20.87 -32.34 8.93
C TYR A 478 -21.84 -31.78 7.89
N LYS A 479 -22.65 -30.82 8.34
CA LYS A 479 -23.63 -30.16 7.49
C LYS A 479 -23.85 -28.76 8.04
N VAL A 480 -24.07 -27.78 7.15
CA VAL A 480 -24.34 -26.41 7.58
C VAL A 480 -25.81 -26.11 7.33
N VAL A 481 -26.49 -25.53 8.34
CA VAL A 481 -27.91 -25.23 8.23
C VAL A 481 -28.15 -23.80 8.72
N LYS A 482 -29.24 -23.22 8.20
CA LYS A 482 -29.62 -21.84 8.48
C LYS A 482 -30.93 -21.83 9.25
N ILE A 483 -30.96 -21.08 10.35
CA ILE A 483 -32.12 -21.05 11.23
C ILE A 483 -33.08 -19.97 10.76
N GLU A 484 -34.37 -20.31 10.64
CA GLU A 484 -35.42 -19.35 10.33
C GLU A 484 -36.42 -19.31 11.49
N PRO A 485 -36.27 -18.38 12.43
CA PRO A 485 -37.09 -18.38 13.65
C PRO A 485 -38.37 -17.53 13.54
N LEU A 486 -39.34 -18.00 12.77
CA LEU A 486 -40.61 -17.28 12.66
C LEU A 486 -41.71 -18.29 12.35
N GLY A 487 -42.73 -18.34 13.22
CA GLY A 487 -43.80 -19.30 13.08
C GLY A 487 -45.16 -18.65 13.18
N VAL A 488 -46.14 -19.29 12.53
CA VAL A 488 -47.51 -18.78 12.44
C VAL A 488 -48.52 -19.78 13.00
N ALA A 489 -48.11 -20.56 14.00
CA ALA A 489 -48.99 -21.58 14.58
C ALA A 489 -50.15 -20.93 15.32
N PRO A 490 -51.37 -21.47 15.19
CA PRO A 490 -52.54 -20.80 15.77
C PRO A 490 -52.84 -21.22 17.21
N THR A 491 -53.32 -20.23 17.97
CA THR A 491 -53.77 -20.45 19.35
C THR A 491 -55.20 -19.97 19.51
N ARG A 492 -55.68 -19.91 20.75
CA ARG A 492 -57.02 -19.43 21.08
C ARG A 492 -56.98 -18.05 21.72
N CYS A 493 -56.05 -17.20 21.29
CA CYS A 493 -55.88 -15.86 21.85
C CYS A 493 -56.16 -14.82 20.79
N LYS A 494 -56.70 -13.68 21.22
CA LYS A 494 -57.07 -12.59 20.32
C LYS A 494 -56.58 -11.27 20.92
N ARG A 495 -56.09 -10.39 20.05
CA ARG A 495 -55.65 -9.07 20.49
C ARG A 495 -56.84 -8.23 20.91
N ARG A 496 -56.57 -7.25 21.77
CA ARG A 496 -57.61 -6.36 22.29
C ARG A 496 -58.15 -5.43 21.22
N PHE B 17 -31.91 -28.04 31.47
CA PHE B 17 -31.55 -27.10 30.40
C PHE B 17 -31.06 -27.85 29.18
N LEU B 18 -31.76 -27.67 28.06
CA LEU B 18 -31.43 -28.34 26.81
C LEU B 18 -30.43 -27.57 25.97
N GLY B 19 -30.04 -26.37 26.38
CA GLY B 19 -29.07 -25.60 25.65
C GLY B 19 -29.65 -24.95 24.40
N PHE B 20 -28.75 -24.39 23.59
CA PHE B 20 -29.15 -23.75 22.35
C PHE B 20 -29.55 -24.79 21.32
N LEU B 21 -30.72 -24.59 20.70
CA LEU B 21 -31.30 -25.43 19.65
C LEU B 21 -31.57 -26.86 20.14
N GLY B 22 -31.66 -27.06 21.46
CA GLY B 22 -31.84 -28.38 22.03
C GLY B 22 -33.25 -28.88 22.13
N ALA B 23 -34.23 -28.03 21.82
CA ALA B 23 -35.64 -28.40 21.88
C ALA B 23 -36.22 -28.68 20.50
N ALA B 24 -35.38 -29.02 19.53
CA ALA B 24 -35.85 -29.29 18.18
C ALA B 24 -36.60 -30.61 18.07
N GLY B 25 -36.29 -31.57 18.94
CA GLY B 25 -37.02 -32.83 18.96
C GLY B 25 -38.23 -32.85 19.85
N SER B 26 -38.37 -31.85 20.71
CA SER B 26 -39.50 -31.78 21.62
C SER B 26 -40.75 -31.30 20.88
N THR B 27 -41.87 -31.30 21.60
CA THR B 27 -43.14 -30.84 21.04
C THR B 27 -43.20 -29.32 21.13
N MET B 28 -44.31 -28.75 20.64
CA MET B 28 -44.43 -27.30 20.59
C MET B 28 -44.64 -26.69 21.97
N GLY B 29 -45.32 -27.40 22.87
CA GLY B 29 -45.54 -26.88 24.21
C GLY B 29 -44.25 -26.80 25.01
N ALA B 30 -43.37 -27.78 24.84
CA ALA B 30 -42.07 -27.75 25.52
C ALA B 30 -41.11 -26.77 24.86
N ALA B 31 -41.20 -26.59 23.55
CA ALA B 31 -40.29 -25.72 22.83
C ALA B 31 -40.75 -24.26 22.76
N SER B 32 -41.97 -23.96 23.19
CA SER B 32 -42.46 -22.59 23.21
C SER B 32 -42.03 -21.83 24.45
N MET B 33 -41.43 -22.51 25.42
CA MET B 33 -40.95 -21.87 26.65
C MET B 33 -39.44 -21.66 26.64
N THR B 34 -38.79 -21.82 25.48
CA THR B 34 -37.34 -21.76 25.40
C THR B 34 -36.87 -20.96 24.18
N LEU B 35 -37.69 -20.01 23.71
CA LEU B 35 -37.33 -19.21 22.54
C LEU B 35 -36.23 -18.20 22.83
N THR B 36 -35.98 -17.88 24.11
CA THR B 36 -34.99 -16.89 24.46
C THR B 36 -33.57 -17.39 24.21
N VAL B 37 -33.32 -18.69 24.39
CA VAL B 37 -31.98 -19.22 24.14
C VAL B 37 -31.70 -19.41 22.65
N GLN B 38 -32.74 -19.41 21.81
CA GLN B 38 -32.51 -19.29 20.37
C GLN B 38 -32.30 -17.84 19.97
N ALA B 39 -33.20 -16.94 20.40
CA ALA B 39 -33.19 -15.55 19.96
C ALA B 39 -31.96 -14.77 20.42
N ARG B 40 -31.25 -15.26 21.45
CA ARG B 40 -29.98 -14.63 21.82
C ARG B 40 -28.88 -14.92 20.82
N ASN B 41 -28.98 -16.05 20.10
CA ASN B 41 -27.91 -16.50 19.22
C ASN B 41 -28.15 -16.19 17.75
N LEU B 42 -29.26 -15.55 17.39
CA LEU B 42 -29.44 -15.10 16.01
C LEU B 42 -28.68 -13.83 15.68
N LEU B 43 -28.14 -13.13 16.68
CA LEU B 43 -27.42 -11.89 16.41
C LEU B 43 -25.91 -12.15 16.29
N SER B 44 -25.30 -12.70 17.33
CA SER B 44 -23.87 -12.94 17.33
C SER B 44 -23.57 -14.23 18.10
N GLY B 45 -22.59 -14.98 17.61
CA GLY B 45 -22.18 -16.21 18.25
C GLY B 45 -20.67 -16.38 18.28
N ILE B 46 -19.95 -15.28 18.19
CA ILE B 46 -18.49 -15.29 18.23
C ILE B 46 -18.03 -14.22 19.23
N VAL B 47 -16.81 -14.39 19.72
CA VAL B 47 -16.24 -13.45 20.67
C VAL B 47 -15.53 -12.31 19.96
N THR B 67 -4.12 -11.11 4.47
CA THR B 67 -4.94 -12.20 4.98
C THR B 67 -6.22 -12.37 4.15
N VAL B 68 -6.87 -13.51 4.29
CA VAL B 68 -8.08 -13.82 3.55
C VAL B 68 -9.32 -13.91 4.43
N TRP B 69 -9.16 -13.88 5.75
CA TRP B 69 -10.28 -14.05 6.67
C TRP B 69 -10.92 -12.74 7.10
N GLY B 70 -10.40 -11.59 6.66
CA GLY B 70 -10.96 -10.32 7.10
C GLY B 70 -12.28 -10.00 6.43
N ILE B 71 -12.28 -9.96 5.09
CA ILE B 71 -13.49 -9.57 4.36
C ILE B 71 -14.55 -10.67 4.43
N LYS B 72 -14.13 -11.93 4.65
CA LYS B 72 -15.08 -13.03 4.82
C LYS B 72 -15.88 -12.87 6.12
N GLN B 73 -15.17 -12.62 7.23
CA GLN B 73 -15.85 -12.36 8.50
C GLN B 73 -16.67 -11.08 8.44
N LEU B 74 -16.17 -10.08 7.70
CA LEU B 74 -16.89 -8.80 7.58
C LEU B 74 -18.22 -8.98 6.84
N GLN B 75 -18.21 -9.71 5.72
CA GLN B 75 -19.45 -9.91 4.99
C GLN B 75 -20.38 -10.88 5.71
N ALA B 76 -19.84 -11.82 6.49
CA ALA B 76 -20.69 -12.69 7.31
C ALA B 76 -21.40 -11.90 8.41
N ARG B 77 -20.67 -10.99 9.07
CA ARG B 77 -21.28 -10.14 10.08
C ARG B 77 -22.32 -9.19 9.49
N VAL B 78 -22.04 -8.65 8.31
CA VAL B 78 -22.98 -7.76 7.62
C VAL B 78 -24.26 -8.52 7.26
N LEU B 79 -24.11 -9.75 6.74
CA LEU B 79 -25.27 -10.56 6.37
C LEU B 79 -26.11 -10.94 7.60
N ALA B 80 -25.44 -11.28 8.71
CA ALA B 80 -26.17 -11.60 9.94
C ALA B 80 -26.93 -10.41 10.49
N VAL B 81 -26.32 -9.22 10.47
CA VAL B 81 -26.98 -8.01 10.94
C VAL B 81 -28.17 -7.66 10.05
N GLU B 82 -28.00 -7.78 8.72
CA GLU B 82 -29.09 -7.50 7.79
C GLU B 82 -30.25 -8.48 7.96
N ARG B 83 -29.96 -9.77 8.19
CA ARG B 83 -31.02 -10.76 8.38
C ARG B 83 -31.78 -10.50 9.68
N TYR B 84 -31.07 -10.20 10.77
CA TYR B 84 -31.73 -9.92 12.04
C TYR B 84 -32.57 -8.65 11.97
N LEU B 85 -32.07 -7.61 11.30
CA LEU B 85 -32.82 -6.37 11.15
C LEU B 85 -34.05 -6.56 10.25
N ARG B 86 -33.94 -7.40 9.22
CA ARG B 86 -35.08 -7.69 8.37
C ARG B 86 -36.16 -8.45 9.14
N ASP B 87 -35.76 -9.41 9.98
CA ASP B 87 -36.72 -10.12 10.82
C ASP B 87 -37.39 -9.19 11.83
N GLN B 88 -36.62 -8.27 12.42
CA GLN B 88 -37.20 -7.32 13.36
C GLN B 88 -38.15 -6.34 12.68
N GLN B 89 -37.82 -5.92 11.46
CA GLN B 89 -38.73 -5.05 10.70
C GLN B 89 -40.00 -5.78 10.32
N LEU B 90 -39.89 -7.07 9.96
CA LEU B 90 -41.08 -7.86 9.63
C LEU B 90 -41.95 -8.10 10.86
N LEU B 91 -41.35 -8.22 12.05
CA LEU B 91 -42.17 -8.28 13.27
C LEU B 91 -42.82 -6.92 13.56
N GLY B 92 -42.08 -5.83 13.36
CA GLY B 92 -42.61 -4.51 13.69
C GLY B 92 -43.68 -4.01 12.74
N ILE B 93 -43.71 -4.54 11.51
CA ILE B 93 -44.76 -4.18 10.57
C ILE B 93 -46.11 -4.70 11.05
N TRP B 94 -46.15 -5.94 11.54
CA TRP B 94 -47.40 -6.55 11.98
C TRP B 94 -47.90 -6.01 13.31
N GLY B 95 -47.07 -5.27 14.05
CA GLY B 95 -47.49 -4.73 15.33
C GLY B 95 -47.17 -5.64 16.49
N CYS B 96 -45.99 -6.26 16.44
CA CYS B 96 -45.55 -7.19 17.48
C CYS B 96 -44.12 -6.89 17.90
N SER B 97 -43.75 -5.61 17.93
CA SER B 97 -42.38 -5.24 18.25
C SER B 97 -42.12 -5.41 19.74
N GLY B 98 -40.96 -6.01 20.07
CA GLY B 98 -40.57 -6.20 21.45
C GLY B 98 -41.21 -7.39 22.14
N LYS B 99 -41.89 -8.26 21.40
CA LYS B 99 -42.54 -9.42 21.98
C LYS B 99 -42.17 -10.67 21.19
N LEU B 100 -42.10 -11.80 21.89
CA LEU B 100 -41.84 -13.08 21.25
C LEU B 100 -43.14 -13.78 20.83
N ILE B 101 -44.17 -13.70 21.65
CA ILE B 101 -45.48 -14.28 21.35
C ILE B 101 -46.49 -13.15 21.31
N CYS B 102 -47.21 -13.04 20.19
CA CYS B 102 -48.22 -12.01 20.04
C CYS B 102 -49.42 -12.59 19.30
N CYS B 103 -50.61 -12.07 19.62
CA CYS B 103 -51.85 -12.53 19.03
C CYS B 103 -52.37 -11.51 18.02
N THR B 104 -53.09 -12.00 17.02
CA THR B 104 -53.56 -11.15 15.93
C THR B 104 -55.03 -11.45 15.68
N ASN B 105 -55.79 -10.43 15.29
CA ASN B 105 -57.23 -10.52 15.08
C ASN B 105 -57.63 -11.31 13.84
N VAL B 106 -56.68 -11.69 12.98
CA VAL B 106 -57.06 -12.47 11.79
C VAL B 106 -57.39 -13.90 12.21
N PRO B 107 -58.40 -14.53 11.60
CA PRO B 107 -58.79 -15.88 11.98
C PRO B 107 -58.00 -16.95 11.23
N TRP B 108 -58.22 -18.20 11.63
CA TRP B 108 -57.67 -19.37 10.95
C TRP B 108 -58.74 -19.93 10.02
N ASN B 109 -58.38 -20.09 8.74
CA ASN B 109 -59.35 -20.52 7.74
C ASN B 109 -59.70 -22.00 7.81
N SER B 110 -58.97 -22.79 8.62
CA SER B 110 -59.11 -24.24 8.76
C SER B 110 -58.92 -24.98 7.44
N SER B 111 -58.17 -24.39 6.51
CA SER B 111 -57.80 -25.04 5.26
C SER B 111 -56.31 -25.25 5.13
N TRP B 112 -55.50 -24.37 5.73
CA TRP B 112 -54.06 -24.60 5.81
C TRP B 112 -53.75 -25.80 6.71
N SER B 113 -54.48 -25.93 7.80
CA SER B 113 -54.35 -27.10 8.68
C SER B 113 -55.68 -27.27 9.41
N ASN B 114 -56.44 -28.29 9.02
CA ASN B 114 -57.76 -28.55 9.58
C ASN B 114 -57.72 -29.48 10.80
N ARG B 115 -56.54 -29.87 11.25
CA ARG B 115 -56.39 -30.84 12.32
C ARG B 115 -56.55 -30.17 13.69
N ASN B 116 -56.60 -31.01 14.73
CA ASN B 116 -56.95 -30.60 16.09
C ASN B 116 -55.91 -29.66 16.68
N LEU B 117 -56.34 -28.93 17.71
CA LEU B 117 -55.40 -28.13 18.51
C LEU B 117 -54.56 -29.01 19.43
N SER B 118 -55.13 -30.13 19.88
CA SER B 118 -54.44 -30.97 20.85
C SER B 118 -53.27 -31.72 20.23
N GLU B 119 -53.46 -32.24 19.01
CA GLU B 119 -52.38 -32.98 18.35
C GLU B 119 -51.37 -32.07 17.66
N ILE B 120 -51.61 -30.76 17.64
CA ILE B 120 -50.60 -29.83 17.12
C ILE B 120 -49.61 -29.45 18.21
N TRP B 121 -50.12 -29.09 19.38
CA TRP B 121 -49.29 -28.56 20.47
C TRP B 121 -48.79 -29.64 21.43
N ASP B 122 -49.12 -30.91 21.19
CA ASP B 122 -48.66 -32.00 22.04
C ASP B 122 -48.12 -33.17 21.22
N ASN B 123 -48.48 -33.29 19.94
CA ASN B 123 -48.05 -34.40 19.12
C ASN B 123 -47.47 -33.94 17.80
N MET B 124 -46.72 -32.83 17.81
CA MET B 124 -46.06 -32.33 16.61
C MET B 124 -44.86 -31.49 17.01
N THR B 125 -43.83 -31.53 16.17
CA THR B 125 -42.68 -30.65 16.28
C THR B 125 -42.80 -29.48 15.32
N TRP B 126 -41.86 -28.54 15.43
CA TRP B 126 -41.93 -27.33 14.61
C TRP B 126 -41.53 -27.59 13.15
N LEU B 127 -40.68 -28.60 12.92
CA LEU B 127 -40.15 -28.85 11.58
C LEU B 127 -41.23 -29.39 10.66
N GLN B 128 -42.03 -30.35 11.14
CA GLN B 128 -43.14 -30.87 10.36
C GLN B 128 -44.20 -29.80 10.12
N TRP B 129 -44.39 -28.92 11.10
CA TRP B 129 -45.30 -27.79 10.94
C TRP B 129 -44.83 -26.84 9.84
N ASP B 130 -43.53 -26.54 9.79
CA ASP B 130 -43.02 -25.71 8.72
C ASP B 130 -43.16 -26.39 7.36
N LYS B 131 -42.88 -27.69 7.31
CA LYS B 131 -42.97 -28.42 6.04
C LYS B 131 -44.41 -28.58 5.57
N GLU B 132 -45.39 -28.51 6.46
CA GLU B 132 -46.78 -28.66 6.04
C GLU B 132 -47.54 -27.34 5.97
N ILE B 133 -46.96 -26.22 6.42
CA ILE B 133 -47.62 -24.92 6.33
C ILE B 133 -46.91 -23.97 5.35
N SER B 134 -45.64 -24.23 4.98
CA SER B 134 -44.87 -23.31 4.16
C SER B 134 -45.40 -23.11 2.74
N ASN B 135 -46.33 -23.96 2.28
CA ASN B 135 -47.04 -23.67 1.04
C ASN B 135 -47.88 -22.39 1.16
N TYR B 136 -48.53 -22.19 2.30
CA TYR B 136 -49.51 -21.12 2.43
C TYR B 136 -49.08 -20.11 3.49
N THR B 137 -47.81 -19.72 3.48
CA THR B 137 -47.29 -18.77 4.46
C THR B 137 -47.12 -17.36 3.91
N GLN B 138 -47.19 -17.17 2.60
CA GLN B 138 -47.04 -15.84 2.03
C GLN B 138 -48.35 -15.08 1.95
N ILE B 139 -49.49 -15.73 2.19
CA ILE B 139 -50.75 -15.01 2.25
C ILE B 139 -51.03 -14.52 3.66
N ILE B 140 -50.50 -15.22 4.67
CA ILE B 140 -50.65 -14.77 6.05
C ILE B 140 -49.82 -13.51 6.28
N TYR B 141 -48.65 -13.42 5.66
CA TYR B 141 -47.73 -12.30 5.86
C TYR B 141 -48.26 -10.98 5.29
N GLY B 142 -49.29 -11.01 4.46
CA GLY B 142 -49.97 -9.80 4.04
C GLY B 142 -51.23 -9.56 4.84
N LEU B 143 -51.83 -10.65 5.34
CA LEU B 143 -53.03 -10.54 6.17
C LEU B 143 -52.71 -9.85 7.49
N LEU B 144 -51.59 -10.22 8.12
CA LEU B 144 -51.17 -9.57 9.36
C LEU B 144 -50.86 -8.09 9.14
N GLU B 145 -50.22 -7.77 8.01
CA GLU B 145 -49.88 -6.40 7.67
C GLU B 145 -51.12 -5.55 7.43
N GLU B 146 -52.11 -6.09 6.71
CA GLU B 146 -53.33 -5.31 6.47
C GLU B 146 -54.18 -5.21 7.72
N SER B 147 -54.12 -6.21 8.61
CA SER B 147 -54.82 -6.10 9.89
C SER B 147 -54.21 -5.02 10.77
N GLN B 148 -52.89 -4.93 10.80
CA GLN B 148 -52.24 -3.87 11.57
C GLN B 148 -52.50 -2.50 10.94
N ASN B 149 -52.55 -2.44 9.61
CA ASN B 149 -52.86 -1.18 8.93
C ASN B 149 -54.28 -0.71 9.20
N GLN B 150 -55.24 -1.65 9.31
CA GLN B 150 -56.59 -1.28 9.72
C GLN B 150 -56.64 -0.86 11.18
N GLN B 151 -55.87 -1.55 12.03
CA GLN B 151 -55.89 -1.27 13.47
C GLN B 151 -55.30 0.11 13.78
N GLU B 152 -54.25 0.51 13.06
CA GLU B 152 -53.65 1.82 13.30
C GLU B 152 -54.58 2.97 12.90
N LYS B 153 -55.30 2.84 11.78
CA LYS B 153 -56.22 3.90 11.41
C LYS B 153 -57.48 3.90 12.29
N ASN B 154 -57.88 2.73 12.79
CA ASN B 154 -58.98 2.69 13.76
C ASN B 154 -58.60 3.35 15.07
N GLU B 155 -57.37 3.13 15.53
CA GLU B 155 -56.89 3.81 16.74
C GLU B 155 -56.68 5.30 16.48
N GLN B 156 -56.35 5.67 15.25
CA GLN B 156 -56.15 7.09 14.94
C GLN B 156 -57.47 7.85 14.94
N ASP B 157 -58.50 7.33 14.27
CA ASP B 157 -59.76 8.07 14.26
C ASP B 157 -60.62 7.80 15.47
N LEU B 158 -60.26 6.83 16.33
CA LEU B 158 -60.91 6.70 17.62
C LEU B 158 -60.41 7.78 18.60
N LEU B 159 -59.16 8.19 18.47
CA LEU B 159 -58.57 9.19 19.38
C LEU B 159 -58.98 10.61 19.03
N ALA B 160 -59.61 10.84 17.88
CA ALA B 160 -60.02 12.18 17.49
C ALA B 160 -61.29 12.64 18.18
N LEU B 161 -61.99 11.76 18.89
CA LEU B 161 -63.21 12.11 19.59
C LEU B 161 -62.91 12.76 20.94
N LEU C 28 -38.26 -2.24 47.45
CA LEU C 28 -37.37 -1.81 46.38
C LEU C 28 -37.43 -2.79 45.22
N TRP C 29 -37.50 -2.26 43.99
CA TRP C 29 -37.56 -3.09 42.80
C TRP C 29 -36.50 -2.62 41.80
N VAL C 30 -36.07 -3.55 40.95
CA VAL C 30 -35.04 -3.25 39.96
C VAL C 30 -35.64 -2.42 38.83
N THR C 31 -34.99 -1.30 38.51
CA THR C 31 -35.35 -0.49 37.36
C THR C 31 -34.15 -0.41 36.43
N VAL C 32 -34.40 -0.54 35.13
CA VAL C 32 -33.36 -0.60 34.12
C VAL C 32 -33.26 0.77 33.44
N TYR C 33 -32.06 1.35 33.48
CA TYR C 33 -31.79 2.64 32.88
C TYR C 33 -30.88 2.46 31.66
N TYR C 34 -31.26 3.10 30.56
CA TYR C 34 -30.48 3.09 29.33
C TYR C 34 -29.92 4.49 29.08
N GLY C 35 -28.65 4.56 28.71
CA GLY C 35 -28.01 5.83 28.46
C GLY C 35 -27.32 6.44 29.65
N VAL C 36 -26.92 5.66 30.64
CA VAL C 36 -26.24 6.16 31.82
C VAL C 36 -24.81 6.54 31.46
N PRO C 37 -24.23 7.56 32.11
CA PRO C 37 -22.83 7.95 31.80
C PRO C 37 -21.76 7.16 32.56
N VAL C 38 -21.57 5.91 32.15
CA VAL C 38 -20.57 5.02 32.72
C VAL C 38 -19.61 4.61 31.61
N TRP C 39 -18.30 4.65 31.90
CA TRP C 39 -17.30 4.26 30.92
C TRP C 39 -16.39 3.19 31.50
N LYS C 40 -15.74 2.44 30.61
CA LYS C 40 -14.73 1.46 30.96
C LYS C 40 -13.53 1.62 30.04
N ASP C 41 -12.37 1.16 30.51
CA ASP C 41 -11.18 1.20 29.67
C ASP C 41 -11.26 0.14 28.58
N ALA C 42 -10.86 0.52 27.37
CA ALA C 42 -10.97 -0.37 26.22
C ALA C 42 -9.93 0.01 25.18
N GLU C 43 -9.71 -0.91 24.25
CA GLU C 43 -8.79 -0.73 23.13
C GLU C 43 -9.58 -0.81 21.84
N THR C 44 -9.35 0.14 20.94
CA THR C 44 -10.07 0.17 19.68
C THR C 44 -9.21 0.86 18.63
N THR C 45 -9.70 0.84 17.40
CA THR C 45 -9.06 1.57 16.32
C THR C 45 -9.52 3.03 16.33
N LEU C 46 -8.59 3.93 16.05
CA LEU C 46 -8.85 5.36 16.02
C LEU C 46 -8.57 5.86 14.61
N PHE C 47 -9.48 6.67 14.07
CA PHE C 47 -9.39 7.07 12.67
C PHE C 47 -8.86 8.49 12.54
N CYS C 48 -8.04 8.71 11.53
CA CYS C 48 -7.37 10.00 11.36
C CYS C 48 -8.31 11.03 10.76
N ALA C 49 -7.96 12.30 10.96
CA ALA C 49 -8.70 13.42 10.40
C ALA C 49 -7.76 14.61 10.32
N SER C 50 -7.94 15.41 9.27
CA SER C 50 -7.09 16.59 9.07
C SER C 50 -7.86 17.63 8.27
N ASP C 51 -7.39 18.87 8.34
CA ASP C 51 -8.02 19.97 7.64
C ASP C 51 -6.98 20.74 6.81
N ASN C 61 2.48 14.98 -0.74
CA ASN C 61 3.23 14.60 0.46
C ASN C 61 3.15 13.12 0.80
N VAL C 62 4.04 12.66 1.67
CA VAL C 62 4.04 11.26 2.08
C VAL C 62 3.00 11.03 3.17
N TRP C 63 2.48 12.10 3.76
CA TRP C 63 1.50 11.95 4.84
C TRP C 63 0.13 12.22 4.25
N ALA C 64 -0.60 11.15 3.96
CA ALA C 64 -1.83 11.18 3.18
C ALA C 64 -2.93 12.01 3.83
N THR C 65 -3.26 13.12 3.20
CA THR C 65 -4.40 13.95 3.59
C THR C 65 -5.66 13.57 2.82
N HIS C 66 -5.55 12.62 1.88
CA HIS C 66 -6.67 12.15 1.10
C HIS C 66 -7.51 11.13 1.87
N ALA C 67 -6.84 10.13 2.43
CA ALA C 67 -7.50 9.06 3.18
C ALA C 67 -8.15 9.58 4.46
N CYS C 68 -7.52 10.56 5.10
CA CYS C 68 -8.05 11.14 6.32
C CYS C 68 -9.26 12.01 5.99
N VAL C 69 -10.37 11.76 6.68
CA VAL C 69 -11.63 12.49 6.48
C VAL C 69 -11.46 13.92 6.97
N PRO C 70 -12.20 14.89 6.44
CA PRO C 70 -12.12 16.25 6.98
C PRO C 70 -12.79 16.35 8.35
N THR C 71 -12.13 17.05 9.25
CA THR C 71 -12.64 17.29 10.59
C THR C 71 -13.59 18.49 10.56
N ASP C 72 -14.37 18.65 11.63
CA ASP C 72 -15.19 19.83 11.79
C ASP C 72 -14.33 21.09 11.98
N PRO C 73 -14.79 22.26 11.49
CA PRO C 73 -14.00 23.49 11.67
C PRO C 73 -13.78 23.89 13.12
N ASN C 74 -14.78 23.64 13.98
CA ASN C 74 -14.64 23.93 15.39
C ASN C 74 -14.90 22.66 16.21
N PRO C 75 -14.00 22.29 17.12
CA PRO C 75 -14.24 21.10 17.93
C PRO C 75 -15.11 21.39 19.13
N GLN C 76 -15.49 20.35 19.86
CA GLN C 76 -16.32 20.49 21.05
C GLN C 76 -15.59 19.85 22.22
N GLU C 77 -15.57 20.56 23.35
CA GLU C 77 -14.83 20.11 24.52
C GLU C 77 -15.72 20.32 25.74
N ILE C 78 -16.28 19.23 26.23
CA ILE C 78 -17.13 19.28 27.43
C ILE C 78 -16.26 19.11 28.66
N HIS C 79 -16.37 20.06 29.59
CA HIS C 79 -15.63 20.00 30.85
C HIS C 79 -16.43 19.16 31.85
N LEU C 80 -16.01 17.91 32.00
CA LEU C 80 -16.63 17.01 32.95
C LEU C 80 -16.27 17.39 34.38
N GLU C 81 -17.24 17.89 35.11
CA GLU C 81 -17.01 18.32 36.49
C GLU C 81 -17.06 17.12 37.43
N ASN C 82 -16.36 17.26 38.56
CA ASN C 82 -16.36 16.30 39.68
C ASN C 82 -15.82 14.94 39.27
N VAL C 83 -14.94 14.90 38.26
CA VAL C 83 -14.45 13.64 37.70
C VAL C 83 -12.95 13.55 37.91
N THR C 84 -12.51 12.43 38.51
CA THR C 84 -11.09 12.15 38.72
C THR C 84 -10.80 10.79 38.11
N GLU C 85 -9.99 10.77 37.05
CA GLU C 85 -9.70 9.53 36.34
C GLU C 85 -8.20 9.26 36.35
N GLU C 86 -7.83 7.99 36.46
CA GLU C 86 -6.43 7.58 36.57
C GLU C 86 -5.85 7.38 35.17
N PHE C 87 -4.76 8.09 34.87
CA PHE C 87 -4.08 7.98 33.59
C PHE C 87 -2.75 7.24 33.75
N ASN C 88 -2.24 6.75 32.61
CA ASN C 88 -0.95 6.09 32.52
C ASN C 88 -0.40 6.27 31.10
N MET C 89 0.57 7.18 30.94
CA MET C 89 1.12 7.44 29.61
C MET C 89 1.99 6.31 29.09
N TRP C 90 2.51 5.47 29.97
CA TRP C 90 3.46 4.43 29.60
C TRP C 90 2.78 3.14 29.16
N LYS C 91 1.47 3.04 29.32
CA LYS C 91 0.76 1.84 28.90
C LYS C 91 -0.58 2.16 28.24
N ASN C 92 -0.62 3.16 27.36
CA ASN C 92 -1.79 3.43 26.54
C ASN C 92 -1.57 2.84 25.16
N ASN C 93 -2.66 2.50 24.47
CA ASN C 93 -2.56 1.82 23.19
C ASN C 93 -2.86 2.85 22.10
N MET C 94 -2.61 4.12 22.39
CA MET C 94 -2.74 5.16 21.38
C MET C 94 -1.42 5.49 20.70
N VAL C 95 -0.29 5.08 21.30
CA VAL C 95 0.99 5.26 20.63
C VAL C 95 1.39 4.02 19.84
N GLU C 96 0.90 2.84 20.24
CA GLU C 96 1.20 1.62 19.51
C GLU C 96 0.41 1.52 18.21
N GLN C 97 -0.83 2.00 18.19
CA GLN C 97 -1.57 2.16 16.95
C GLN C 97 -0.98 3.26 16.08
N MET C 98 -0.51 4.34 16.71
CA MET C 98 0.08 5.45 15.96
C MET C 98 1.35 5.03 15.25
N HIS C 99 2.19 4.23 15.92
CA HIS C 99 3.45 3.77 15.32
C HIS C 99 3.19 2.89 14.09
N THR C 100 2.19 2.00 14.20
CA THR C 100 1.77 1.18 13.08
C THR C 100 1.20 2.02 11.94
N ASP C 101 0.42 3.06 12.24
CA ASP C 101 -0.09 3.96 11.20
C ASP C 101 1.01 4.80 10.54
N ILE C 102 2.02 5.23 11.30
CA ILE C 102 3.17 5.93 10.73
C ILE C 102 3.93 5.03 9.76
N ILE C 103 4.14 3.76 10.16
CA ILE C 103 4.80 2.80 9.26
C ILE C 103 3.97 2.54 8.02
N SER C 104 2.65 2.38 8.18
CA SER C 104 1.77 2.04 7.05
C SER C 104 1.64 3.18 6.06
N LEU C 105 1.45 4.42 6.54
CA LEU C 105 1.40 5.55 5.63
C LEU C 105 2.78 6.00 5.15
N TRP C 106 3.86 5.52 5.75
CA TRP C 106 5.19 5.75 5.21
C TRP C 106 5.50 4.85 4.03
N ASP C 107 5.26 3.55 4.17
CA ASP C 107 5.70 2.56 3.19
C ASP C 107 4.70 2.34 2.05
N GLN C 108 3.59 3.06 2.03
CA GLN C 108 2.67 3.02 0.89
C GLN C 108 2.86 4.20 -0.05
N SER C 109 3.65 5.20 0.35
CA SER C 109 4.01 6.30 -0.54
C SER C 109 5.30 6.03 -1.31
N LEU C 110 6.00 4.94 -0.99
CA LEU C 110 7.19 4.52 -1.72
C LEU C 110 6.87 3.32 -2.61
N LYS C 111 5.59 3.02 -2.78
CA LYS C 111 5.15 1.95 -3.67
C LYS C 111 5.14 2.35 -5.15
N PRO C 112 4.68 3.57 -5.59
CA PRO C 112 4.83 3.90 -7.01
C PRO C 112 6.20 4.42 -7.40
N CYS C 113 7.14 4.44 -6.47
CA CYS C 113 8.46 5.00 -6.70
C CYS C 113 9.38 3.95 -7.30
N VAL C 114 10.49 4.43 -7.89
CA VAL C 114 11.36 3.58 -8.69
C VAL C 114 12.22 2.72 -7.77
N LYS C 115 12.47 1.48 -8.20
CA LYS C 115 13.27 0.51 -7.45
C LYS C 115 14.68 0.51 -8.04
N LEU C 116 15.68 0.86 -7.22
CA LEU C 116 17.04 1.08 -7.73
C LEU C 116 17.87 -0.21 -7.67
N THR C 117 17.29 -1.27 -8.21
CA THR C 117 18.03 -2.52 -8.39
C THR C 117 19.10 -2.57 -9.50
N PRO C 118 19.05 -1.81 -10.62
CA PRO C 118 20.18 -1.90 -11.56
C PRO C 118 21.46 -1.22 -11.12
N LEU C 119 21.48 -0.55 -9.96
CA LEU C 119 22.58 0.35 -9.62
C LEU C 119 23.59 -0.31 -8.68
N CYS C 120 23.33 -1.53 -8.22
CA CYS C 120 24.36 -2.32 -7.54
C CYS C 120 25.37 -2.83 -8.56
N VAL C 121 26.32 -1.94 -8.88
CA VAL C 121 27.40 -2.24 -9.82
C VAL C 121 28.72 -1.98 -9.13
N THR C 122 29.82 -2.17 -9.86
CA THR C 122 31.15 -1.81 -9.40
C THR C 122 31.37 -0.32 -9.64
N LEU C 123 31.69 0.42 -8.59
CA LEU C 123 31.91 1.85 -8.67
C LEU C 123 33.41 2.15 -8.63
N GLN C 124 33.91 2.80 -9.67
CA GLN C 124 35.30 3.26 -9.70
C GLN C 124 35.33 4.64 -9.08
N CYS C 125 35.81 4.74 -7.84
CA CYS C 125 35.70 5.97 -7.08
C CYS C 125 37.08 6.57 -6.82
N THR C 126 37.19 7.88 -7.04
CA THR C 126 38.36 8.67 -6.70
C THR C 126 37.96 9.74 -5.68
N ASN C 127 38.97 10.47 -5.21
CA ASN C 127 38.75 11.48 -4.17
C ASN C 127 38.38 12.85 -4.76
N MET C 136 34.07 17.62 4.23
CA MET C 136 35.22 18.41 4.66
C MET C 136 36.44 17.93 3.85
N ARG C 137 37.11 16.86 4.31
CA ARG C 137 38.10 16.14 3.51
C ARG C 137 37.82 14.64 3.63
N GLY C 138 37.67 13.97 2.48
CA GLY C 138 37.40 12.55 2.44
C GLY C 138 35.94 12.17 2.57
N GLU C 139 35.05 13.13 2.79
CA GLU C 139 33.63 12.83 2.93
C GLU C 139 33.00 12.51 1.58
N LEU C 140 33.37 13.26 0.55
CA LEU C 140 32.80 13.08 -0.78
C LEU C 140 33.71 12.24 -1.66
N LYS C 141 33.10 11.36 -2.45
CA LYS C 141 33.82 10.51 -3.38
C LYS C 141 33.19 10.64 -4.78
N ASN C 142 34.05 10.73 -5.79
CA ASN C 142 33.61 10.88 -7.18
C ASN C 142 33.64 9.49 -7.81
N CYS C 143 32.46 8.93 -8.06
CA CYS C 143 32.34 7.54 -8.49
C CYS C 143 31.78 7.46 -9.90
N SER C 144 32.49 6.72 -10.76
CA SER C 144 32.09 6.52 -12.15
C SER C 144 31.78 5.05 -12.36
N PHE C 145 30.78 4.76 -13.18
CA PHE C 145 30.21 3.42 -13.27
C PHE C 145 29.42 3.27 -14.56
N ASN C 146 29.23 2.02 -14.98
CA ASN C 146 28.38 1.69 -16.11
C ASN C 146 26.92 1.85 -15.71
N MET C 147 26.06 2.02 -16.70
CA MET C 147 24.61 2.13 -16.47
C MET C 147 23.89 1.77 -17.76
N THR C 148 22.69 1.22 -17.61
CA THR C 148 21.85 0.89 -18.75
C THR C 148 21.21 2.15 -19.34
N THR C 149 20.43 1.94 -20.41
CA THR C 149 19.85 3.02 -21.20
C THR C 149 18.40 2.61 -21.43
N GLU C 150 17.56 3.56 -21.91
CA GLU C 150 16.17 3.24 -22.29
C GLU C 150 16.14 2.12 -23.30
N LEU C 151 16.99 2.20 -24.32
CA LEU C 151 17.19 1.13 -25.28
C LEU C 151 17.94 0.01 -24.58
N ARG C 152 17.47 -1.23 -24.73
CA ARG C 152 18.00 -2.36 -23.99
C ARG C 152 19.29 -2.89 -24.62
N ASP C 153 19.67 -2.35 -25.77
CA ASP C 153 20.87 -2.79 -26.48
C ASP C 153 22.11 -1.96 -26.16
N LYS C 154 21.95 -0.75 -25.66
CA LYS C 154 23.06 0.18 -25.48
C LYS C 154 23.32 0.44 -23.99
N LYS C 155 24.49 1.01 -23.72
CA LYS C 155 24.94 1.27 -22.36
C LYS C 155 25.64 2.63 -22.32
N GLN C 156 25.72 3.20 -21.13
CA GLN C 156 26.34 4.50 -20.89
C GLN C 156 27.30 4.42 -19.72
N LYS C 157 28.20 5.39 -19.64
CA LYS C 157 29.18 5.51 -18.57
C LYS C 157 28.92 6.82 -17.86
N VAL C 158 28.50 6.76 -16.59
CA VAL C 158 28.07 7.94 -15.87
C VAL C 158 28.93 8.11 -14.62
N TYR C 159 28.77 9.25 -13.95
CA TYR C 159 29.48 9.55 -12.72
C TYR C 159 28.56 10.26 -11.76
N SER C 160 28.92 10.24 -10.48
CA SER C 160 28.12 10.85 -9.42
C SER C 160 29.02 11.17 -8.24
N LEU C 161 28.50 11.97 -7.32
CA LEU C 161 29.20 12.30 -6.07
C LEU C 161 28.49 11.61 -4.93
N PHE C 162 29.10 10.57 -4.39
CA PHE C 162 28.55 9.88 -3.23
C PHE C 162 29.25 10.33 -1.96
N TYR C 163 28.69 9.93 -0.82
CA TYR C 163 29.28 10.23 0.47
C TYR C 163 30.09 9.03 0.95
N ARG C 164 30.96 9.26 1.93
CA ARG C 164 31.74 8.19 2.51
C ARG C 164 30.91 7.27 3.39
N LEU C 165 29.76 7.73 3.87
CA LEU C 165 28.88 6.94 4.73
C LEU C 165 27.95 6.05 3.92
N ASP C 166 28.03 6.08 2.60
CA ASP C 166 27.12 5.33 1.74
C ASP C 166 27.80 4.21 0.97
N VAL C 167 29.13 4.22 0.86
CA VAL C 167 29.86 3.26 0.03
C VAL C 167 30.78 2.44 0.92
N VAL C 168 31.09 1.23 0.46
CA VAL C 168 32.01 0.34 1.14
C VAL C 168 32.93 -0.29 0.10
N GLN C 169 34.18 -0.53 0.50
CA GLN C 169 35.20 -1.04 -0.40
C GLN C 169 34.99 -2.52 -0.68
N ILE C 170 35.17 -2.90 -1.95
CA ILE C 170 35.04 -4.29 -2.36
C ILE C 170 36.28 -5.12 -2.03
N ASN C 171 37.45 -4.48 -1.99
CA ASN C 171 38.77 -5.10 -1.80
C ASN C 171 39.03 -6.21 -2.82
N ASN C 182 42.36 -0.27 -3.65
CA ASN C 182 41.51 0.89 -3.51
C ASN C 182 40.90 1.18 -4.88
N LYS C 183 40.13 2.28 -4.98
CA LYS C 183 39.40 2.69 -6.18
C LYS C 183 38.45 1.59 -6.65
N GLU C 184 37.78 0.97 -5.68
CA GLU C 184 36.93 -0.19 -5.94
C GLU C 184 35.85 -0.25 -4.87
N TYR C 185 34.66 0.28 -5.16
CA TYR C 185 33.63 0.48 -4.17
C TYR C 185 32.29 -0.05 -4.65
N ARG C 186 31.39 -0.26 -3.70
CA ARG C 186 30.00 -0.61 -3.97
C ARG C 186 29.13 0.11 -2.94
N LEU C 187 27.83 0.12 -3.18
CA LEU C 187 26.94 0.69 -2.17
C LEU C 187 26.86 -0.24 -0.97
N ILE C 188 26.50 0.35 0.19
CA ILE C 188 26.51 -0.40 1.44
C ILE C 188 25.37 -1.40 1.55
N ASN C 189 24.27 -1.19 0.82
CA ASN C 189 23.08 -2.01 0.95
C ASN C 189 23.04 -3.19 -0.01
N CYS C 190 24.04 -3.35 -0.87
CA CYS C 190 23.91 -4.25 -2.00
C CYS C 190 24.21 -5.72 -1.66
N ASN C 191 24.36 -6.08 -0.38
CA ASN C 191 24.15 -7.45 0.04
C ASN C 191 22.76 -7.70 0.65
N THR C 192 22.06 -6.66 1.09
CA THR C 192 20.81 -6.87 1.80
C THR C 192 19.59 -6.65 0.94
N SER C 193 19.46 -5.46 0.33
CA SER C 193 18.31 -5.17 -0.52
C SER C 193 18.65 -4.00 -1.43
N ALA C 194 17.83 -3.83 -2.46
CA ALA C 194 17.91 -2.67 -3.33
C ALA C 194 17.05 -1.56 -2.76
N CYS C 195 17.63 -0.37 -2.62
CA CYS C 195 16.90 0.75 -2.06
C CYS C 195 15.86 1.27 -3.06
N THR C 196 14.76 1.76 -2.51
CA THR C 196 13.70 2.40 -3.28
C THR C 196 13.93 3.90 -3.17
N GLN C 197 14.23 4.54 -4.30
CA GLN C 197 14.42 5.97 -4.37
C GLN C 197 13.14 6.71 -4.01
N ALA C 198 13.25 7.70 -3.13
CA ALA C 198 12.11 8.53 -2.78
C ALA C 198 11.71 9.36 -3.98
N CYS C 199 10.40 9.46 -4.22
CA CYS C 199 9.89 10.21 -5.36
C CYS C 199 10.15 11.71 -5.14
N PRO C 200 10.64 12.42 -6.15
CA PRO C 200 11.11 13.80 -5.95
C PRO C 200 10.00 14.84 -5.89
N LYS C 201 8.73 14.44 -5.90
CA LYS C 201 7.62 15.39 -5.83
C LYS C 201 6.87 15.29 -4.51
N VAL C 202 6.79 14.11 -3.90
CA VAL C 202 6.21 13.97 -2.57
C VAL C 202 7.13 14.63 -1.54
N SER C 203 6.54 15.29 -0.56
CA SER C 203 7.30 16.04 0.42
C SER C 203 7.41 15.28 1.73
N PHE C 204 8.49 15.56 2.47
CA PHE C 204 8.74 14.94 3.75
C PHE C 204 8.33 15.83 4.93
N GLU C 205 7.65 16.95 4.65
CA GLU C 205 7.22 17.85 5.70
C GLU C 205 6.11 17.21 6.54
N PRO C 206 6.23 17.20 7.86
CA PRO C 206 5.14 16.66 8.69
C PRO C 206 3.94 17.60 8.72
N ILE C 207 2.75 17.00 8.66
CA ILE C 207 1.50 17.75 8.71
C ILE C 207 0.72 17.28 9.92
N PRO C 208 -0.09 18.13 10.55
CA PRO C 208 -0.83 17.71 11.74
C PRO C 208 -1.95 16.73 11.41
N ILE C 209 -2.03 15.65 12.18
CA ILE C 209 -3.10 14.67 12.06
C ILE C 209 -3.79 14.51 13.42
N HIS C 210 -5.12 14.56 13.41
CA HIS C 210 -5.91 14.40 14.63
C HIS C 210 -6.48 12.98 14.67
N TYR C 211 -6.36 12.31 15.81
CA TYR C 211 -6.85 10.94 15.96
C TYR C 211 -8.21 10.97 16.64
N CYS C 212 -9.26 10.80 15.84
CA CYS C 212 -10.62 10.82 16.35
C CYS C 212 -11.06 9.42 16.73
N ALA C 213 -11.98 9.35 17.69
CA ALA C 213 -12.52 8.12 18.26
C ALA C 213 -13.73 7.67 17.46
N PRO C 214 -13.99 6.35 17.40
CA PRO C 214 -15.19 5.87 16.70
C PRO C 214 -16.45 6.08 17.52
N ALA C 215 -17.58 5.62 16.99
CA ALA C 215 -18.88 5.77 17.64
C ALA C 215 -18.98 4.85 18.84
N GLY C 216 -19.51 5.36 19.95
CA GLY C 216 -19.61 4.62 21.18
C GLY C 216 -18.41 4.72 22.08
N PHE C 217 -17.38 5.44 21.67
CA PHE C 217 -16.14 5.59 22.43
C PHE C 217 -15.96 7.06 22.80
N ALA C 218 -14.89 7.35 23.55
CA ALA C 218 -14.61 8.71 23.99
C ALA C 218 -13.12 8.85 24.24
N ILE C 219 -12.65 10.10 24.15
CA ILE C 219 -11.26 10.46 24.38
C ILE C 219 -11.23 11.48 25.51
N LEU C 220 -10.60 11.13 26.63
CA LEU C 220 -10.60 11.96 27.82
C LEU C 220 -9.26 12.68 27.96
N LYS C 221 -9.24 13.95 27.59
CA LYS C 221 -8.09 14.81 27.83
C LYS C 221 -7.98 15.17 29.31
N CYS C 222 -6.78 15.07 29.84
CA CYS C 222 -6.48 15.65 31.15
C CYS C 222 -6.02 17.10 30.97
N LYS C 223 -6.44 17.94 31.91
CA LYS C 223 -6.17 19.37 31.79
C LYS C 223 -5.38 19.92 32.97
N ASP C 224 -4.76 19.07 33.78
CA ASP C 224 -3.90 19.55 34.86
C ASP C 224 -2.58 20.05 34.29
N LYS C 225 -2.05 21.09 34.91
CA LYS C 225 -0.79 21.71 34.47
C LYS C 225 0.41 21.20 35.24
N LYS C 226 0.20 20.29 36.20
CA LYS C 226 1.29 19.68 36.95
C LYS C 226 1.27 18.17 36.82
N PHE C 227 0.68 17.64 35.76
CA PHE C 227 0.54 16.20 35.60
C PHE C 227 1.85 15.58 35.17
N ASN C 228 2.21 14.46 35.78
CA ASN C 228 3.47 13.79 35.52
C ASN C 228 3.27 12.47 34.77
N GLY C 229 2.16 12.35 34.06
CA GLY C 229 1.92 11.16 33.27
C GLY C 229 1.11 10.07 33.94
N THR C 230 1.60 9.57 35.07
CA THR C 230 0.93 8.50 35.78
C THR C 230 0.07 9.05 36.92
N GLY C 231 -0.99 8.32 37.24
CA GLY C 231 -1.76 8.62 38.42
C GLY C 231 -3.05 9.38 38.15
N PRO C 232 -3.80 9.69 39.20
CA PRO C 232 -5.10 10.34 39.03
C PRO C 232 -4.98 11.78 38.57
N CYS C 233 -5.80 12.13 37.58
CA CYS C 233 -5.99 13.50 37.11
C CYS C 233 -7.38 13.95 37.50
N PRO C 234 -7.52 15.05 38.24
CA PRO C 234 -8.85 15.52 38.67
C PRO C 234 -9.49 16.57 37.77
N SER C 235 -8.95 16.83 36.58
CA SER C 235 -9.48 17.84 35.68
C SER C 235 -9.79 17.23 34.32
N VAL C 236 -10.49 16.10 34.34
CA VAL C 236 -10.74 15.32 33.13
C VAL C 236 -11.86 15.97 32.32
N SER C 237 -11.59 16.20 31.03
CA SER C 237 -12.58 16.71 30.11
C SER C 237 -12.53 15.90 28.82
N THR C 238 -13.69 15.51 28.31
CA THR C 238 -13.72 14.76 27.06
C THR C 238 -13.47 15.67 25.88
N VAL C 239 -13.17 15.07 24.73
CA VAL C 239 -12.89 15.82 23.52
C VAL C 239 -13.33 14.98 22.33
N GLN C 240 -13.71 15.66 21.24
CA GLN C 240 -14.05 14.97 20.01
C GLN C 240 -12.81 14.32 19.38
N CYS C 241 -11.80 15.12 19.07
CA CYS C 241 -10.57 14.66 18.48
C CYS C 241 -9.38 15.32 19.17
N THR C 242 -8.22 14.71 19.02
CA THR C 242 -7.00 15.25 19.61
C THR C 242 -6.52 16.48 18.84
N HIS C 243 -5.53 17.16 19.41
CA HIS C 243 -4.96 18.32 18.75
C HIS C 243 -4.00 17.88 17.64
N GLY C 244 -3.46 18.87 16.92
CA GLY C 244 -2.57 18.59 15.81
C GLY C 244 -1.23 18.04 16.24
N ILE C 245 -1.00 16.76 15.97
CA ILE C 245 0.23 16.07 16.34
C ILE C 245 1.06 15.89 15.08
N LYS C 246 2.21 16.54 15.04
CA LYS C 246 3.08 16.46 13.86
C LYS C 246 4.01 15.27 13.99
N PRO C 247 4.01 14.33 13.03
CA PRO C 247 4.93 13.20 13.11
C PRO C 247 6.37 13.59 12.79
N VAL C 248 7.04 14.23 13.74
CA VAL C 248 8.42 14.66 13.57
C VAL C 248 9.32 13.59 14.16
N VAL C 249 10.20 13.03 13.33
CA VAL C 249 11.15 12.02 13.78
C VAL C 249 12.47 12.69 14.13
N SER C 250 12.99 12.39 15.32
CA SER C 250 14.18 13.04 15.82
C SER C 250 14.80 12.16 16.90
N THR C 251 16.05 12.46 17.24
CA THR C 251 16.78 11.74 18.27
C THR C 251 17.53 12.76 19.11
N GLN C 252 17.48 12.56 20.44
CA GLN C 252 18.15 13.31 21.52
C GLN C 252 17.54 14.67 21.77
N LEU C 253 16.63 15.12 20.91
CA LEU C 253 15.93 16.40 21.05
C LEU C 253 14.55 16.24 20.42
N LEU C 254 13.57 16.90 20.99
CA LEU C 254 12.19 16.84 20.50
C LEU C 254 11.89 18.12 19.73
N LEU C 255 12.10 18.08 18.42
CA LEU C 255 11.90 19.25 17.58
C LEU C 255 10.42 19.41 17.22
N ASN C 256 9.95 20.66 17.26
CA ASN C 256 8.61 21.08 16.84
C ASN C 256 7.51 20.34 17.62
N GLY C 257 7.51 20.54 18.94
CA GLY C 257 6.58 19.86 19.81
C GLY C 257 5.82 20.84 20.69
N SER C 258 4.89 20.28 21.47
CA SER C 258 4.09 21.07 22.38
C SER C 258 4.89 21.45 23.62
N LEU C 259 4.66 22.66 24.11
CA LEU C 259 5.37 23.19 25.26
C LEU C 259 4.55 23.03 26.53
N ALA C 260 5.24 22.89 27.65
CA ALA C 260 4.57 22.89 28.95
C ALA C 260 4.11 24.29 29.30
N GLU C 261 3.15 24.37 30.24
CA GLU C 261 2.53 25.64 30.55
C GLU C 261 3.21 26.38 31.70
N GLU C 262 3.59 25.66 32.75
CA GLU C 262 4.10 26.29 33.97
C GLU C 262 5.60 26.04 34.18
N GLU C 263 6.03 24.78 34.24
CA GLU C 263 7.40 24.45 34.56
C GLU C 263 7.91 23.37 33.64
N VAL C 264 9.23 23.17 33.66
CA VAL C 264 9.85 22.08 32.92
C VAL C 264 9.49 20.76 33.59
N MET C 265 8.95 19.82 32.82
CA MET C 265 8.39 18.60 33.36
C MET C 265 9.31 17.42 33.10
N ILE C 266 9.57 16.64 34.15
CA ILE C 266 10.37 15.42 34.08
C ILE C 266 9.42 14.24 34.19
N ARG C 267 9.38 13.39 33.15
CA ARG C 267 8.49 12.24 33.13
C ARG C 267 9.29 10.97 32.91
N SER C 268 9.13 9.99 33.79
CA SER C 268 9.76 8.69 33.61
C SER C 268 8.84 7.62 34.19
N GLU C 269 9.00 6.41 33.67
CA GLU C 269 8.20 5.29 34.19
C GLU C 269 8.64 4.91 35.60
N ASN C 270 9.94 4.98 35.86
CA ASN C 270 10.48 4.69 37.20
C ASN C 270 11.75 5.51 37.33
N ILE C 271 11.75 6.47 38.27
CA ILE C 271 12.89 7.36 38.45
C ILE C 271 14.09 6.60 39.00
N THR C 272 13.86 5.70 39.97
CA THR C 272 14.95 4.99 40.64
C THR C 272 15.65 4.02 39.68
N ASN C 273 14.88 3.36 38.80
CA ASN C 273 15.49 2.48 37.81
C ASN C 273 16.18 3.31 36.73
N ASN C 274 17.43 2.97 36.46
CA ASN C 274 18.24 3.70 35.49
C ASN C 274 18.13 3.14 34.07
N ALA C 275 17.34 2.09 33.87
CA ALA C 275 17.13 1.53 32.55
C ALA C 275 15.93 2.15 31.83
N LYS C 276 15.30 3.16 32.42
CA LYS C 276 14.14 3.82 31.85
C LYS C 276 14.52 5.18 31.33
N ASN C 277 14.04 5.51 30.13
CA ASN C 277 14.31 6.82 29.54
C ASN C 277 13.54 7.92 30.27
N ILE C 278 14.11 9.12 30.26
CA ILE C 278 13.54 10.27 30.93
C ILE C 278 13.14 11.29 29.86
N LEU C 279 11.87 11.71 29.87
CA LEU C 279 11.37 12.69 28.93
C LEU C 279 11.33 14.04 29.63
N VAL C 280 12.08 15.00 29.11
CA VAL C 280 12.12 16.36 29.63
C VAL C 280 11.35 17.26 28.69
N GLN C 281 10.37 17.98 29.23
CA GLN C 281 9.53 18.88 28.44
C GLN C 281 9.77 20.31 28.89
N PHE C 282 10.07 21.18 27.94
CA PHE C 282 10.41 22.57 28.21
C PHE C 282 9.16 23.44 28.25
N ASN C 283 9.27 24.57 28.93
CA ASN C 283 8.22 25.59 28.92
C ASN C 283 8.52 26.74 27.97
N THR C 284 9.78 26.88 27.53
CA THR C 284 10.18 27.85 26.54
C THR C 284 11.01 27.14 25.46
N PRO C 285 10.94 27.59 24.21
CA PRO C 285 11.69 26.91 23.14
C PRO C 285 13.06 27.51 22.92
N VAL C 286 13.95 26.68 22.38
CA VAL C 286 15.29 27.07 21.99
C VAL C 286 15.40 26.94 20.46
N GLN C 287 15.78 28.02 19.80
CA GLN C 287 15.78 28.05 18.34
C GLN C 287 17.07 27.45 17.79
N ILE C 288 16.93 26.69 16.71
CA ILE C 288 18.07 26.09 16.02
C ILE C 288 17.94 26.38 14.52
N ASN C 289 19.05 26.80 13.92
CA ASN C 289 19.14 27.21 12.51
C ASN C 289 20.26 26.42 11.85
N CYS C 290 20.03 25.94 10.62
CA CYS C 290 21.05 25.14 9.95
C CYS C 290 21.49 25.73 8.62
N THR C 291 22.64 25.20 8.16
CA THR C 291 23.10 25.43 6.79
C THR C 291 23.53 24.12 6.17
N ARG C 292 23.38 24.03 4.85
CA ARG C 292 24.08 23.05 4.02
C ARG C 292 24.73 23.92 2.96
N PRO C 293 25.94 24.43 3.22
CA PRO C 293 26.48 25.50 2.38
C PRO C 293 26.95 25.08 1.00
N ASN C 294 26.92 23.78 0.67
CA ASN C 294 27.30 23.33 -0.66
C ASN C 294 26.17 23.62 -1.64
N ASN C 295 26.48 24.34 -2.72
CA ASN C 295 25.51 24.63 -3.77
C ASN C 295 25.45 23.42 -4.69
N ASN C 296 24.60 22.46 -4.32
CA ASN C 296 24.50 21.19 -5.03
C ASN C 296 23.76 21.35 -6.35
N THR C 297 24.15 20.53 -7.33
CA THR C 297 23.48 20.44 -8.61
C THR C 297 23.01 19.00 -8.81
N ARG C 298 21.76 18.83 -9.21
CA ARG C 298 21.16 17.52 -9.39
C ARG C 298 21.01 17.23 -10.88
N LYS C 299 21.49 16.07 -11.31
CA LYS C 299 21.35 15.64 -12.70
C LYS C 299 20.67 14.26 -12.74
N SER C 300 19.87 14.06 -13.79
CA SER C 300 19.00 12.89 -13.90
C SER C 300 19.63 11.89 -14.85
N ILE C 301 20.31 10.89 -14.29
CA ILE C 301 20.81 9.78 -15.08
C ILE C 301 19.65 8.85 -15.34
N ARG C 302 19.21 8.75 -16.59
CA ARG C 302 17.95 8.08 -16.90
C ARG C 302 18.24 6.61 -17.17
N ILE C 303 17.63 5.74 -16.38
CA ILE C 303 18.01 4.32 -16.37
C ILE C 303 17.33 3.58 -17.52
N GLY C 304 16.00 3.58 -17.53
CA GLY C 304 15.26 2.85 -18.53
C GLY C 304 14.03 3.59 -19.00
N PRO C 305 12.99 2.85 -19.39
CA PRO C 305 11.75 3.50 -19.85
C PRO C 305 10.96 4.11 -18.70
N GLY C 306 11.02 5.44 -18.58
CA GLY C 306 10.31 6.14 -17.55
C GLY C 306 10.92 6.10 -16.17
N GLN C 307 12.15 5.61 -16.04
CA GLN C 307 12.82 5.50 -14.76
C GLN C 307 14.07 6.35 -14.77
N ALA C 308 14.27 7.13 -13.70
CA ALA C 308 15.41 8.02 -13.59
C ALA C 308 16.07 7.85 -12.24
N PHE C 309 17.34 8.25 -12.16
CA PHE C 309 18.12 8.24 -10.94
C PHE C 309 18.73 9.63 -10.79
N TYR C 310 18.31 10.36 -9.76
CA TYR C 310 18.76 11.71 -9.55
C TYR C 310 20.06 11.66 -8.74
N ALA C 311 21.18 11.93 -9.40
CA ALA C 311 22.49 11.86 -8.78
C ALA C 311 22.93 13.24 -8.33
N THR C 312 24.19 13.35 -7.88
CA THR C 312 24.78 14.62 -7.51
C THR C 312 25.78 15.04 -8.57
N GLY C 313 25.61 16.23 -9.12
CA GLY C 313 26.52 16.78 -10.10
C GLY C 313 27.68 17.51 -9.44
N ASP C 314 28.24 18.45 -10.17
CA ASP C 314 29.33 19.25 -9.63
C ASP C 314 28.79 20.24 -8.60
N ILE C 315 29.63 20.55 -7.61
CA ILE C 315 29.29 21.51 -6.56
C ILE C 315 29.94 22.84 -6.91
N ILE C 316 29.12 23.87 -7.02
CA ILE C 316 29.59 25.18 -7.47
C ILE C 316 30.16 25.93 -6.27
N GLY C 317 31.43 26.31 -6.36
CA GLY C 317 32.09 27.02 -5.27
C GLY C 317 32.91 26.10 -4.39
N ASP C 318 33.13 26.52 -3.14
CA ASP C 318 33.88 25.71 -2.21
C ASP C 318 32.98 24.63 -1.58
N ILE C 319 33.61 23.68 -0.93
CA ILE C 319 32.91 22.59 -0.23
C ILE C 319 33.16 22.76 1.26
N ARG C 320 32.08 22.94 2.01
CA ARG C 320 32.15 23.11 3.45
C ARG C 320 31.15 22.18 4.12
N GLN C 321 31.47 21.78 5.35
CA GLN C 321 30.61 20.84 6.07
C GLN C 321 29.33 21.52 6.54
N ALA C 322 28.31 20.70 6.75
CA ALA C 322 27.05 21.20 7.26
C ALA C 322 27.11 21.37 8.77
N HIS C 323 26.41 22.37 9.28
CA HIS C 323 26.41 22.63 10.70
C HIS C 323 25.11 23.29 11.09
N CYS C 324 24.72 23.11 12.37
CA CYS C 324 23.63 23.91 12.90
C CYS C 324 23.72 24.26 14.38
N ASN C 325 23.24 25.48 14.66
CA ASN C 325 23.66 26.28 15.81
C ASN C 325 22.60 26.34 16.89
N VAL C 326 23.05 26.32 18.14
CA VAL C 326 22.19 26.52 19.31
C VAL C 326 22.73 27.72 20.09
N SER C 327 21.87 28.66 20.44
CA SER C 327 22.30 29.83 21.18
C SER C 327 22.76 29.46 22.59
N LYS C 328 23.88 30.05 23.01
CA LYS C 328 24.50 29.66 24.27
C LYS C 328 23.72 30.22 25.47
N ALA C 329 23.24 31.46 25.37
CA ALA C 329 22.62 32.14 26.49
C ALA C 329 21.24 31.59 26.84
N THR C 330 20.62 30.82 25.95
CA THR C 330 19.35 30.15 26.23
C THR C 330 19.54 28.72 26.71
N TRP C 331 20.44 27.98 26.06
CA TRP C 331 20.75 26.61 26.47
C TRP C 331 21.36 26.59 27.87
N ASN C 332 22.24 27.54 28.17
CA ASN C 332 22.52 27.85 29.56
C ASN C 332 21.31 28.53 30.15
N GLU C 333 20.93 28.08 31.35
CA GLU C 333 19.71 28.31 32.13
C GLU C 333 18.48 27.57 31.60
N THR C 334 18.52 27.05 30.37
CA THR C 334 17.59 25.97 30.05
C THR C 334 18.04 24.68 30.75
N LEU C 335 19.34 24.39 30.69
CA LEU C 335 19.92 23.34 31.51
C LEU C 335 19.81 23.66 32.99
N GLY C 336 19.80 24.95 33.35
CA GLY C 336 19.58 25.33 34.74
C GLY C 336 18.19 24.99 35.24
N LYS C 337 17.16 25.25 34.43
CA LYS C 337 15.80 24.83 34.75
C LYS C 337 15.69 23.32 34.81
N VAL C 338 16.37 22.62 33.90
CA VAL C 338 16.36 21.15 33.89
C VAL C 338 17.00 20.59 35.16
N VAL C 339 18.12 21.17 35.60
CA VAL C 339 18.80 20.71 36.82
C VAL C 339 17.97 21.03 38.05
N LYS C 340 17.33 22.21 38.07
CA LYS C 340 16.48 22.59 39.20
C LYS C 340 15.27 21.67 39.33
N GLN C 341 14.67 21.27 38.20
CA GLN C 341 13.58 20.31 38.27
C GLN C 341 14.03 18.87 38.44
N LEU C 342 15.30 18.55 38.16
CA LEU C 342 15.83 17.22 38.38
C LEU C 342 16.30 17.00 39.81
N ARG C 343 16.60 18.06 40.55
CA ARG C 343 17.01 17.90 41.94
C ARG C 343 15.84 17.62 42.88
N LYS C 344 14.60 17.68 42.40
CA LYS C 344 13.45 17.34 43.22
C LYS C 344 13.25 15.84 43.37
N HIS C 345 13.88 15.03 42.52
CA HIS C 345 13.76 13.58 42.61
C HIS C 345 15.02 12.89 43.12
N PHE C 346 16.18 13.51 42.99
CA PHE C 346 17.45 12.87 43.31
C PHE C 346 18.14 13.47 44.52
N GLY C 347 17.59 14.50 45.13
CA GLY C 347 18.19 15.11 46.30
C GLY C 347 18.62 16.55 46.04
N ASN C 348 18.72 17.32 47.13
CA ASN C 348 19.04 18.73 47.06
C ASN C 348 20.53 19.01 46.92
N ASN C 349 21.40 18.02 47.13
CA ASN C 349 22.84 18.25 47.19
C ASN C 349 23.61 17.49 46.13
N THR C 350 22.94 16.79 45.22
CA THR C 350 23.63 16.03 44.20
C THR C 350 24.21 16.95 43.13
N ILE C 351 25.36 16.56 42.59
CA ILE C 351 26.05 17.28 41.54
C ILE C 351 25.57 16.71 40.21
N ILE C 352 24.86 17.52 39.44
CA ILE C 352 24.26 17.03 38.20
C ILE C 352 25.23 17.26 37.05
N ARG C 353 25.61 16.17 36.38
CA ARG C 353 26.57 16.24 35.29
C ARG C 353 25.91 15.86 33.97
N PHE C 354 26.55 16.25 32.88
CA PHE C 354 26.11 15.87 31.54
C PHE C 354 27.28 15.36 30.73
N ALA C 355 27.03 14.36 29.88
CA ALA C 355 28.02 13.80 28.99
C ALA C 355 27.42 13.71 27.59
N ASN C 356 28.28 13.52 26.58
CA ASN C 356 27.82 13.74 25.21
C ASN C 356 26.98 12.56 24.69
N SER C 357 27.57 11.37 24.59
CA SER C 357 26.85 10.17 24.16
C SER C 357 27.69 8.95 24.49
N SER C 358 27.03 7.79 24.50
CA SER C 358 27.73 6.52 24.68
C SER C 358 27.17 5.43 23.78
N GLY C 359 26.48 5.79 22.71
CA GLY C 359 25.88 4.81 21.84
C GLY C 359 26.89 4.21 20.87
N GLY C 360 26.40 3.25 20.09
CA GLY C 360 27.24 2.60 19.10
C GLY C 360 26.78 2.84 17.68
N ASP C 361 25.48 2.97 17.49
CA ASP C 361 24.91 3.27 16.18
C ASP C 361 25.02 4.76 15.89
N LEU C 362 25.00 5.09 14.59
CA LEU C 362 25.05 6.50 14.20
C LEU C 362 23.76 7.22 14.53
N GLU C 363 22.62 6.52 14.46
CA GLU C 363 21.35 7.15 14.78
C GLU C 363 21.20 7.40 16.28
N VAL C 364 21.87 6.61 17.10
CA VAL C 364 21.80 6.78 18.56
C VAL C 364 22.82 7.79 19.05
N THR C 365 24.04 7.76 18.51
CA THR C 365 25.10 8.65 18.96
C THR C 365 24.83 10.10 18.56
N THR C 366 24.36 10.32 17.34
CA THR C 366 24.17 11.66 16.82
C THR C 366 22.69 12.03 16.79
N HIS C 367 22.44 13.34 16.91
CA HIS C 367 21.09 13.90 16.79
C HIS C 367 20.66 13.78 15.34
N SER C 368 19.76 12.85 15.08
CA SER C 368 19.34 12.53 13.72
C SER C 368 17.99 13.17 13.43
N PHE C 369 17.91 13.92 12.34
CA PHE C 369 16.64 14.54 11.97
C PHE C 369 16.65 14.78 10.46
N ASN C 370 15.60 15.45 9.96
CA ASN C 370 15.43 15.70 8.55
C ASN C 370 15.21 17.20 8.34
N CYS C 371 16.23 17.89 7.84
CA CYS C 371 16.16 19.32 7.58
C CYS C 371 15.98 19.49 6.07
N GLY C 372 14.81 20.00 5.67
CA GLY C 372 14.55 20.42 4.32
C GLY C 372 14.47 19.33 3.27
N GLY C 373 14.55 18.07 3.66
CA GLY C 373 14.62 16.99 2.69
C GLY C 373 15.89 16.18 2.83
N GLU C 374 16.90 16.72 3.51
CA GLU C 374 18.15 15.99 3.73
C GLU C 374 18.27 15.58 5.19
N PHE C 375 18.77 14.37 5.40
CA PHE C 375 18.83 13.75 6.73
C PHE C 375 20.15 14.11 7.38
N PHE C 376 20.09 14.89 8.46
CA PHE C 376 21.27 15.35 9.16
C PHE C 376 21.52 14.51 10.40
N TYR C 377 22.80 14.28 10.70
CA TYR C 377 23.26 13.57 11.89
C TYR C 377 24.25 14.51 12.57
N CYS C 378 23.76 15.29 13.54
CA CYS C 378 24.57 16.33 14.16
C CYS C 378 25.24 15.82 15.43
N ASN C 379 26.49 16.23 15.62
CA ASN C 379 27.31 15.79 16.75
C ASN C 379 27.06 16.72 17.92
N THR C 380 26.08 16.37 18.76
CA THR C 380 25.73 17.19 19.92
C THR C 380 26.64 16.80 21.09
N SER C 381 27.87 17.31 21.04
CA SER C 381 28.82 17.11 22.11
C SER C 381 29.11 18.37 22.90
N GLY C 382 28.95 19.55 22.31
CA GLY C 382 29.09 20.79 23.03
C GLY C 382 27.87 21.23 23.79
N LEU C 383 26.72 20.62 23.52
CA LEU C 383 25.50 20.93 24.25
C LEU C 383 25.48 20.22 25.61
N PHE C 384 25.74 18.91 25.61
CA PHE C 384 25.69 18.11 26.83
C PHE C 384 27.10 17.93 27.38
N ASN C 385 27.62 19.04 27.90
CA ASN C 385 28.96 19.10 28.49
C ASN C 385 28.88 20.17 29.58
N SER C 386 28.58 19.75 30.80
CA SER C 386 28.40 20.66 31.92
C SER C 386 28.42 19.87 33.22
N THR C 387 28.75 20.58 34.30
CA THR C 387 28.55 20.09 35.66
C THR C 387 27.88 21.19 36.46
N TRP C 388 27.01 20.80 37.39
CA TRP C 388 26.17 21.73 38.14
C TRP C 388 26.24 21.36 39.60
N ILE C 389 26.82 22.24 40.41
CA ILE C 389 26.99 22.03 41.84
C ILE C 389 26.03 22.97 42.57
N SER C 390 25.38 22.45 43.61
CA SER C 390 24.45 23.26 44.39
C SER C 390 25.23 24.20 45.30
N ASN C 391 24.97 25.49 45.17
CA ASN C 391 25.65 26.50 45.99
C ASN C 391 24.96 26.66 47.34
N SER C 402 27.15 38.11 24.57
CA SER C 402 25.75 37.73 24.72
C SER C 402 25.16 37.24 23.40
N ASN C 403 26.01 37.11 22.38
CA ASN C 403 25.60 36.64 21.07
C ASN C 403 26.37 35.40 20.63
N ASP C 404 27.14 34.78 21.53
CA ASP C 404 27.88 33.58 21.17
C ASP C 404 26.96 32.39 21.01
N SER C 405 27.31 31.51 20.08
CA SER C 405 26.51 30.35 19.75
C SER C 405 27.39 29.11 19.68
N ILE C 406 26.77 27.96 19.94
CA ILE C 406 27.42 26.66 19.88
C ILE C 406 27.14 26.07 18.51
N THR C 407 28.19 25.75 17.78
CA THR C 407 28.09 25.20 16.43
C THR C 407 28.24 23.69 16.48
N LEU C 408 27.23 22.98 15.99
CA LEU C 408 27.24 21.53 15.96
C LEU C 408 27.50 21.04 14.54
N PRO C 409 28.63 20.39 14.27
CA PRO C 409 28.88 19.84 12.92
C PRO C 409 28.01 18.62 12.67
N CYS C 410 27.46 18.53 11.46
CA CYS C 410 26.55 17.46 11.10
C CYS C 410 27.03 16.73 9.85
N ARG C 411 26.66 15.47 9.75
CA ARG C 411 26.99 14.65 8.60
C ARG C 411 25.71 14.28 7.85
N ILE C 412 25.84 14.04 6.55
CA ILE C 412 24.71 13.83 5.66
C ILE C 412 24.81 12.42 5.09
N LYS C 413 23.72 11.66 5.20
CA LYS C 413 23.62 10.32 4.67
C LYS C 413 22.44 10.25 3.70
N GLN C 414 22.60 9.44 2.65
CA GLN C 414 21.59 9.32 1.61
C GLN C 414 20.85 7.99 1.63
N ILE C 415 21.51 6.90 1.98
CA ILE C 415 20.86 5.60 2.12
C ILE C 415 20.32 5.53 3.55
N ILE C 416 18.99 5.50 3.68
CA ILE C 416 18.32 5.67 4.96
C ILE C 416 17.54 4.40 5.28
N ASN C 417 17.83 3.80 6.44
CA ASN C 417 17.03 2.74 7.02
C ASN C 417 16.33 3.34 8.23
N MET C 418 15.04 3.65 8.08
CA MET C 418 14.38 4.55 9.02
C MET C 418 13.77 3.81 10.22
N TRP C 419 12.89 2.85 9.98
CA TRP C 419 12.16 2.20 11.05
C TRP C 419 12.83 0.92 11.53
N GLN C 420 14.11 0.73 11.20
CA GLN C 420 14.92 -0.41 11.62
C GLN C 420 14.32 -1.75 11.18
N ARG C 421 13.72 -1.76 10.00
CA ARG C 421 13.23 -2.99 9.39
C ARG C 421 14.34 -3.62 8.56
N ILE C 422 14.57 -4.91 8.76
CA ILE C 422 15.67 -5.59 8.10
C ILE C 422 15.30 -5.84 6.64
N GLY C 423 16.11 -5.30 5.73
CA GLY C 423 15.91 -5.52 4.31
C GLY C 423 15.12 -4.46 3.59
N GLN C 424 14.96 -3.26 4.16
CA GLN C 424 14.23 -2.18 3.51
C GLN C 424 14.97 -0.87 3.74
N CYS C 425 15.55 -0.32 2.68
CA CYS C 425 16.22 0.97 2.71
C CYS C 425 15.51 1.94 1.78
N MET C 426 15.99 3.18 1.75
CA MET C 426 15.41 4.20 0.88
C MET C 426 16.49 5.21 0.50
N TYR C 427 16.60 5.51 -0.78
CA TYR C 427 17.57 6.48 -1.27
C TYR C 427 16.92 7.85 -1.35
N ALA C 428 17.58 8.85 -0.76
CA ALA C 428 17.08 10.21 -0.75
C ALA C 428 17.72 11.00 -1.87
N PRO C 429 16.94 11.57 -2.81
CA PRO C 429 17.56 12.34 -3.89
C PRO C 429 18.12 13.65 -3.38
N PRO C 430 19.12 14.21 -4.06
CA PRO C 430 19.69 15.48 -3.62
C PRO C 430 18.74 16.64 -3.87
N ILE C 431 18.96 17.70 -3.10
CA ILE C 431 18.16 18.92 -3.18
C ILE C 431 19.06 20.05 -3.66
N GLN C 432 18.62 20.76 -4.68
CA GLN C 432 19.40 21.86 -5.23
C GLN C 432 19.39 23.05 -4.28
N GLY C 433 20.54 23.72 -4.18
CA GLY C 433 20.63 24.95 -3.42
C GLY C 433 21.11 24.74 -1.99
N VAL C 434 20.72 25.67 -1.14
CA VAL C 434 21.12 25.70 0.27
C VAL C 434 19.89 25.43 1.13
N ILE C 435 20.05 24.57 2.14
CA ILE C 435 18.96 24.13 3.00
C ILE C 435 19.18 24.71 4.39
N ARG C 436 18.13 25.30 4.96
CA ARG C 436 18.21 25.94 6.26
C ARG C 436 17.15 25.38 7.20
N CYS C 437 17.57 24.99 8.40
CA CYS C 437 16.62 24.68 9.47
C CYS C 437 16.14 25.98 10.12
N VAL C 438 14.95 25.90 10.69
CA VAL C 438 14.56 26.72 11.85
C VAL C 438 13.59 25.90 12.68
N SER C 439 13.98 25.58 13.91
CA SER C 439 13.19 24.63 14.69
C SER C 439 13.28 24.97 16.16
N ASN C 440 12.28 24.48 16.91
CA ASN C 440 12.17 24.68 18.35
C ASN C 440 12.56 23.38 19.04
N ILE C 441 13.55 23.46 19.94
CA ILE C 441 13.89 22.32 20.79
C ILE C 441 12.94 22.34 21.98
N THR C 442 11.97 21.43 21.99
CA THR C 442 10.91 21.42 22.99
C THR C 442 11.00 20.22 23.93
N GLY C 443 12.15 19.56 24.00
CA GLY C 443 12.26 18.43 24.90
C GLY C 443 13.56 17.68 24.69
N LEU C 444 13.84 16.81 25.67
CA LEU C 444 15.03 15.96 25.66
C LEU C 444 14.63 14.54 26.04
N ILE C 445 15.43 13.59 25.58
CA ILE C 445 15.31 12.19 25.95
C ILE C 445 16.62 11.81 26.64
N LEU C 446 16.63 11.90 27.97
CA LEU C 446 17.82 11.62 28.75
C LEU C 446 17.82 10.19 29.27
N THR C 447 18.98 9.76 29.76
CA THR C 447 19.18 8.43 30.31
C THR C 447 20.22 8.54 31.41
N ARG C 448 19.90 8.03 32.59
CA ARG C 448 20.76 8.18 33.76
C ARG C 448 21.70 7.00 33.90
N ASP C 449 22.96 7.30 34.23
CA ASP C 449 23.94 6.26 34.54
C ASP C 449 23.93 6.02 36.05
N GLY C 450 23.54 4.81 36.45
CA GLY C 450 23.44 4.48 37.86
C GLY C 450 24.76 4.11 38.49
N GLY C 451 24.77 3.07 39.31
CA GLY C 451 26.01 2.60 39.89
C GLY C 451 26.02 2.54 41.40
N SER C 452 25.36 3.48 42.07
CA SER C 452 25.36 3.51 43.52
C SER C 452 23.94 3.71 44.03
N THR C 453 23.66 3.10 45.18
CA THR C 453 22.39 3.35 45.86
C THR C 453 22.39 4.70 46.57
N ASN C 454 23.54 5.12 47.08
CA ASN C 454 23.72 6.46 47.66
C ASN C 454 24.84 7.21 46.92
N SER C 455 24.44 7.90 45.85
CA SER C 455 25.35 8.63 44.97
C SER C 455 25.25 10.12 45.26
N THR C 456 26.40 10.78 45.35
CA THR C 456 26.45 12.22 45.48
C THR C 456 26.55 12.93 44.14
N THR C 457 26.71 12.19 43.05
CA THR C 457 26.73 12.76 41.71
C THR C 457 25.89 11.89 40.78
N GLU C 458 25.34 12.52 39.74
CA GLU C 458 24.51 11.82 38.76
C GLU C 458 24.94 12.24 37.37
N THR C 459 25.02 11.27 36.46
CA THR C 459 25.41 11.53 35.08
C THR C 459 24.23 11.23 34.16
N PHE C 460 23.91 12.17 33.28
CA PHE C 460 22.80 12.06 32.36
C PHE C 460 23.32 12.18 30.93
N ARG C 461 22.97 11.22 30.09
CA ARG C 461 23.41 11.19 28.70
C ARG C 461 22.20 11.12 27.78
N PRO C 462 22.27 11.74 26.60
CA PRO C 462 21.16 11.68 25.65
C PRO C 462 20.91 10.26 25.13
N GLY C 463 19.64 9.97 24.90
CA GLY C 463 19.23 8.67 24.41
C GLY C 463 18.55 8.75 23.06
N GLY C 464 17.66 7.83 22.78
CA GLY C 464 16.97 7.81 21.50
C GLY C 464 16.60 6.37 21.15
N GLY C 465 16.81 6.03 19.88
CA GLY C 465 16.52 4.69 19.44
C GLY C 465 15.09 4.51 18.98
N ASP C 466 14.24 4.02 19.88
CA ASP C 466 12.84 3.80 19.57
C ASP C 466 12.12 5.13 19.35
N MET C 467 11.30 5.18 18.30
CA MET C 467 10.58 6.39 17.93
C MET C 467 9.23 6.50 18.62
N ARG C 468 8.88 5.55 19.49
CA ARG C 468 7.62 5.63 20.22
C ARG C 468 7.69 6.66 21.34
N ASP C 469 8.89 7.00 21.81
CA ASP C 469 9.02 8.05 22.82
C ASP C 469 8.90 9.45 22.25
N ASN C 470 9.00 9.59 20.93
CA ASN C 470 8.77 10.90 20.32
C ASN C 470 7.29 11.27 20.35
N TRP C 471 6.42 10.32 20.07
CA TRP C 471 4.98 10.55 20.06
C TRP C 471 4.32 10.28 21.41
N ARG C 472 5.05 9.73 22.37
CA ARG C 472 4.52 9.62 23.72
C ARG C 472 4.59 10.92 24.49
N SER C 473 5.36 11.89 24.01
CA SER C 473 5.39 13.22 24.60
C SER C 473 4.22 14.09 24.17
N GLU C 474 3.42 13.64 23.21
CA GLU C 474 2.22 14.32 22.76
C GLU C 474 0.94 13.63 23.17
N LEU C 475 0.91 12.31 23.13
CA LEU C 475 -0.26 11.53 23.57
C LEU C 475 -0.13 11.10 25.02
N TYR C 476 0.14 12.06 25.90
CA TYR C 476 0.30 11.77 27.32
C TYR C 476 -0.91 12.18 28.14
N LYS C 477 -1.71 13.11 27.64
CA LYS C 477 -2.92 13.57 28.33
C LYS C 477 -4.18 12.86 27.83
N TYR C 478 -4.08 12.00 26.83
CA TYR C 478 -5.24 11.40 26.20
C TYR C 478 -5.45 9.97 26.67
N LYS C 479 -6.70 9.54 26.64
CA LYS C 479 -7.08 8.18 27.04
C LYS C 479 -8.39 7.83 26.36
N VAL C 480 -8.45 6.65 25.74
CA VAL C 480 -9.63 6.19 25.02
C VAL C 480 -10.42 5.25 25.93
N VAL C 481 -11.73 5.47 26.00
CA VAL C 481 -12.63 4.66 26.82
C VAL C 481 -13.86 4.30 26.00
N LYS C 482 -14.53 3.22 26.41
CA LYS C 482 -15.80 2.84 25.83
C LYS C 482 -16.92 3.17 26.80
N ILE C 483 -18.12 3.38 26.25
CA ILE C 483 -19.29 3.74 27.03
C ILE C 483 -20.12 2.47 27.25
N GLU C 484 -20.53 2.25 28.50
CA GLU C 484 -21.36 1.12 28.90
C GLU C 484 -22.68 1.66 29.42
N PRO C 485 -23.62 2.01 28.53
CA PRO C 485 -24.86 2.68 28.96
C PRO C 485 -25.99 1.70 29.27
N LEU C 486 -25.84 0.96 30.35
CA LEU C 486 -26.87 0.02 30.79
C LEU C 486 -26.71 -0.17 32.30
N GLY C 487 -27.71 0.25 33.07
CA GLY C 487 -27.62 0.16 34.51
C GLY C 487 -28.90 -0.39 35.11
N VAL C 488 -28.75 -0.93 36.32
CA VAL C 488 -29.88 -1.38 37.12
C VAL C 488 -29.81 -0.69 38.48
N ALA C 489 -30.98 -0.32 39.01
CA ALA C 489 -30.97 0.47 40.24
C ALA C 489 -32.22 0.17 41.05
N PRO C 490 -32.14 0.19 42.38
CA PRO C 490 -33.35 -0.05 43.19
C PRO C 490 -34.19 1.22 43.33
N THR C 491 -35.48 1.07 43.08
CA THR C 491 -36.42 2.18 43.14
C THR C 491 -37.75 1.62 43.64
N ARG C 492 -38.46 2.38 44.47
CA ARG C 492 -39.74 1.97 45.04
C ARG C 492 -40.88 2.19 44.03
N CYS C 493 -40.85 1.38 42.97
CA CYS C 493 -41.89 1.37 41.96
C CYS C 493 -41.87 0.04 41.23
N LYS C 494 -43.04 -0.42 40.81
CA LYS C 494 -43.16 -1.71 40.14
C LYS C 494 -44.06 -1.58 38.93
N ARG C 495 -43.88 -2.49 37.99
CA ARG C 495 -44.64 -2.49 36.74
C ARG C 495 -46.02 -3.07 36.98
N ARG C 496 -47.04 -2.39 36.46
CA ARG C 496 -48.42 -2.87 36.56
C ARG C 496 -48.63 -4.12 35.73
N PHE D 17 -28.30 22.68 29.61
CA PHE D 17 -27.62 21.69 28.80
C PHE D 17 -26.19 21.49 29.28
N LEU D 18 -25.79 20.23 29.48
CA LEU D 18 -24.45 19.89 29.93
C LEU D 18 -23.52 19.50 28.78
N GLY D 19 -23.92 18.52 27.98
CA GLY D 19 -23.08 18.04 26.90
C GLY D 19 -23.21 16.55 26.69
N PHE D 20 -22.18 15.92 26.13
CA PHE D 20 -22.22 14.48 25.92
C PHE D 20 -22.08 13.73 27.23
N LEU D 21 -21.15 14.13 28.09
CA LEU D 21 -20.91 13.43 29.34
C LEU D 21 -20.85 14.40 30.52
N GLY D 22 -21.61 15.48 30.45
CA GLY D 22 -21.55 16.50 31.49
C GLY D 22 -22.14 16.08 32.82
N ALA D 23 -23.00 15.06 32.83
CA ALA D 23 -23.59 14.55 34.06
C ALA D 23 -22.85 13.35 34.62
N ALA D 24 -21.58 13.18 34.26
CA ALA D 24 -20.80 12.05 34.74
C ALA D 24 -20.20 12.27 36.11
N GLY D 25 -20.34 13.46 36.69
CA GLY D 25 -19.81 13.73 38.01
C GLY D 25 -20.89 14.10 39.00
N SER D 26 -22.06 14.45 38.50
CA SER D 26 -23.19 14.79 39.35
C SER D 26 -23.84 13.52 39.90
N THR D 27 -24.83 13.71 40.77
CA THR D 27 -25.54 12.60 41.38
C THR D 27 -26.44 11.90 40.35
N MET D 28 -26.82 10.67 40.67
CA MET D 28 -27.65 9.89 39.75
C MET D 28 -29.09 10.36 39.73
N GLY D 29 -29.52 11.16 40.71
CA GLY D 29 -30.81 11.80 40.63
C GLY D 29 -30.88 12.84 39.52
N ALA D 30 -29.80 13.57 39.29
CA ALA D 30 -29.74 14.55 38.23
C ALA D 30 -29.17 14.01 36.93
N ALA D 31 -28.46 12.88 36.98
CA ALA D 31 -27.93 12.29 35.76
C ALA D 31 -28.95 11.44 35.03
N SER D 32 -30.06 11.08 35.68
CA SER D 32 -31.11 10.30 35.03
C SER D 32 -32.07 11.15 34.23
N MET D 33 -31.96 12.47 34.30
CA MET D 33 -32.79 13.36 33.51
C MET D 33 -32.18 13.70 32.15
N THR D 34 -30.93 13.28 31.91
CA THR D 34 -30.26 13.57 30.65
C THR D 34 -29.79 12.28 29.99
N LEU D 35 -30.65 11.26 29.94
CA LEU D 35 -30.28 10.01 29.29
C LEU D 35 -30.41 10.08 27.77
N THR D 36 -31.01 11.14 27.23
CA THR D 36 -31.18 11.24 25.79
C THR D 36 -29.86 11.59 25.11
N VAL D 37 -29.03 12.43 25.76
CA VAL D 37 -27.81 12.91 25.13
C VAL D 37 -26.72 11.83 25.05
N GLN D 38 -26.85 10.76 25.83
CA GLN D 38 -25.95 9.62 25.72
C GLN D 38 -26.53 8.47 24.90
N ALA D 39 -27.85 8.39 24.78
CA ALA D 39 -28.46 7.35 23.96
C ALA D 39 -28.29 7.64 22.47
N ARG D 40 -28.45 8.90 22.07
CA ARG D 40 -28.40 9.25 20.65
C ARG D 40 -26.99 9.28 20.08
N ASN D 41 -25.96 9.22 20.93
CA ASN D 41 -24.60 9.40 20.44
C ASN D 41 -23.90 8.05 20.50
N LEU D 42 -24.61 7.01 20.07
CA LEU D 42 -24.09 5.65 20.07
C LEU D 42 -23.98 5.04 18.68
N LEU D 43 -24.45 5.72 17.63
CA LEU D 43 -24.46 5.15 16.29
C LEU D 43 -23.53 5.86 15.32
N SER D 44 -23.67 7.17 15.14
CA SER D 44 -22.83 7.89 14.19
C SER D 44 -22.37 9.26 14.67
N GLY D 45 -22.69 9.65 15.90
CA GLY D 45 -22.30 10.96 16.40
C GLY D 45 -23.44 11.97 16.36
N GLN D 48 -21.12 15.55 19.87
CA GLN D 48 -20.05 16.03 20.73
C GLN D 48 -19.26 14.86 21.30
N GLN D 49 -19.19 13.77 20.54
CA GLN D 49 -18.53 12.54 20.97
C GLN D 49 -17.01 12.71 21.02
N GLY D 70 -9.86 2.31 4.90
CA GLY D 70 -11.00 1.60 4.35
C GLY D 70 -11.54 0.55 5.29
N ILE D 71 -10.68 -0.40 5.68
CA ILE D 71 -11.09 -1.45 6.61
C ILE D 71 -11.25 -0.88 8.01
N LYS D 72 -10.44 0.12 8.36
CA LYS D 72 -10.51 0.75 9.68
C LYS D 72 -11.81 1.50 9.88
N GLN D 73 -12.35 2.12 8.82
CA GLN D 73 -13.68 2.70 8.90
C GLN D 73 -14.75 1.61 9.03
N LEU D 74 -14.70 0.61 8.16
CA LEU D 74 -15.84 -0.27 7.96
C LEU D 74 -15.99 -1.28 9.10
N GLN D 75 -14.87 -1.81 9.60
CA GLN D 75 -14.92 -2.74 10.71
C GLN D 75 -15.37 -2.03 12.00
N ALA D 76 -14.94 -0.79 12.20
CA ALA D 76 -15.38 -0.02 13.35
C ALA D 76 -16.87 0.31 13.27
N ARG D 77 -17.37 0.62 12.06
CA ARG D 77 -18.80 0.88 11.89
C ARG D 77 -19.64 -0.37 12.14
N VAL D 78 -19.18 -1.52 11.65
CA VAL D 78 -19.88 -2.78 11.88
C VAL D 78 -19.86 -3.15 13.37
N LEU D 79 -18.74 -2.90 14.04
CA LEU D 79 -18.64 -3.17 15.47
C LEU D 79 -19.57 -2.27 16.28
N ALA D 80 -19.68 -0.99 15.90
CA ALA D 80 -20.59 -0.07 16.57
C ALA D 80 -22.05 -0.47 16.36
N VAL D 81 -22.39 -0.91 15.14
CA VAL D 81 -23.75 -1.37 14.85
C VAL D 81 -24.10 -2.61 15.67
N GLU D 82 -23.16 -3.56 15.74
CA GLU D 82 -23.40 -4.79 16.50
C GLU D 82 -23.48 -4.52 18.01
N ARG D 83 -22.66 -3.59 18.51
CA ARG D 83 -22.70 -3.24 19.93
C ARG D 83 -24.00 -2.52 20.28
N TYR D 84 -24.54 -1.72 19.36
CA TYR D 84 -25.86 -1.12 19.59
C TYR D 84 -26.95 -2.18 19.56
N LEU D 85 -26.86 -3.13 18.63
CA LEU D 85 -27.92 -4.13 18.46
C LEU D 85 -27.95 -5.12 19.62
N ARG D 86 -26.79 -5.44 20.21
CA ARG D 86 -26.77 -6.31 21.38
C ARG D 86 -27.47 -5.68 22.58
N ASP D 87 -27.26 -4.38 22.80
CA ASP D 87 -27.94 -3.69 23.89
C ASP D 87 -29.43 -3.55 23.61
N GLN D 88 -29.81 -3.33 22.34
CA GLN D 88 -31.23 -3.28 21.98
C GLN D 88 -31.90 -4.64 22.19
N GLN D 89 -31.20 -5.73 21.85
CA GLN D 89 -31.73 -7.06 22.10
C GLN D 89 -31.87 -7.34 23.59
N LEU D 90 -30.88 -6.93 24.38
CA LEU D 90 -30.94 -7.12 25.84
C LEU D 90 -32.07 -6.31 26.46
N LEU D 91 -32.36 -5.13 25.93
CA LEU D 91 -33.54 -4.39 26.37
C LEU D 91 -34.83 -5.08 25.92
N GLY D 92 -34.82 -5.69 24.74
CA GLY D 92 -36.03 -6.32 24.23
C GLY D 92 -36.41 -7.63 24.90
N ILE D 93 -35.42 -8.39 25.39
CA ILE D 93 -35.71 -9.65 26.06
C ILE D 93 -36.40 -9.41 27.40
N TRP D 94 -35.98 -8.38 28.13
CA TRP D 94 -36.57 -8.10 29.44
C TRP D 94 -37.92 -7.42 29.36
N GLY D 95 -38.38 -7.03 28.17
CA GLY D 95 -39.62 -6.30 28.04
C GLY D 95 -39.49 -4.80 28.19
N CYS D 96 -38.27 -4.27 28.27
CA CYS D 96 -38.02 -2.85 28.45
C CYS D 96 -37.78 -2.14 27.11
N SER D 97 -38.38 -2.65 26.04
CA SER D 97 -38.09 -2.15 24.70
C SER D 97 -38.78 -0.82 24.42
N GLY D 98 -38.05 0.09 23.78
CA GLY D 98 -38.60 1.34 23.34
C GLY D 98 -38.58 2.48 24.34
N LYS D 99 -38.11 2.23 25.56
CA LYS D 99 -38.10 3.25 26.60
C LYS D 99 -36.76 3.26 27.32
N LEU D 100 -36.37 4.46 27.76
CA LEU D 100 -35.08 4.60 28.44
C LEU D 100 -35.16 4.21 29.91
N ILE D 101 -36.25 4.56 30.58
CA ILE D 101 -36.47 4.19 31.97
C ILE D 101 -37.65 3.21 32.02
N CYS D 102 -37.43 2.06 32.63
CA CYS D 102 -38.47 1.06 32.74
C CYS D 102 -38.51 0.51 34.16
N CYS D 103 -39.68 0.02 34.55
CA CYS D 103 -39.89 -0.59 35.86
C CYS D 103 -40.17 -2.07 35.66
N THR D 104 -39.62 -2.90 36.56
CA THR D 104 -39.77 -4.34 36.45
C THR D 104 -40.30 -4.90 37.77
N ASN D 105 -40.53 -6.21 37.78
CA ASN D 105 -41.12 -6.90 38.92
C ASN D 105 -40.09 -7.66 39.76
N VAL D 106 -38.80 -7.55 39.44
CA VAL D 106 -37.77 -8.27 40.17
C VAL D 106 -37.52 -7.56 41.50
N PRO D 107 -37.69 -8.23 42.63
CA PRO D 107 -37.41 -7.58 43.93
C PRO D 107 -35.92 -7.40 44.15
N TRP D 108 -35.59 -6.35 44.90
CA TRP D 108 -34.19 -6.02 45.17
C TRP D 108 -33.69 -6.86 46.34
N ASN D 109 -32.76 -7.76 46.07
CA ASN D 109 -32.12 -8.54 47.11
C ASN D 109 -31.24 -7.63 47.96
N SER D 110 -31.28 -7.85 49.28
CA SER D 110 -30.47 -7.03 50.19
C SER D 110 -29.00 -7.41 50.17
N SER D 111 -28.67 -8.60 49.67
CA SER D 111 -27.28 -9.03 49.62
C SER D 111 -26.49 -8.30 48.53
N TRP D 112 -27.17 -7.80 47.50
CA TRP D 112 -26.49 -7.05 46.45
C TRP D 112 -25.98 -5.71 46.96
N SER D 113 -26.86 -4.96 47.64
CA SER D 113 -26.50 -3.67 48.22
C SER D 113 -27.50 -3.35 49.32
N ASN D 114 -26.99 -2.95 50.48
CA ASN D 114 -27.82 -2.61 51.64
C ASN D 114 -27.59 -1.14 51.95
N ARG D 115 -28.40 -0.27 51.35
CA ARG D 115 -28.24 1.17 51.53
C ARG D 115 -29.57 1.86 51.27
N ASN D 116 -29.67 3.09 51.77
CA ASN D 116 -30.91 3.85 51.71
C ASN D 116 -31.20 4.34 50.30
N LEU D 117 -32.48 4.58 50.02
CA LEU D 117 -32.87 5.14 48.74
C LEU D 117 -32.44 6.61 48.63
N SER D 118 -32.56 7.35 49.72
CA SER D 118 -32.19 8.77 49.73
C SER D 118 -30.69 8.99 49.84
N GLU D 119 -29.92 7.93 50.07
CA GLU D 119 -28.46 7.99 50.08
C GLU D 119 -27.86 7.54 48.76
N ILE D 120 -28.45 6.52 48.13
CA ILE D 120 -27.96 6.02 46.85
C ILE D 120 -28.24 7.04 45.74
N TRP D 121 -29.43 7.62 45.71
CA TRP D 121 -29.85 8.50 44.64
C TRP D 121 -29.42 9.95 44.83
N ASP D 122 -28.84 10.30 45.97
CA ASP D 122 -28.49 11.69 46.25
C ASP D 122 -27.04 11.92 46.65
N ASN D 123 -26.26 10.87 46.93
CA ASN D 123 -24.89 11.04 47.35
C ASN D 123 -23.96 10.03 46.67
N MET D 124 -24.34 9.55 45.49
CA MET D 124 -23.51 8.63 44.73
C MET D 124 -23.51 9.05 43.26
N THR D 125 -22.58 8.47 42.52
CA THR D 125 -22.41 8.72 41.09
C THR D 125 -22.55 7.39 40.38
N TRP D 126 -22.96 7.44 39.10
CA TRP D 126 -23.16 6.23 38.31
C TRP D 126 -21.88 5.42 38.13
N LEU D 127 -20.73 6.09 38.09
CA LEU D 127 -19.45 5.40 38.02
C LEU D 127 -19.19 4.62 39.31
N GLN D 128 -19.42 5.24 40.47
CA GLN D 128 -19.22 4.57 41.74
C GLN D 128 -20.23 3.45 41.94
N TRP D 129 -21.49 3.67 41.52
CA TRP D 129 -22.50 2.63 41.64
C TRP D 129 -22.20 1.45 40.73
N ASP D 130 -21.64 1.69 39.55
CA ASP D 130 -21.19 0.59 38.70
C ASP D 130 -19.97 -0.11 39.31
N LYS D 131 -19.10 0.65 39.99
CA LYS D 131 -17.94 0.04 40.66
C LYS D 131 -18.35 -0.83 41.83
N GLU D 132 -19.46 -0.52 42.50
CA GLU D 132 -19.96 -1.40 43.56
C GLU D 132 -20.51 -2.69 42.98
N ILE D 133 -21.55 -2.60 42.17
CA ILE D 133 -22.14 -3.80 41.54
C ILE D 133 -21.42 -4.02 40.21
N SER D 134 -20.25 -4.64 40.31
CA SER D 134 -19.59 -5.20 39.14
C SER D 134 -19.92 -6.67 38.99
N ASN D 135 -20.01 -7.37 40.11
CA ASN D 135 -20.60 -8.70 40.19
C ASN D 135 -22.09 -8.60 40.50
N TYR D 136 -22.76 -9.76 40.51
CA TYR D 136 -24.21 -9.98 40.61
C TYR D 136 -25.01 -9.37 39.46
N THR D 137 -24.37 -8.91 38.39
CA THR D 137 -25.12 -8.34 37.27
C THR D 137 -25.78 -9.42 36.43
N GLN D 138 -25.07 -10.55 36.25
CA GLN D 138 -25.59 -11.63 35.41
C GLN D 138 -26.81 -12.30 36.04
N ILE D 139 -26.82 -12.45 37.37
CA ILE D 139 -27.97 -13.04 38.02
C ILE D 139 -29.17 -12.08 38.00
N ILE D 140 -28.93 -10.76 38.08
CA ILE D 140 -30.01 -9.79 37.93
C ILE D 140 -30.59 -9.85 36.52
N TYR D 141 -29.72 -10.01 35.52
CA TYR D 141 -30.18 -10.15 34.14
C TYR D 141 -31.00 -11.42 33.94
N GLY D 142 -30.57 -12.51 34.59
CA GLY D 142 -31.30 -13.76 34.50
C GLY D 142 -32.67 -13.72 35.14
N LEU D 143 -32.77 -13.12 36.35
CA LEU D 143 -34.08 -12.94 36.97
C LEU D 143 -34.98 -11.98 36.19
N LEU D 144 -34.43 -10.94 35.56
CA LEU D 144 -35.24 -10.07 34.71
C LEU D 144 -35.79 -10.82 33.50
N GLU D 145 -34.94 -11.63 32.86
CA GLU D 145 -35.36 -12.41 31.69
C GLU D 145 -36.43 -13.44 32.05
N GLU D 146 -36.24 -14.17 33.15
CA GLU D 146 -37.24 -15.18 33.52
C GLU D 146 -38.52 -14.54 34.06
N SER D 147 -38.43 -13.36 34.69
CA SER D 147 -39.64 -12.67 35.13
C SER D 147 -40.46 -12.17 33.95
N GLN D 148 -39.79 -11.67 32.91
CA GLN D 148 -40.52 -11.29 31.70
C GLN D 148 -41.09 -12.52 30.99
N ASN D 149 -40.40 -13.66 31.06
CA ASN D 149 -40.94 -14.90 30.49
C ASN D 149 -42.22 -15.35 31.19
N GLN D 150 -42.23 -15.32 32.53
CA GLN D 150 -43.45 -15.67 33.27
C GLN D 150 -44.56 -14.65 33.03
N GLN D 151 -44.21 -13.36 32.91
CA GLN D 151 -45.22 -12.35 32.61
C GLN D 151 -45.84 -12.56 31.23
N GLU D 152 -45.02 -12.92 30.24
CA GLU D 152 -45.51 -13.17 28.89
C GLU D 152 -46.39 -14.41 28.84
N LYS D 153 -46.01 -15.48 29.54
CA LYS D 153 -46.85 -16.68 29.52
C LYS D 153 -48.14 -16.49 30.31
N ASN D 154 -48.12 -15.65 31.36
CA ASN D 154 -49.36 -15.34 32.08
C ASN D 154 -50.27 -14.45 31.24
N GLU D 155 -49.69 -13.53 30.46
CA GLU D 155 -50.49 -12.72 29.55
C GLU D 155 -51.12 -13.58 28.44
N GLN D 156 -50.36 -14.55 27.94
CA GLN D 156 -50.90 -15.48 26.94
C GLN D 156 -52.02 -16.33 27.52
N ASP D 157 -51.85 -16.81 28.75
CA ASP D 157 -52.91 -17.59 29.41
C ASP D 157 -54.14 -16.74 29.72
N LEU D 158 -53.95 -15.46 30.03
CA LEU D 158 -55.09 -14.58 30.26
C LEU D 158 -55.84 -14.28 28.97
N LEU D 159 -55.11 -14.01 27.88
CA LEU D 159 -55.75 -13.74 26.60
C LEU D 159 -56.27 -14.99 25.90
N ALA D 160 -55.91 -16.18 26.39
CA ALA D 160 -56.47 -17.40 25.81
C ALA D 160 -57.95 -17.56 26.14
N LEU D 161 -58.41 -16.98 27.24
CA LEU D 161 -59.81 -17.05 27.62
C LEU D 161 -60.68 -16.17 26.72
N LEU E 28 -55.18 20.99 17.30
CA LEU E 28 -54.22 20.37 16.40
C LEU E 28 -52.96 19.96 17.15
N TRP E 29 -52.49 18.74 16.89
CA TRP E 29 -51.31 18.20 17.55
C TRP E 29 -50.39 17.57 16.52
N VAL E 30 -49.11 17.43 16.90
CA VAL E 30 -48.11 16.86 16.01
C VAL E 30 -48.31 15.36 15.94
N THR E 31 -48.30 14.82 14.72
CA THR E 31 -48.42 13.39 14.46
C THR E 31 -47.26 12.96 13.58
N VAL E 32 -46.58 11.88 13.98
CA VAL E 32 -45.37 11.41 13.32
C VAL E 32 -45.73 10.26 12.39
N TYR E 33 -45.37 10.39 11.12
CA TYR E 33 -45.61 9.37 10.11
C TYR E 33 -44.28 8.82 9.64
N TYR E 34 -44.18 7.50 9.54
CA TYR E 34 -42.99 6.81 9.05
C TYR E 34 -43.32 6.13 7.73
N GLY E 35 -42.53 6.43 6.70
CA GLY E 35 -42.76 5.87 5.39
C GLY E 35 -43.47 6.78 4.41
N VAL E 36 -43.27 8.09 4.49
CA VAL E 36 -43.93 9.02 3.57
C VAL E 36 -43.17 9.02 2.25
N PRO E 37 -43.83 9.27 1.11
CA PRO E 37 -43.11 9.35 -0.17
C PRO E 37 -42.44 10.70 -0.43
N VAL E 38 -41.33 10.93 0.28
CA VAL E 38 -40.55 12.17 0.18
C VAL E 38 -39.12 11.80 -0.18
N TRP E 39 -38.58 12.43 -1.23
CA TRP E 39 -37.20 12.23 -1.63
C TRP E 39 -36.48 13.56 -1.77
N LYS E 40 -35.16 13.51 -1.65
CA LYS E 40 -34.30 14.64 -1.94
C LYS E 40 -33.16 14.21 -2.85
N ASP E 41 -32.58 15.18 -3.56
CA ASP E 41 -31.48 14.89 -4.46
C ASP E 41 -30.21 14.59 -3.68
N ALA E 42 -29.56 13.48 -4.00
CA ALA E 42 -28.35 13.05 -3.29
C ALA E 42 -27.50 12.20 -4.24
N GLU E 43 -26.42 11.66 -3.70
CA GLU E 43 -25.49 10.85 -4.48
C GLU E 43 -25.05 9.65 -3.66
N THR E 44 -24.70 8.57 -4.35
CA THR E 44 -24.29 7.33 -3.71
C THR E 44 -23.44 6.53 -4.68
N THR E 45 -22.93 5.40 -4.21
CA THR E 45 -22.12 4.49 -5.03
C THR E 45 -23.04 3.42 -5.60
N LEU E 46 -23.41 3.58 -6.87
CA LEU E 46 -24.32 2.65 -7.52
C LEU E 46 -23.59 1.37 -7.90
N PHE E 47 -24.16 0.24 -7.55
CA PHE E 47 -23.58 -1.04 -7.93
C PHE E 47 -24.19 -1.52 -9.25
N CYS E 48 -23.49 -2.45 -9.89
CA CYS E 48 -23.81 -2.86 -11.25
C CYS E 48 -24.46 -4.23 -11.29
N ALA E 49 -25.27 -4.44 -12.32
CA ALA E 49 -25.88 -5.74 -12.59
C ALA E 49 -25.82 -6.02 -14.08
N SER E 50 -25.87 -7.30 -14.44
CA SER E 50 -25.78 -7.71 -15.83
C SER E 50 -26.68 -8.92 -16.05
N ASP E 51 -26.99 -9.17 -17.33
CA ASP E 51 -27.83 -10.30 -17.70
C ASP E 51 -27.09 -11.63 -17.54
N ASN E 61 -14.28 -11.00 -20.68
CA ASN E 61 -14.43 -9.60 -21.07
C ASN E 61 -13.75 -8.67 -20.05
N VAL E 62 -13.44 -7.46 -20.49
CA VAL E 62 -12.78 -6.50 -19.61
C VAL E 62 -13.75 -5.75 -18.71
N TRP E 63 -15.06 -5.97 -18.87
CA TRP E 63 -16.08 -5.28 -18.09
C TRP E 63 -16.53 -6.06 -16.87
N ALA E 64 -15.86 -7.17 -16.54
CA ALA E 64 -15.97 -7.89 -15.26
C ALA E 64 -17.41 -8.32 -14.95
N THR E 65 -18.09 -8.87 -15.96
CA THR E 65 -19.49 -9.25 -15.83
C THR E 65 -19.66 -10.45 -14.89
N HIS E 66 -18.66 -11.34 -14.82
CA HIS E 66 -18.71 -12.53 -13.98
C HIS E 66 -18.82 -12.22 -12.49
N ALA E 67 -18.39 -11.04 -12.05
CA ALA E 67 -18.47 -10.64 -10.65
C ALA E 67 -19.62 -9.68 -10.36
N CYS E 68 -20.51 -9.47 -11.32
CA CYS E 68 -21.65 -8.58 -11.13
C CYS E 68 -22.86 -9.36 -10.62
N VAL E 69 -23.81 -8.62 -10.06
CA VAL E 69 -25.03 -9.22 -9.53
C VAL E 69 -25.92 -9.66 -10.69
N PRO E 70 -26.47 -10.87 -10.67
CA PRO E 70 -27.43 -11.26 -11.71
C PRO E 70 -28.71 -10.46 -11.64
N THR E 71 -29.32 -10.25 -12.80
CA THR E 71 -30.52 -9.42 -12.93
C THR E 71 -31.76 -10.30 -13.01
N ASP E 72 -32.76 -9.97 -12.20
CA ASP E 72 -34.01 -10.73 -12.19
C ASP E 72 -35.02 -10.07 -13.13
N PRO E 73 -35.55 -10.79 -14.11
CA PRO E 73 -36.59 -10.21 -14.98
C PRO E 73 -37.90 -10.07 -14.20
N ASN E 74 -38.38 -8.84 -14.10
CA ASN E 74 -39.53 -8.52 -13.26
C ASN E 74 -40.14 -7.22 -13.77
N PRO E 75 -41.41 -6.93 -13.44
CA PRO E 75 -41.95 -5.59 -13.71
C PRO E 75 -41.36 -4.54 -12.78
N GLN E 76 -40.15 -4.09 -13.11
CA GLN E 76 -39.38 -3.23 -12.23
C GLN E 76 -39.76 -1.76 -12.34
N GLU E 77 -40.50 -1.38 -13.38
CA GLU E 77 -40.80 0.02 -13.65
C GLU E 77 -42.29 0.28 -13.47
N ILE E 78 -42.62 1.27 -12.64
CA ILE E 78 -43.99 1.71 -12.43
C ILE E 78 -44.05 3.21 -12.65
N HIS E 79 -45.27 3.70 -12.88
CA HIS E 79 -45.49 5.09 -13.26
C HIS E 79 -45.94 5.91 -12.05
N LEU E 80 -45.32 7.08 -11.88
CA LEU E 80 -45.72 8.05 -10.86
C LEU E 80 -46.60 9.10 -11.54
N GLU E 81 -47.82 9.27 -11.03
CA GLU E 81 -48.85 9.94 -11.82
C GLU E 81 -48.74 11.47 -11.77
N ASN E 82 -48.93 12.06 -10.60
CA ASN E 82 -49.03 13.51 -10.49
C ASN E 82 -47.75 14.12 -9.92
N VAL E 83 -46.65 14.01 -10.66
CA VAL E 83 -45.36 14.51 -10.19
C VAL E 83 -44.63 15.20 -11.34
N THR E 84 -43.89 16.25 -11.01
CA THR E 84 -42.97 16.92 -11.93
C THR E 84 -41.62 17.03 -11.25
N GLU E 85 -40.56 16.64 -11.94
CA GLU E 85 -39.23 16.62 -11.34
C GLU E 85 -38.23 17.34 -12.23
N GLU E 86 -37.31 18.07 -11.62
CA GLU E 86 -36.33 18.86 -12.35
C GLU E 86 -35.08 18.01 -12.62
N PHE E 87 -34.82 17.75 -13.90
CA PHE E 87 -33.66 16.97 -14.32
C PHE E 87 -32.59 17.88 -14.88
N ASN E 88 -31.34 17.39 -14.82
CA ASN E 88 -30.20 18.12 -15.36
C ASN E 88 -29.18 17.09 -15.86
N MET E 89 -29.03 17.00 -17.18
CA MET E 89 -28.08 16.07 -17.77
C MET E 89 -26.63 16.52 -17.60
N TRP E 90 -26.38 17.79 -17.28
CA TRP E 90 -25.02 18.32 -17.26
C TRP E 90 -24.41 18.38 -15.87
N LYS E 91 -25.20 18.15 -14.82
CA LYS E 91 -24.71 18.13 -13.44
C LYS E 91 -25.06 16.80 -12.79
N ASN E 92 -24.84 15.71 -13.54
CA ASN E 92 -25.17 14.38 -13.09
C ASN E 92 -23.93 13.67 -12.57
N ASN E 93 -24.07 13.02 -11.42
CA ASN E 93 -22.97 12.33 -10.77
C ASN E 93 -22.82 10.92 -11.32
N MET E 94 -23.87 10.37 -11.93
CA MET E 94 -23.85 9.00 -12.43
C MET E 94 -22.86 8.82 -13.57
N VAL E 95 -22.77 9.79 -14.47
CA VAL E 95 -21.81 9.70 -15.57
C VAL E 95 -20.37 9.84 -15.07
N GLU E 96 -20.14 10.70 -14.08
CA GLU E 96 -18.81 10.85 -13.50
C GLU E 96 -18.39 9.65 -12.67
N GLN E 97 -19.34 8.91 -12.12
CA GLN E 97 -19.04 7.64 -11.48
C GLN E 97 -18.82 6.52 -12.48
N MET E 98 -19.57 6.54 -13.60
CA MET E 98 -19.39 5.52 -14.63
C MET E 98 -18.06 5.64 -15.34
N HIS E 99 -17.56 6.87 -15.51
CA HIS E 99 -16.22 7.07 -16.10
C HIS E 99 -15.13 6.45 -15.21
N THR E 100 -15.24 6.69 -13.89
CA THR E 100 -14.28 6.11 -12.95
C THR E 100 -14.39 4.59 -12.90
N ASP E 101 -15.63 4.06 -13.00
CA ASP E 101 -15.81 2.62 -13.01
C ASP E 101 -15.23 1.98 -14.27
N ILE E 102 -15.41 2.63 -15.43
CA ILE E 102 -14.87 2.10 -16.68
C ILE E 102 -13.34 2.12 -16.66
N ILE E 103 -12.75 3.19 -16.12
CA ILE E 103 -11.30 3.26 -15.97
C ILE E 103 -10.78 2.18 -15.01
N SER E 104 -11.47 1.98 -13.87
CA SER E 104 -11.03 1.04 -12.87
C SER E 104 -11.18 -0.41 -13.32
N LEU E 105 -12.19 -0.71 -14.13
CA LEU E 105 -12.30 -2.05 -14.71
C LEU E 105 -11.45 -2.22 -15.97
N TRP E 106 -10.99 -1.12 -16.59
CA TRP E 106 -10.07 -1.27 -17.71
C TRP E 106 -8.66 -1.57 -17.23
N ASP E 107 -8.19 -0.84 -16.21
CA ASP E 107 -6.79 -1.00 -15.83
C ASP E 107 -6.54 -2.19 -14.90
N GLN E 108 -7.58 -2.88 -14.45
CA GLN E 108 -7.40 -4.08 -13.65
C GLN E 108 -7.46 -5.36 -14.48
N SER E 109 -7.95 -5.29 -15.73
CA SER E 109 -7.94 -6.44 -16.60
C SER E 109 -6.61 -6.62 -17.34
N LEU E 110 -5.73 -5.62 -17.29
CA LEU E 110 -4.41 -5.73 -17.89
C LEU E 110 -3.35 -6.21 -16.89
N LYS E 111 -3.71 -6.38 -15.62
CA LYS E 111 -2.77 -6.89 -14.63
C LYS E 111 -2.31 -8.33 -14.88
N PRO E 112 -3.19 -9.36 -15.23
CA PRO E 112 -2.65 -10.68 -15.60
C PRO E 112 -2.26 -10.79 -17.08
N CYS E 113 -1.46 -9.84 -17.55
CA CYS E 113 -0.99 -9.84 -18.93
C CYS E 113 0.49 -9.45 -18.94
N VAL E 114 1.17 -9.83 -20.01
CA VAL E 114 2.62 -9.65 -20.09
C VAL E 114 2.95 -8.17 -20.35
N LYS E 115 3.98 -7.68 -19.67
CA LYS E 115 4.48 -6.33 -19.87
C LYS E 115 5.62 -6.36 -20.86
N LEU E 116 5.57 -5.48 -21.86
CA LEU E 116 6.56 -5.46 -22.94
C LEU E 116 7.76 -4.59 -22.61
N THR E 117 8.40 -4.90 -21.47
CA THR E 117 9.67 -4.23 -21.13
C THR E 117 10.82 -4.51 -22.09
N PRO E 118 11.18 -5.75 -22.46
CA PRO E 118 12.38 -5.93 -23.29
C PRO E 118 12.20 -5.62 -24.77
N LEU E 119 11.04 -5.11 -25.19
CA LEU E 119 10.86 -4.71 -26.58
C LEU E 119 11.53 -3.37 -26.91
N CYS E 120 11.96 -2.62 -25.90
CA CYS E 120 12.60 -1.32 -26.10
C CYS E 120 14.04 -1.54 -26.57
N VAL E 121 14.18 -1.83 -27.86
CA VAL E 121 15.46 -2.08 -28.48
C VAL E 121 15.58 -1.20 -29.72
N THR E 122 16.67 -1.36 -30.46
CA THR E 122 16.89 -0.67 -31.71
C THR E 122 16.43 -1.56 -32.85
N LEU E 123 15.55 -1.04 -33.69
CA LEU E 123 14.98 -1.79 -34.79
C LEU E 123 15.64 -1.36 -36.10
N GLN E 124 16.02 -2.31 -36.93
CA GLN E 124 16.54 -2.01 -38.27
C GLN E 124 15.36 -2.19 -39.22
N CYS E 125 14.84 -1.08 -39.73
CA CYS E 125 13.61 -1.12 -40.51
C CYS E 125 13.87 -0.88 -41.99
N THR E 126 13.05 -1.52 -42.81
CA THR E 126 13.12 -1.43 -44.26
C THR E 126 11.71 -1.18 -44.78
N ASN E 127 11.60 -0.43 -45.87
CA ASN E 127 10.32 -0.30 -46.56
C ASN E 127 9.90 -1.65 -47.15
N VAL E 128 8.61 -1.95 -47.04
CA VAL E 128 8.03 -3.11 -47.71
C VAL E 128 7.46 -2.65 -49.05
N THR E 129 7.80 -3.37 -50.11
CA THR E 129 7.35 -3.06 -51.46
C THR E 129 6.85 -4.35 -52.11
N ASN E 130 5.97 -5.04 -51.39
CA ASN E 130 5.32 -6.25 -51.87
C ASN E 130 3.85 -5.93 -52.11
N ASN E 131 3.46 -5.84 -53.39
CA ASN E 131 2.08 -5.75 -53.85
C ASN E 131 1.38 -4.49 -53.34
N ILE E 132 2.12 -3.38 -53.29
CA ILE E 132 1.62 -2.13 -52.75
C ILE E 132 0.73 -1.45 -53.78
N THR E 133 -0.46 -1.00 -53.34
CA THR E 133 -1.43 -0.36 -54.21
C THR E 133 -1.36 1.16 -54.14
N ASP E 134 -0.17 1.71 -53.86
CA ASP E 134 0.20 3.13 -53.91
C ASP E 134 -0.54 4.01 -52.91
N ASP E 135 -1.40 3.47 -52.05
CA ASP E 135 -2.05 4.22 -50.99
C ASP E 135 -1.48 3.90 -49.62
N MET E 136 -1.28 2.61 -49.34
CA MET E 136 -0.57 2.18 -48.14
C MET E 136 0.92 2.00 -48.44
N ARG E 137 1.54 3.10 -48.84
CA ARG E 137 2.95 3.14 -49.18
C ARG E 137 3.68 3.96 -48.12
N GLY E 138 4.70 3.35 -47.51
CA GLY E 138 5.39 3.99 -46.41
C GLY E 138 4.70 3.88 -45.07
N GLU E 139 3.57 3.17 -45.00
CA GLU E 139 2.84 2.99 -43.76
C GLU E 139 3.33 1.78 -42.98
N LEU E 140 3.65 0.69 -43.67
CA LEU E 140 4.14 -0.52 -43.02
C LEU E 140 5.66 -0.58 -43.13
N LYS E 141 6.32 -0.89 -42.03
CA LYS E 141 7.77 -1.00 -41.95
C LYS E 141 8.13 -2.42 -41.53
N ASN E 142 9.08 -3.03 -42.24
CA ASN E 142 9.56 -4.37 -41.94
C ASN E 142 10.81 -4.20 -41.09
N CYS E 143 10.67 -4.40 -39.77
CA CYS E 143 11.74 -4.10 -38.82
C CYS E 143 12.25 -5.38 -38.19
N SER E 144 13.56 -5.57 -38.23
CA SER E 144 14.22 -6.71 -37.60
C SER E 144 14.96 -6.24 -36.36
N PHE E 145 15.00 -7.10 -35.34
CA PHE E 145 15.63 -6.72 -34.08
C PHE E 145 16.04 -7.98 -33.33
N ASN E 146 16.94 -7.79 -32.36
CA ASN E 146 17.37 -8.84 -31.45
C ASN E 146 16.37 -8.95 -30.32
N MET E 147 16.12 -10.19 -29.88
CA MET E 147 15.13 -10.46 -28.86
C MET E 147 15.69 -11.49 -27.88
N THR E 148 15.13 -11.48 -26.67
CA THR E 148 15.57 -12.40 -25.64
C THR E 148 15.00 -13.79 -25.89
N THR E 149 15.63 -14.78 -25.27
CA THR E 149 15.27 -16.18 -25.35
C THR E 149 14.85 -16.61 -23.95
N GLU E 150 14.03 -17.65 -23.85
CA GLU E 150 13.61 -18.19 -22.55
C GLU E 150 14.80 -18.68 -21.73
N LEU E 151 15.88 -19.11 -22.37
CA LEU E 151 17.15 -19.29 -21.69
C LEU E 151 17.84 -17.93 -21.56
N ARG E 152 18.41 -17.67 -20.39
CA ARG E 152 18.86 -16.31 -20.07
C ARG E 152 20.14 -15.93 -20.81
N ASP E 153 20.95 -16.91 -21.22
CA ASP E 153 22.24 -16.64 -21.85
C ASP E 153 22.20 -16.80 -23.36
N LYS E 154 21.03 -16.67 -23.98
CA LYS E 154 20.88 -16.82 -25.42
C LYS E 154 20.04 -15.68 -25.97
N LYS E 155 20.26 -15.36 -27.25
CA LYS E 155 19.54 -14.31 -27.93
C LYS E 155 19.11 -14.80 -29.31
N GLN E 156 18.07 -14.18 -29.86
CA GLN E 156 17.56 -14.56 -31.17
C GLN E 156 17.38 -13.31 -32.02
N LYS E 157 17.32 -13.49 -33.33
CA LYS E 157 17.13 -12.40 -34.27
C LYS E 157 15.80 -12.58 -34.98
N VAL E 158 14.82 -11.73 -34.65
CA VAL E 158 13.48 -11.88 -35.20
C VAL E 158 13.10 -10.64 -36.00
N TYR E 159 11.91 -10.65 -36.59
CA TYR E 159 11.44 -9.54 -37.40
C TYR E 159 9.93 -9.42 -37.26
N SER E 160 9.42 -8.23 -37.54
CA SER E 160 7.99 -7.95 -37.43
C SER E 160 7.62 -6.78 -38.32
N LEU E 161 6.34 -6.69 -38.64
CA LEU E 161 5.80 -5.61 -39.46
C LEU E 161 5.10 -4.62 -38.54
N PHE E 162 5.66 -3.42 -38.44
CA PHE E 162 5.10 -2.35 -37.61
C PHE E 162 4.45 -1.30 -38.49
N TYR E 163 3.62 -0.46 -37.88
CA TYR E 163 3.04 0.64 -38.62
C TYR E 163 3.91 1.89 -38.51
N ARG E 164 3.64 2.87 -39.38
CA ARG E 164 4.42 4.11 -39.36
C ARG E 164 4.08 4.96 -38.15
N LEU E 165 2.88 4.81 -37.60
CA LEU E 165 2.46 5.61 -36.46
C LEU E 165 2.98 5.08 -35.13
N ASP E 166 3.71 3.96 -35.13
CA ASP E 166 4.25 3.38 -33.91
C ASP E 166 5.76 3.49 -33.80
N VAL E 167 6.45 3.91 -34.86
CA VAL E 167 7.91 3.93 -34.86
C VAL E 167 8.41 5.36 -35.00
N VAL E 168 9.55 5.64 -34.37
CA VAL E 168 10.19 6.94 -34.39
C VAL E 168 11.67 6.73 -34.68
N GLN E 169 12.20 7.44 -35.66
CA GLN E 169 13.61 7.36 -35.99
C GLN E 169 14.46 7.98 -34.89
N ILE E 170 15.63 7.38 -34.66
CA ILE E 170 16.55 7.87 -33.64
C ILE E 170 17.75 8.60 -34.25
N ASN E 171 18.12 8.30 -35.50
CA ASN E 171 19.24 8.97 -36.16
C ASN E 171 18.66 9.99 -37.14
N GLU E 172 18.35 11.17 -36.62
CA GLU E 172 17.75 12.23 -37.42
C GLU E 172 18.80 12.89 -38.32
N SER E 181 20.58 1.20 -46.62
CA SER E 181 19.36 0.51 -47.03
C SER E 181 18.39 0.38 -45.86
N ASN E 182 18.93 0.35 -44.64
CA ASN E 182 18.13 0.21 -43.44
C ASN E 182 18.44 1.37 -42.49
N LYS E 183 17.43 1.76 -41.72
CA LYS E 183 17.57 2.83 -40.73
C LYS E 183 17.17 2.32 -39.35
N GLU E 184 17.72 2.99 -38.34
CA GLU E 184 17.46 2.65 -36.94
C GLU E 184 16.22 3.37 -36.45
N TYR E 185 15.28 2.60 -35.91
CA TYR E 185 14.03 3.09 -35.37
C TYR E 185 13.86 2.59 -33.94
N ARG E 186 12.84 3.13 -33.27
CA ARG E 186 12.49 2.72 -31.92
C ARG E 186 10.98 2.86 -31.78
N LEU E 187 10.44 2.24 -30.74
CA LEU E 187 9.01 2.39 -30.47
C LEU E 187 8.72 3.81 -30.00
N ILE E 188 7.49 4.26 -30.26
CA ILE E 188 7.14 5.66 -30.05
C ILE E 188 7.07 6.04 -28.58
N ASN E 189 6.85 5.07 -27.68
CA ASN E 189 6.66 5.38 -26.28
C ASN E 189 7.66 4.74 -25.33
N CYS E 190 8.75 4.16 -25.84
CA CYS E 190 9.74 3.55 -24.97
C CYS E 190 10.60 4.57 -24.24
N ASN E 191 10.55 5.84 -24.64
CA ASN E 191 11.19 6.89 -23.87
C ASN E 191 10.39 7.22 -22.62
N THR E 192 9.07 7.01 -22.65
CA THR E 192 8.19 7.44 -21.58
C THR E 192 7.72 6.31 -20.67
N SER E 193 7.43 5.14 -21.22
CA SER E 193 6.90 4.03 -20.43
C SER E 193 7.15 2.72 -21.16
N ALA E 194 6.57 1.66 -20.63
CA ALA E 194 6.59 0.34 -21.26
C ALA E 194 5.16 -0.15 -21.39
N CYS E 195 4.77 -0.51 -22.61
CA CYS E 195 3.39 -0.90 -22.88
C CYS E 195 3.09 -2.28 -22.33
N THR E 196 1.83 -2.50 -21.98
CA THR E 196 1.33 -3.80 -21.55
C THR E 196 0.58 -4.44 -22.70
N GLN E 197 0.98 -5.64 -23.08
CA GLN E 197 0.33 -6.33 -24.19
C GLN E 197 -1.05 -6.82 -23.77
N ALA E 198 -2.05 -6.51 -24.57
CA ALA E 198 -3.40 -6.98 -24.31
C ALA E 198 -3.49 -8.47 -24.54
N CYS E 199 -4.10 -9.18 -23.58
CA CYS E 199 -4.19 -10.62 -23.67
C CYS E 199 -5.17 -11.03 -24.77
N PRO E 200 -4.85 -12.04 -25.58
CA PRO E 200 -5.75 -12.44 -26.68
C PRO E 200 -7.00 -13.17 -26.22
N LYS E 201 -7.06 -13.63 -24.97
CA LYS E 201 -8.22 -14.37 -24.49
C LYS E 201 -9.27 -13.48 -23.82
N VAL E 202 -9.06 -12.17 -23.80
CA VAL E 202 -10.08 -11.23 -23.36
C VAL E 202 -10.45 -10.36 -24.54
N SER E 203 -11.69 -9.87 -24.55
CA SER E 203 -12.23 -9.12 -25.66
C SER E 203 -12.64 -7.72 -25.21
N PHE E 204 -12.56 -6.77 -26.14
CA PHE E 204 -12.98 -5.41 -25.90
C PHE E 204 -14.37 -5.11 -26.44
N GLU E 205 -15.12 -6.14 -26.82
CA GLU E 205 -16.46 -5.93 -27.33
C GLU E 205 -17.40 -5.51 -26.20
N PRO E 206 -18.09 -4.38 -26.33
CA PRO E 206 -18.97 -3.93 -25.24
C PRO E 206 -20.24 -4.78 -25.16
N ILE E 207 -20.62 -5.09 -23.92
CA ILE E 207 -21.86 -5.81 -23.64
C ILE E 207 -22.66 -4.96 -22.67
N PRO E 208 -24.00 -5.03 -22.67
CA PRO E 208 -24.79 -4.11 -21.83
C PRO E 208 -24.65 -4.40 -20.34
N ILE E 209 -24.64 -3.31 -19.57
CA ILE E 209 -24.62 -3.38 -18.11
C ILE E 209 -25.76 -2.52 -17.58
N HIS E 210 -26.18 -2.83 -16.36
CA HIS E 210 -27.26 -2.12 -15.69
C HIS E 210 -26.77 -1.58 -14.36
N TYR E 211 -27.17 -0.34 -14.05
CA TYR E 211 -26.75 0.34 -12.82
C TYR E 211 -27.92 0.35 -11.85
N CYS E 212 -27.84 -0.48 -10.82
CA CYS E 212 -28.87 -0.51 -9.78
C CYS E 212 -28.59 0.56 -8.73
N ALA E 213 -29.47 0.63 -7.74
CA ALA E 213 -29.33 1.56 -6.63
C ALA E 213 -29.45 0.83 -5.31
N PRO E 214 -28.73 1.27 -4.27
CA PRO E 214 -28.85 0.61 -2.97
C PRO E 214 -30.13 0.96 -2.23
N ALA E 215 -30.29 0.45 -1.02
CA ALA E 215 -31.49 0.69 -0.24
C ALA E 215 -31.53 2.13 0.27
N GLY E 216 -32.74 2.68 0.32
CA GLY E 216 -32.92 4.08 0.67
C GLY E 216 -32.73 5.03 -0.48
N PHE E 217 -32.40 4.55 -1.66
CA PHE E 217 -32.20 5.37 -2.84
C PHE E 217 -33.08 4.85 -3.97
N ALA E 218 -33.48 5.76 -4.85
CA ALA E 218 -34.35 5.42 -5.96
C ALA E 218 -33.81 6.06 -7.23
N ILE E 219 -34.13 5.44 -8.36
CA ILE E 219 -33.74 5.93 -9.68
C ILE E 219 -34.99 6.38 -10.40
N LEU E 220 -35.01 7.64 -10.81
CA LEU E 220 -36.13 8.24 -11.53
C LEU E 220 -35.77 8.38 -13.00
N LYS E 221 -36.69 7.93 -13.86
CA LYS E 221 -36.54 7.97 -15.30
C LYS E 221 -37.46 9.02 -15.90
N CYS E 222 -36.92 9.76 -16.87
CA CYS E 222 -37.66 10.74 -17.66
C CYS E 222 -38.26 10.03 -18.87
N LYS E 223 -39.59 9.97 -18.94
CA LYS E 223 -40.27 9.32 -20.04
C LYS E 223 -40.80 10.33 -21.07
N ASP E 224 -40.37 11.58 -20.99
CA ASP E 224 -40.79 12.58 -21.96
C ASP E 224 -40.09 12.34 -23.30
N LYS E 225 -40.85 12.40 -24.38
CA LYS E 225 -40.30 12.17 -25.72
C LYS E 225 -39.68 13.42 -26.34
N LYS E 226 -39.90 14.60 -25.76
CA LYS E 226 -39.35 15.85 -26.26
C LYS E 226 -38.45 16.49 -25.22
N PHE E 227 -37.68 15.67 -24.50
CA PHE E 227 -36.82 16.18 -23.44
C PHE E 227 -35.51 16.68 -24.03
N ASN E 228 -35.05 17.84 -23.56
CA ASN E 228 -33.82 18.46 -24.05
C ASN E 228 -32.72 18.44 -23.00
N GLY E 229 -32.80 17.57 -22.01
CA GLY E 229 -31.77 17.43 -20.99
C GLY E 229 -31.94 18.19 -19.69
N THR E 230 -32.17 19.50 -19.77
CA THR E 230 -32.25 20.36 -18.60
C THR E 230 -33.67 20.89 -18.45
N GLY E 231 -34.22 20.78 -17.24
CA GLY E 231 -35.49 21.40 -16.97
C GLY E 231 -36.48 20.49 -16.27
N PRO E 232 -37.72 20.98 -16.09
CA PRO E 232 -38.74 20.14 -15.45
C PRO E 232 -39.27 19.07 -16.39
N CYS E 233 -39.74 17.98 -15.79
CA CYS E 233 -40.35 16.87 -16.51
C CYS E 233 -41.69 16.54 -15.87
N PRO E 234 -42.76 16.41 -16.66
CA PRO E 234 -44.07 16.04 -16.12
C PRO E 234 -44.38 14.55 -16.14
N SER E 235 -43.51 13.72 -16.70
CA SER E 235 -43.74 12.27 -16.80
C SER E 235 -42.53 11.55 -16.22
N VAL E 236 -42.53 11.37 -14.90
CA VAL E 236 -41.42 10.78 -14.17
C VAL E 236 -41.86 9.40 -13.69
N SER E 237 -41.01 8.40 -13.90
CA SER E 237 -41.33 7.04 -13.48
C SER E 237 -40.15 6.44 -12.73
N THR E 238 -40.39 5.90 -11.54
CA THR E 238 -39.31 5.25 -10.82
C THR E 238 -39.00 3.90 -11.44
N VAL E 239 -37.77 3.44 -11.24
CA VAL E 239 -37.32 2.17 -11.82
C VAL E 239 -36.25 1.59 -10.91
N GLN E 240 -36.19 0.25 -10.88
CA GLN E 240 -35.23 -0.43 -10.02
C GLN E 240 -33.80 -0.26 -10.52
N CYS E 241 -33.60 -0.29 -11.83
CA CYS E 241 -32.27 -0.17 -12.41
C CYS E 241 -32.39 0.41 -13.81
N THR E 242 -31.27 0.92 -14.31
CA THR E 242 -31.23 1.49 -15.66
C THR E 242 -31.27 0.38 -16.71
N HIS E 243 -31.35 0.80 -17.97
CA HIS E 243 -31.35 -0.14 -19.09
C HIS E 243 -29.91 -0.55 -19.40
N GLY E 244 -29.71 -1.25 -20.51
CA GLY E 244 -28.39 -1.72 -20.85
C GLY E 244 -27.58 -0.71 -21.64
N ILE E 245 -26.69 0.00 -20.95
CA ILE E 245 -25.81 0.97 -21.61
C ILE E 245 -24.55 0.25 -22.05
N LYS E 246 -24.30 0.24 -23.36
CA LYS E 246 -23.10 -0.38 -23.89
C LYS E 246 -21.96 0.63 -23.85
N PRO E 247 -20.85 0.31 -23.16
CA PRO E 247 -19.71 1.25 -23.12
C PRO E 247 -18.91 1.26 -24.43
N VAL E 248 -19.46 1.92 -25.44
CA VAL E 248 -18.84 2.03 -26.75
C VAL E 248 -17.92 3.24 -26.75
N VAL E 249 -16.66 3.02 -27.11
CA VAL E 249 -15.64 4.06 -27.10
C VAL E 249 -15.52 4.62 -28.51
N SER E 250 -15.82 5.92 -28.64
CA SER E 250 -15.75 6.62 -29.92
C SER E 250 -15.56 8.10 -29.62
N THR E 251 -15.18 8.86 -30.64
CA THR E 251 -14.88 10.28 -30.41
C THR E 251 -15.77 11.23 -31.20
N GLN E 252 -16.07 10.94 -32.47
CA GLN E 252 -16.86 11.84 -33.28
C GLN E 252 -18.27 11.35 -33.54
N LEU E 253 -18.45 10.06 -33.80
CA LEU E 253 -19.73 9.48 -34.16
C LEU E 253 -20.12 8.48 -33.08
N LEU E 254 -21.30 8.67 -32.51
CA LEU E 254 -21.77 7.80 -31.41
C LEU E 254 -22.25 6.50 -32.01
N LEU E 255 -21.35 5.53 -32.11
CA LEU E 255 -21.68 4.24 -32.70
C LEU E 255 -22.50 3.40 -31.73
N ASN E 256 -23.44 2.65 -32.29
CA ASN E 256 -24.40 1.76 -31.61
C ASN E 256 -25.22 2.59 -30.61
N GLY E 257 -25.68 1.98 -29.52
CA GLY E 257 -26.41 2.72 -28.52
C GLY E 257 -27.87 2.93 -28.87
N SER E 258 -28.53 3.71 -28.02
CA SER E 258 -29.97 3.94 -28.11
C SER E 258 -30.28 5.16 -28.98
N LEU E 259 -31.52 5.25 -29.42
CA LEU E 259 -31.98 6.29 -30.33
C LEU E 259 -33.09 7.10 -29.69
N ALA E 260 -33.46 8.19 -30.37
CA ALA E 260 -34.60 8.99 -29.97
C ALA E 260 -35.90 8.35 -30.43
N GLU E 261 -37.02 8.90 -29.97
CA GLU E 261 -38.33 8.33 -30.24
C GLU E 261 -39.06 9.08 -31.36
N GLU E 262 -39.21 10.40 -31.21
CA GLU E 262 -40.02 11.17 -32.15
C GLU E 262 -39.19 11.77 -33.28
N GLU E 263 -38.20 12.59 -32.94
CA GLU E 263 -37.45 13.33 -33.95
C GLU E 263 -35.99 13.45 -33.48
N VAL E 264 -35.18 14.13 -34.29
CA VAL E 264 -33.77 14.34 -33.97
C VAL E 264 -33.68 15.37 -32.86
N MET E 265 -32.97 15.03 -31.78
CA MET E 265 -32.89 15.87 -30.60
C MET E 265 -31.52 16.54 -30.52
N ILE E 266 -31.53 17.85 -30.29
CA ILE E 266 -30.32 18.66 -30.16
C ILE E 266 -30.20 19.06 -28.70
N ARG E 267 -29.08 18.71 -28.07
CA ARG E 267 -28.88 18.98 -26.65
C ARG E 267 -27.56 19.71 -26.44
N SER E 268 -27.60 20.75 -25.61
CA SER E 268 -26.39 21.47 -25.25
C SER E 268 -26.58 22.10 -23.87
N GLU E 269 -25.45 22.35 -23.19
CA GLU E 269 -25.51 23.01 -21.89
C GLU E 269 -25.86 24.49 -22.05
N ASN E 270 -25.36 25.12 -23.10
CA ASN E 270 -25.65 26.52 -23.38
C ASN E 270 -25.54 26.70 -24.89
N ILE E 271 -26.68 26.84 -25.57
CA ILE E 271 -26.70 26.82 -27.03
C ILE E 271 -26.13 28.09 -27.63
N THR E 272 -26.03 29.17 -26.85
CA THR E 272 -25.43 30.40 -27.35
C THR E 272 -23.92 30.43 -27.16
N ASN E 273 -23.40 29.65 -26.20
CA ASN E 273 -21.95 29.56 -26.00
C ASN E 273 -21.36 28.58 -27.00
N ASN E 274 -20.27 28.99 -27.65
CA ASN E 274 -19.61 28.14 -28.63
C ASN E 274 -18.52 27.25 -28.05
N ALA E 275 -18.23 27.36 -26.76
CA ALA E 275 -17.20 26.56 -26.11
C ALA E 275 -17.71 25.25 -25.56
N LYS E 276 -18.99 24.94 -25.77
CA LYS E 276 -19.60 23.72 -25.24
C LYS E 276 -20.14 22.89 -26.39
N ASN E 277 -19.99 21.57 -26.27
CA ASN E 277 -20.33 20.65 -27.35
C ASN E 277 -21.83 20.51 -27.51
N ILE E 278 -22.24 20.05 -28.69
CA ILE E 278 -23.63 19.85 -29.03
C ILE E 278 -23.81 18.36 -29.31
N LEU E 279 -24.73 17.73 -28.60
CA LEU E 279 -25.03 16.31 -28.78
C LEU E 279 -26.27 16.18 -29.65
N VAL E 280 -26.14 15.45 -30.75
CA VAL E 280 -27.23 15.25 -31.70
C VAL E 280 -27.65 13.79 -31.64
N GLN E 281 -28.93 13.55 -31.38
CA GLN E 281 -29.47 12.20 -31.28
C GLN E 281 -30.43 11.94 -32.42
N PHE E 282 -30.21 10.84 -33.14
CA PHE E 282 -30.97 10.53 -34.34
C PHE E 282 -32.22 9.73 -33.99
N ASN E 283 -33.22 9.80 -34.88
CA ASN E 283 -34.39 8.95 -34.77
C ASN E 283 -34.31 7.69 -35.60
N THR E 284 -33.47 7.69 -36.65
CA THR E 284 -33.21 6.54 -37.49
C THR E 284 -31.70 6.33 -37.59
N PRO E 285 -31.24 5.08 -37.47
CA PRO E 285 -29.79 4.85 -37.49
C PRO E 285 -29.22 4.89 -38.91
N VAL E 286 -27.95 5.26 -39.00
CA VAL E 286 -27.25 5.26 -40.29
C VAL E 286 -26.23 4.14 -40.26
N GLN E 287 -26.37 3.17 -41.16
CA GLN E 287 -25.51 1.99 -41.15
C GLN E 287 -24.15 2.32 -41.73
N ILE E 288 -23.09 1.93 -41.02
CA ILE E 288 -21.73 2.09 -41.48
C ILE E 288 -21.07 0.71 -41.51
N ASN E 289 -20.17 0.52 -42.47
CA ASN E 289 -19.56 -0.77 -42.74
C ASN E 289 -18.05 -0.62 -42.73
N CYS E 290 -17.41 -1.15 -41.70
CA CYS E 290 -15.95 -1.13 -41.60
C CYS E 290 -15.38 -2.26 -42.43
N THR E 291 -14.10 -2.15 -42.78
CA THR E 291 -13.41 -3.31 -43.34
C THR E 291 -11.92 -3.20 -43.02
N ARG E 292 -11.25 -4.35 -43.09
CA ARG E 292 -9.78 -4.39 -43.18
C ARG E 292 -9.41 -5.47 -44.18
N PRO E 293 -8.96 -5.10 -45.38
CA PRO E 293 -8.74 -6.09 -46.43
C PRO E 293 -7.44 -6.87 -46.31
N ASN E 294 -6.52 -6.46 -45.43
CA ASN E 294 -5.24 -7.15 -45.30
C ASN E 294 -5.43 -8.46 -44.53
N ASN E 295 -4.95 -9.56 -45.12
CA ASN E 295 -4.99 -10.87 -44.49
C ASN E 295 -3.71 -11.02 -43.68
N ASN E 296 -3.76 -10.54 -42.44
CA ASN E 296 -2.58 -10.55 -41.58
C ASN E 296 -2.37 -11.91 -40.95
N THR E 297 -1.13 -12.14 -40.48
CA THR E 297 -0.78 -13.34 -39.75
C THR E 297 -0.09 -12.96 -38.45
N ARG E 298 -0.39 -13.71 -37.40
CA ARG E 298 0.18 -13.47 -36.07
C ARG E 298 1.08 -14.65 -35.70
N LYS E 299 2.32 -14.33 -35.32
CA LYS E 299 3.27 -15.34 -34.89
C LYS E 299 3.79 -15.00 -33.50
N SER E 300 3.97 -16.02 -32.67
CA SER E 300 4.42 -15.83 -31.30
C SER E 300 5.94 -15.88 -31.22
N ILE E 301 6.51 -14.97 -30.45
CA ILE E 301 7.94 -14.91 -30.19
C ILE E 301 8.14 -15.01 -28.69
N ARG E 302 8.83 -16.05 -28.24
CA ARG E 302 9.01 -16.30 -26.81
C ARG E 302 10.09 -15.36 -26.28
N ILE E 303 9.69 -14.43 -25.42
CA ILE E 303 10.61 -13.43 -24.90
C ILE E 303 11.01 -13.72 -23.45
N GLY E 304 10.61 -14.86 -22.91
CA GLY E 304 10.93 -15.21 -21.55
C GLY E 304 10.28 -16.52 -21.17
N PRO E 305 10.40 -16.91 -19.89
CA PRO E 305 9.74 -18.14 -19.44
C PRO E 305 8.23 -17.98 -19.35
N GLY E 306 7.52 -18.54 -20.32
CA GLY E 306 6.07 -18.43 -20.34
C GLY E 306 5.52 -17.12 -20.84
N GLN E 307 6.35 -16.26 -21.42
CA GLN E 307 5.90 -14.97 -21.95
C GLN E 307 6.14 -14.91 -23.45
N ALA E 308 5.09 -14.57 -24.19
CA ALA E 308 5.13 -14.51 -25.64
C ALA E 308 4.68 -13.15 -26.12
N PHE E 309 5.31 -12.68 -27.19
CA PHE E 309 4.97 -11.42 -27.85
C PHE E 309 4.44 -11.76 -29.24
N TYR E 310 3.24 -11.30 -29.53
CA TYR E 310 2.55 -11.67 -30.77
C TYR E 310 2.87 -10.62 -31.83
N ALA E 311 3.75 -10.98 -32.76
CA ALA E 311 4.19 -10.10 -33.82
C ALA E 311 3.45 -10.41 -35.11
N THR E 312 3.57 -9.49 -36.06
CA THR E 312 2.90 -9.61 -37.35
C THR E 312 3.84 -10.25 -38.35
N GLY E 313 3.36 -11.31 -39.00
CA GLY E 313 4.10 -11.99 -40.04
C GLY E 313 3.87 -11.37 -41.40
N ASP E 314 4.05 -12.19 -42.44
CA ASP E 314 3.84 -11.73 -43.79
C ASP E 314 2.33 -11.63 -44.08
N ILE E 315 2.01 -10.93 -45.17
CA ILE E 315 0.63 -10.70 -45.59
C ILE E 315 0.40 -11.47 -46.88
N ILE E 316 -0.62 -12.33 -46.90
CA ILE E 316 -0.95 -13.11 -48.09
C ILE E 316 -1.77 -12.23 -49.01
N GLY E 317 -1.30 -12.06 -50.24
CA GLY E 317 -2.02 -11.27 -51.22
C GLY E 317 -1.50 -9.85 -51.33
N ASP E 318 -2.38 -8.93 -51.69
CA ASP E 318 -2.02 -7.53 -51.84
C ASP E 318 -2.23 -6.77 -50.54
N ILE E 319 -1.57 -5.62 -50.44
CA ILE E 319 -1.69 -4.73 -49.29
C ILE E 319 -2.56 -3.56 -49.71
N ARG E 320 -3.76 -3.49 -49.15
CA ARG E 320 -4.71 -2.41 -49.43
C ARG E 320 -5.12 -1.76 -48.12
N GLN E 321 -5.39 -0.47 -48.18
CA GLN E 321 -5.72 0.27 -46.97
C GLN E 321 -7.14 -0.04 -46.51
N ALA E 322 -7.35 0.06 -45.20
CA ALA E 322 -8.65 -0.17 -44.61
C ALA E 322 -9.54 1.04 -44.83
N HIS E 323 -10.86 0.81 -44.85
CA HIS E 323 -11.79 1.88 -45.10
C HIS E 323 -13.13 1.58 -44.45
N CYS E 324 -14.05 2.54 -44.58
CA CYS E 324 -15.42 2.43 -44.12
C CYS E 324 -16.35 2.91 -45.22
N ASN E 325 -17.55 2.34 -45.27
CA ASN E 325 -18.56 2.72 -46.24
C ASN E 325 -19.81 3.19 -45.53
N VAL E 326 -20.44 4.23 -46.08
CA VAL E 326 -21.74 4.69 -45.59
C VAL E 326 -22.58 5.07 -46.80
N SER E 327 -23.91 5.01 -46.64
CA SER E 327 -24.81 5.36 -47.72
C SER E 327 -24.85 6.88 -47.91
N LYS E 328 -24.85 7.32 -49.17
CA LYS E 328 -24.85 8.75 -49.47
C LYS E 328 -26.23 9.36 -49.23
N ALA E 329 -27.29 8.70 -49.69
CA ALA E 329 -28.63 9.28 -49.62
C ALA E 329 -29.16 9.31 -48.18
N THR E 330 -28.91 8.24 -47.42
CA THR E 330 -29.33 8.20 -46.02
C THR E 330 -28.63 9.27 -45.19
N TRP E 331 -27.32 9.45 -45.43
CA TRP E 331 -26.58 10.51 -44.76
C TRP E 331 -27.06 11.89 -45.19
N ASN E 332 -27.47 12.03 -46.45
CA ASN E 332 -27.99 13.32 -46.93
C ASN E 332 -29.31 13.69 -46.25
N GLU E 333 -30.24 12.73 -46.15
CA GLU E 333 -31.49 13.00 -45.45
C GLU E 333 -31.27 13.21 -43.95
N THR E 334 -30.31 12.49 -43.36
CA THR E 334 -30.01 12.66 -41.94
C THR E 334 -29.44 14.05 -41.65
N LEU E 335 -28.52 14.51 -42.50
CA LEU E 335 -27.99 15.87 -42.35
C LEU E 335 -29.06 16.92 -42.65
N GLY E 336 -30.01 16.62 -43.55
CA GLY E 336 -31.12 17.54 -43.75
C GLY E 336 -32.01 17.68 -42.53
N LYS E 337 -32.29 16.56 -41.85
CA LYS E 337 -33.05 16.62 -40.60
C LYS E 337 -32.28 17.32 -39.49
N VAL E 338 -30.95 17.14 -39.45
CA VAL E 338 -30.11 17.82 -38.47
C VAL E 338 -30.11 19.33 -38.72
N VAL E 339 -30.05 19.75 -39.99
CA VAL E 339 -30.13 21.17 -40.33
C VAL E 339 -31.50 21.75 -39.96
N LYS E 340 -32.57 20.99 -40.23
CA LYS E 340 -33.92 21.45 -39.88
C LYS E 340 -34.11 21.58 -38.37
N GLN E 341 -33.46 20.72 -37.59
CA GLN E 341 -33.52 20.87 -36.14
C GLN E 341 -32.62 21.99 -35.62
N LEU E 342 -31.46 22.21 -36.25
CA LEU E 342 -30.55 23.25 -35.80
C LEU E 342 -31.05 24.64 -36.18
N ARG E 343 -31.90 24.74 -37.20
CA ARG E 343 -32.46 26.04 -37.56
C ARG E 343 -33.53 26.52 -36.58
N LYS E 344 -33.99 25.64 -35.68
CA LYS E 344 -34.94 26.04 -34.65
C LYS E 344 -34.28 26.94 -33.62
N HIS E 345 -32.99 26.71 -33.32
CA HIS E 345 -32.27 27.46 -32.30
C HIS E 345 -31.51 28.64 -32.87
N PHE E 346 -30.93 28.50 -34.07
CA PHE E 346 -29.96 29.45 -34.60
C PHE E 346 -30.54 30.33 -35.70
N GLY E 347 -31.82 30.65 -35.64
CA GLY E 347 -32.42 31.46 -36.69
C GLY E 347 -32.96 30.62 -37.83
N ASN E 348 -34.05 31.08 -38.40
CA ASN E 348 -34.79 30.32 -39.39
C ASN E 348 -34.38 30.67 -40.83
N ASN E 349 -33.41 31.57 -41.00
CA ASN E 349 -32.93 31.96 -42.32
C ASN E 349 -31.43 31.83 -42.47
N THR E 350 -30.74 31.26 -41.49
CA THR E 350 -29.28 31.17 -41.53
C THR E 350 -28.83 30.05 -42.45
N ILE E 351 -27.54 30.09 -42.80
CA ILE E 351 -26.92 29.12 -43.71
C ILE E 351 -26.09 28.17 -42.86
N ILE E 352 -26.58 26.95 -42.67
CA ILE E 352 -25.87 25.96 -41.88
C ILE E 352 -24.81 25.31 -42.74
N ARG E 353 -23.57 25.30 -42.26
CA ARG E 353 -22.44 24.72 -42.98
C ARG E 353 -21.79 23.63 -42.13
N PHE E 354 -21.32 22.59 -42.81
CA PHE E 354 -20.59 21.50 -42.17
C PHE E 354 -19.22 21.38 -42.83
N ALA E 355 -18.17 21.46 -42.01
CA ALA E 355 -16.79 21.34 -42.46
C ALA E 355 -16.08 20.35 -41.55
N ASN E 356 -14.92 19.86 -42.01
CA ASN E 356 -14.23 18.80 -41.31
C ASN E 356 -13.49 19.34 -40.08
N SER E 357 -12.88 18.41 -39.34
CA SER E 357 -12.38 18.71 -38.01
C SER E 357 -11.10 19.55 -38.06
N SER E 358 -10.75 20.12 -36.91
CA SER E 358 -9.61 21.03 -36.77
C SER E 358 -8.77 20.69 -35.54
N GLY E 359 -8.73 19.42 -35.15
CA GLY E 359 -8.03 19.02 -33.97
C GLY E 359 -6.52 18.95 -34.18
N GLY E 360 -5.82 18.66 -33.09
CA GLY E 360 -4.37 18.56 -33.13
C GLY E 360 -3.85 17.14 -33.22
N ASP E 361 -4.37 16.26 -32.39
CA ASP E 361 -3.93 14.87 -32.33
C ASP E 361 -4.88 13.97 -33.10
N LEU E 362 -4.49 12.70 -33.24
CA LEU E 362 -5.24 11.76 -34.05
C LEU E 362 -6.52 11.29 -33.38
N GLU E 363 -6.64 11.43 -32.06
CA GLU E 363 -7.87 11.00 -31.39
C GLU E 363 -8.99 12.02 -31.48
N VAL E 364 -8.69 13.26 -31.87
CA VAL E 364 -9.68 14.33 -31.90
C VAL E 364 -10.17 14.61 -33.32
N THR E 365 -9.23 14.77 -34.27
CA THR E 365 -9.56 15.16 -35.62
C THR E 365 -9.95 13.98 -36.50
N THR E 366 -9.96 12.77 -35.95
CA THR E 366 -10.14 11.56 -36.74
C THR E 366 -11.02 10.59 -35.97
N HIS E 367 -12.01 10.01 -36.63
CA HIS E 367 -13.02 9.17 -35.98
C HIS E 367 -12.41 7.84 -35.55
N SER E 368 -12.29 7.64 -34.23
CA SER E 368 -11.60 6.49 -33.69
C SER E 368 -12.61 5.51 -33.08
N PHE E 369 -12.46 4.23 -33.41
CA PHE E 369 -13.27 3.20 -32.80
C PHE E 369 -12.44 1.93 -32.73
N ASN E 370 -13.08 0.81 -32.41
CA ASN E 370 -12.41 -0.48 -32.26
C ASN E 370 -13.34 -1.56 -32.78
N CYS E 371 -12.87 -2.34 -33.75
CA CYS E 371 -13.67 -3.44 -34.28
C CYS E 371 -12.78 -4.67 -34.47
N GLY E 372 -13.20 -5.78 -33.87
CA GLY E 372 -12.44 -7.01 -33.96
C GLY E 372 -11.17 -7.05 -33.15
N GLY E 373 -10.98 -6.11 -32.23
CA GLY E 373 -9.75 -5.99 -31.49
C GLY E 373 -8.73 -5.05 -32.09
N GLU E 374 -8.98 -4.54 -33.30
CA GLU E 374 -8.10 -3.58 -33.95
C GLU E 374 -8.71 -2.18 -33.88
N PHE E 375 -7.87 -1.19 -33.62
CA PHE E 375 -8.30 0.17 -33.37
C PHE E 375 -8.16 0.98 -34.66
N PHE E 376 -9.27 1.56 -35.10
CA PHE E 376 -9.33 2.24 -36.39
C PHE E 376 -9.27 3.75 -36.21
N TYR E 377 -8.92 4.44 -37.30
CA TYR E 377 -8.85 5.90 -37.32
C TYR E 377 -9.35 6.32 -38.70
N CYS E 378 -10.59 6.79 -38.76
CA CYS E 378 -11.31 7.04 -40.00
C CYS E 378 -11.29 8.53 -40.30
N ASN E 379 -10.91 8.89 -41.53
CA ASN E 379 -10.61 10.27 -41.90
C ASN E 379 -11.85 11.17 -41.83
N THR E 380 -13.01 10.62 -42.17
CA THR E 380 -14.38 11.21 -42.16
C THR E 380 -14.46 12.67 -42.57
N SER E 381 -13.68 13.08 -43.57
CA SER E 381 -13.76 14.43 -44.10
C SER E 381 -14.73 14.56 -45.25
N GLY E 382 -15.28 13.44 -45.75
CA GLY E 382 -16.26 13.48 -46.81
C GLY E 382 -17.67 13.50 -46.26
N LEU E 383 -17.81 13.19 -44.97
CA LEU E 383 -19.13 13.24 -44.34
C LEU E 383 -19.55 14.68 -44.08
N PHE E 384 -18.70 15.45 -43.41
CA PHE E 384 -19.00 16.82 -43.01
C PHE E 384 -18.36 17.76 -44.02
N ASN E 385 -19.03 17.93 -45.17
CA ASN E 385 -18.63 18.91 -46.17
C ASN E 385 -19.89 19.29 -46.94
N SER E 386 -20.55 20.36 -46.50
CA SER E 386 -21.81 20.78 -47.12
C SER E 386 -22.15 22.19 -46.69
N THR E 387 -23.03 22.82 -47.46
CA THR E 387 -23.68 24.06 -47.09
C THR E 387 -25.18 23.92 -47.39
N TRP E 388 -26.00 24.61 -46.60
CA TRP E 388 -27.45 24.45 -46.68
C TRP E 388 -28.11 25.83 -46.77
N ILE E 389 -28.46 26.24 -47.99
CA ILE E 389 -29.18 27.48 -48.22
C ILE E 389 -30.64 27.28 -47.82
N SER E 390 -31.18 28.21 -47.04
CA SER E 390 -32.58 28.16 -46.63
C SER E 390 -33.52 28.39 -47.80
N ASN E 403 -27.75 4.08 -55.96
CA ASN E 403 -27.20 3.56 -54.71
C ASN E 403 -25.68 3.72 -54.67
N ASP E 404 -25.22 4.93 -54.37
CA ASP E 404 -23.80 5.21 -54.26
C ASP E 404 -23.33 4.94 -52.83
N SER E 405 -22.07 5.26 -52.55
CA SER E 405 -21.52 5.07 -51.22
C SER E 405 -20.39 6.06 -51.01
N ILE E 406 -20.26 6.54 -49.77
CA ILE E 406 -19.15 7.35 -49.34
C ILE E 406 -18.13 6.42 -48.71
N THR E 407 -16.93 6.39 -49.28
CA THR E 407 -15.83 5.55 -48.82
C THR E 407 -14.82 6.43 -48.10
N LEU E 408 -14.52 6.08 -46.85
CA LEU E 408 -13.67 6.89 -45.98
C LEU E 408 -12.43 6.10 -45.62
N PRO E 409 -11.23 6.60 -45.94
CA PRO E 409 -10.01 5.84 -45.65
C PRO E 409 -9.71 5.79 -44.16
N CYS E 410 -8.98 4.75 -43.76
CA CYS E 410 -8.67 4.49 -42.36
C CYS E 410 -7.18 4.27 -42.16
N ARG E 411 -6.77 4.40 -40.91
CA ARG E 411 -5.42 4.09 -40.46
C ARG E 411 -5.52 3.28 -39.18
N ILE E 412 -4.51 2.45 -38.92
CA ILE E 412 -4.53 1.51 -37.82
C ILE E 412 -3.29 1.74 -36.95
N LYS E 413 -3.50 1.88 -35.65
CA LYS E 413 -2.43 2.00 -34.67
C LYS E 413 -2.39 0.75 -33.81
N GLN E 414 -1.29 0.59 -33.06
CA GLN E 414 -1.14 -0.56 -32.17
C GLN E 414 -0.71 -0.13 -30.78
N ILE E 415 -0.02 1.01 -30.69
CA ILE E 415 0.38 1.57 -29.40
C ILE E 415 -0.72 2.53 -28.97
N ILE E 416 -1.61 2.05 -28.10
CA ILE E 416 -2.83 2.77 -27.74
C ILE E 416 -2.66 3.40 -26.38
N ASN E 417 -2.92 4.70 -26.30
CA ASN E 417 -2.92 5.46 -25.03
C ASN E 417 -4.35 5.94 -24.81
N MET E 418 -5.15 5.12 -24.15
CA MET E 418 -6.56 5.39 -23.92
C MET E 418 -6.74 6.02 -22.53
N TRP E 419 -7.77 6.86 -22.42
CA TRP E 419 -8.16 7.67 -21.26
C TRP E 419 -7.17 8.79 -20.93
N GLN E 420 -6.18 9.02 -21.82
CA GLN E 420 -5.25 10.16 -21.76
C GLN E 420 -4.46 10.19 -20.45
N ARG E 421 -4.09 9.02 -19.95
CA ARG E 421 -3.31 8.93 -18.74
C ARG E 421 -1.83 9.05 -19.04
N ILE E 422 -1.09 9.64 -18.11
CA ILE E 422 0.34 9.89 -18.28
C ILE E 422 1.10 8.62 -17.92
N GLY E 423 1.91 8.13 -18.87
CA GLY E 423 2.79 7.02 -18.61
C GLY E 423 2.16 5.64 -18.65
N GLN E 424 0.95 5.51 -19.20
CA GLN E 424 0.29 4.22 -19.33
C GLN E 424 -0.17 4.04 -20.76
N CYS E 425 0.03 2.83 -21.29
CA CYS E 425 -0.36 2.51 -22.65
C CYS E 425 -0.78 1.06 -22.73
N MET E 426 -1.06 0.60 -23.94
CA MET E 426 -1.46 -0.79 -24.17
C MET E 426 -1.12 -1.16 -25.61
N TYR E 427 -0.54 -2.33 -25.79
CA TYR E 427 -0.19 -2.86 -27.11
C TYR E 427 -1.29 -3.82 -27.55
N ALA E 428 -1.91 -3.53 -28.69
CA ALA E 428 -2.96 -4.38 -29.22
C ALA E 428 -2.34 -5.45 -30.11
N PRO E 429 -2.52 -6.73 -29.80
CA PRO E 429 -1.94 -7.78 -30.64
C PRO E 429 -2.68 -7.87 -31.97
N PRO E 430 -2.03 -8.36 -33.02
CA PRO E 430 -2.68 -8.45 -34.32
C PRO E 430 -3.75 -9.54 -34.35
N ILE E 431 -4.69 -9.38 -35.28
CA ILE E 431 -5.80 -10.30 -35.47
C ILE E 431 -5.61 -11.00 -36.80
N GLN E 432 -5.68 -12.33 -36.78
CA GLN E 432 -5.50 -13.12 -37.99
C GLN E 432 -6.75 -13.06 -38.85
N GLY E 433 -6.56 -12.96 -40.16
CA GLY E 433 -7.66 -12.90 -41.10
C GLY E 433 -8.16 -11.48 -41.31
N VAL E 434 -9.17 -11.38 -42.19
CA VAL E 434 -9.79 -10.10 -42.49
C VAL E 434 -10.73 -9.72 -41.37
N ILE E 435 -11.12 -8.44 -41.31
CA ILE E 435 -11.97 -7.93 -40.25
C ILE E 435 -13.16 -7.22 -40.88
N ARG E 436 -14.37 -7.62 -40.48
CA ARG E 436 -15.61 -7.00 -40.92
C ARG E 436 -16.31 -6.35 -39.73
N CYS E 437 -17.26 -5.47 -40.05
CA CYS E 437 -17.83 -4.52 -39.10
C CYS E 437 -19.10 -3.88 -39.63
N VAL E 438 -20.22 -4.07 -38.92
CA VAL E 438 -21.47 -3.38 -39.22
C VAL E 438 -21.89 -2.63 -37.97
N SER E 439 -22.09 -1.31 -38.09
CA SER E 439 -22.42 -0.50 -36.92
C SER E 439 -23.51 0.51 -37.26
N ASN E 440 -24.13 1.04 -36.22
CA ASN E 440 -25.16 2.06 -36.35
C ASN E 440 -24.64 3.39 -35.85
N ILE E 441 -24.69 4.41 -36.71
CA ILE E 441 -24.45 5.79 -36.31
C ILE E 441 -25.78 6.31 -35.79
N THR E 442 -25.84 6.56 -34.47
CA THR E 442 -27.05 7.01 -33.80
C THR E 442 -26.84 8.36 -33.10
N GLY E 443 -25.89 9.15 -33.54
CA GLY E 443 -25.66 10.44 -32.93
C GLY E 443 -24.34 11.04 -33.32
N LEU E 444 -24.23 12.34 -33.05
CA LEU E 444 -23.02 13.10 -33.35
C LEU E 444 -22.67 14.03 -32.20
N ILE E 445 -21.40 14.44 -32.17
CA ILE E 445 -20.90 15.48 -31.28
C ILE E 445 -20.36 16.59 -32.16
N LEU E 446 -20.88 17.80 -31.97
CA LEU E 446 -20.54 18.93 -32.82
C LEU E 446 -20.01 20.10 -32.00
N THR E 447 -19.27 20.97 -32.67
CA THR E 447 -18.73 22.20 -32.10
C THR E 447 -18.95 23.33 -33.09
N ARG E 448 -19.46 24.45 -32.60
CA ARG E 448 -19.86 25.56 -33.45
C ARG E 448 -18.80 26.65 -33.42
N ASP E 449 -18.45 27.16 -34.61
CA ASP E 449 -17.51 28.28 -34.73
C ASP E 449 -18.30 29.58 -34.68
N GLY E 450 -18.19 30.31 -33.58
CA GLY E 450 -18.93 31.53 -33.42
C GLY E 450 -18.08 32.76 -33.35
N GLY E 451 -18.19 33.64 -34.35
CA GLY E 451 -17.41 34.86 -34.38
C GLY E 451 -18.25 36.09 -34.60
N SER E 452 -19.55 36.01 -34.33
CA SER E 452 -20.44 37.15 -34.49
C SER E 452 -21.62 36.99 -33.55
N THR E 453 -22.05 38.11 -32.96
CA THR E 453 -23.27 38.11 -32.17
C THR E 453 -24.50 37.88 -33.02
N ASN E 454 -24.54 38.50 -34.20
CA ASN E 454 -25.55 38.22 -35.21
C ASN E 454 -24.86 37.84 -36.51
N SER E 455 -25.31 36.76 -37.13
CA SER E 455 -24.68 36.27 -38.34
C SER E 455 -25.70 35.54 -39.19
N THR E 456 -25.42 35.47 -40.49
CA THR E 456 -26.27 34.78 -41.45
C THR E 456 -25.78 33.37 -41.77
N THR E 457 -24.66 32.96 -41.19
CA THR E 457 -24.13 31.62 -41.44
C THR E 457 -23.50 31.08 -40.17
N GLU E 458 -23.52 29.75 -40.03
CA GLU E 458 -22.91 29.05 -38.92
C GLU E 458 -22.11 27.87 -39.44
N THR E 459 -20.98 27.59 -38.78
CA THR E 459 -20.10 26.50 -39.17
C THR E 459 -20.03 25.50 -38.03
N PHE E 460 -20.29 24.23 -38.33
CA PHE E 460 -20.27 23.16 -37.34
C PHE E 460 -19.22 22.13 -37.74
N ARG E 461 -18.32 21.81 -36.82
CA ARG E 461 -17.26 20.85 -37.04
C ARG E 461 -17.43 19.68 -36.07
N PRO E 462 -16.95 18.48 -36.42
CA PRO E 462 -17.01 17.37 -35.46
C PRO E 462 -16.12 17.60 -34.26
N GLY E 463 -16.58 17.12 -33.11
CA GLY E 463 -15.86 17.31 -31.87
C GLY E 463 -15.23 16.03 -31.36
N GLY E 464 -15.10 15.91 -30.04
CA GLY E 464 -14.48 14.73 -29.46
C GLY E 464 -13.63 15.04 -28.24
N GLY E 465 -12.61 14.23 -28.01
CA GLY E 465 -11.75 14.44 -26.86
C GLY E 465 -12.20 13.65 -25.65
N ASP E 466 -12.96 14.30 -24.78
CA ASP E 466 -13.46 13.66 -23.56
C ASP E 466 -14.44 12.55 -23.89
N MET E 467 -14.25 11.41 -23.24
CA MET E 467 -15.13 10.26 -23.40
C MET E 467 -16.33 10.30 -22.46
N ARG E 468 -16.42 11.35 -21.63
CA ARG E 468 -17.55 11.47 -20.71
C ARG E 468 -18.84 11.81 -21.44
N ASP E 469 -18.75 12.55 -22.55
CA ASP E 469 -19.94 12.89 -23.33
C ASP E 469 -20.48 11.70 -24.11
N ASN E 470 -19.71 10.63 -24.26
CA ASN E 470 -20.19 9.42 -24.90
C ASN E 470 -21.27 8.75 -24.06
N TRP E 471 -21.07 8.69 -22.75
CA TRP E 471 -22.01 8.06 -21.83
C TRP E 471 -22.98 9.05 -21.21
N ARG E 472 -22.84 10.34 -21.50
CA ARG E 472 -23.83 11.32 -21.07
C ARG E 472 -25.05 11.34 -21.99
N SER E 473 -24.98 10.71 -23.16
CA SER E 473 -26.11 10.57 -24.05
C SER E 473 -26.97 9.35 -23.72
N GLU E 474 -26.57 8.56 -22.73
CA GLU E 474 -27.33 7.40 -22.30
C GLU E 474 -27.95 7.57 -20.91
N LEU E 475 -27.28 8.28 -20.01
CA LEU E 475 -27.78 8.52 -18.66
C LEU E 475 -28.43 9.89 -18.52
N TYR E 476 -28.92 10.46 -19.62
CA TYR E 476 -29.55 11.78 -19.54
C TYR E 476 -30.93 11.72 -18.92
N LYS E 477 -31.61 10.59 -19.05
CA LYS E 477 -32.98 10.44 -18.58
C LYS E 477 -33.07 9.94 -17.15
N TYR E 478 -31.95 9.65 -16.51
CA TYR E 478 -31.94 9.04 -15.19
C TYR E 478 -31.42 10.01 -14.15
N LYS E 479 -31.97 9.91 -12.94
CA LYS E 479 -31.41 10.61 -11.79
C LYS E 479 -31.58 9.73 -10.56
N VAL E 480 -30.79 10.02 -9.53
CA VAL E 480 -30.80 9.26 -8.29
C VAL E 480 -31.24 10.17 -7.15
N VAL E 481 -32.11 9.65 -6.28
CA VAL E 481 -32.64 10.40 -5.14
C VAL E 481 -32.55 9.53 -3.89
N LYS E 482 -32.61 10.20 -2.74
CA LYS E 482 -32.56 9.57 -1.43
C LYS E 482 -33.93 9.71 -0.76
N ILE E 483 -34.46 8.59 -0.28
CA ILE E 483 -35.80 8.56 0.30
C ILE E 483 -35.71 8.91 1.78
N GLU E 484 -36.49 9.90 2.21
CA GLU E 484 -36.59 10.26 3.61
C GLU E 484 -37.98 9.89 4.14
N PRO E 485 -38.11 8.82 4.92
CA PRO E 485 -39.44 8.31 5.26
C PRO E 485 -40.11 8.98 6.45
N LEU E 486 -39.38 9.79 7.22
CA LEU E 486 -39.97 10.41 8.41
C LEU E 486 -40.71 11.69 8.03
N GLY E 487 -41.77 11.98 8.78
CA GLY E 487 -42.49 13.23 8.59
C GLY E 487 -43.39 13.58 9.75
N VAL E 488 -43.75 14.85 9.88
CA VAL E 488 -44.66 15.30 10.92
C VAL E 488 -45.80 16.08 10.28
N ALA E 489 -46.97 16.04 10.92
CA ALA E 489 -48.16 16.64 10.34
C ALA E 489 -49.08 17.11 11.45
N PRO E 490 -49.94 18.11 11.21
CA PRO E 490 -50.94 18.47 12.24
C PRO E 490 -52.23 17.68 12.10
N THR E 491 -52.65 17.04 13.18
CA THR E 491 -53.86 16.21 13.20
C THR E 491 -54.54 16.39 14.54
N ARG E 492 -55.87 16.39 14.55
CA ARG E 492 -56.66 16.54 15.77
C ARG E 492 -56.74 15.19 16.49
N CYS E 493 -55.62 14.82 17.12
CA CYS E 493 -55.56 13.61 17.93
C CYS E 493 -54.42 13.76 18.93
N LYS E 494 -54.61 13.20 20.12
CA LYS E 494 -53.63 13.37 21.20
C LYS E 494 -53.39 12.03 21.88
N ARG E 495 -52.20 11.91 22.48
CA ARG E 495 -51.86 10.72 23.26
C ARG E 495 -52.59 10.75 24.61
N ARG E 496 -52.79 9.56 25.17
CA ARG E 496 -53.44 9.43 26.47
C ARG E 496 -52.56 9.96 27.60
N PHE F 17 -52.96 -1.76 -5.83
CA PHE F 17 -51.56 -1.77 -5.44
C PHE F 17 -50.71 -0.98 -6.43
N LEU F 18 -50.36 0.25 -6.04
CA LEU F 18 -49.57 1.10 -6.93
C LEU F 18 -48.11 0.66 -6.98
N GLY F 19 -47.54 0.27 -5.84
CA GLY F 19 -46.16 -0.17 -5.81
C GLY F 19 -45.29 0.69 -4.92
N PHE F 20 -43.97 0.57 -5.09
CA PHE F 20 -43.04 1.35 -4.28
C PHE F 20 -43.01 2.79 -4.77
N LEU F 21 -43.33 3.72 -3.86
CA LEU F 21 -43.26 5.18 -4.04
C LEU F 21 -44.25 5.66 -5.11
N GLY F 22 -45.26 4.84 -5.42
CA GLY F 22 -46.24 5.19 -6.43
C GLY F 22 -47.32 6.13 -5.99
N ALA F 23 -47.41 6.41 -4.69
CA ALA F 23 -48.40 7.33 -4.14
C ALA F 23 -47.83 8.73 -3.92
N ALA F 24 -46.73 9.06 -4.57
CA ALA F 24 -46.12 10.38 -4.39
C ALA F 24 -46.91 11.50 -5.04
N GLY F 25 -47.66 11.20 -6.10
CA GLY F 25 -48.46 12.22 -6.74
C GLY F 25 -49.80 12.49 -6.07
N SER F 26 -50.32 11.51 -5.32
CA SER F 26 -51.60 11.67 -4.65
C SER F 26 -51.46 12.57 -3.43
N THR F 27 -52.60 12.99 -2.89
CA THR F 27 -52.62 13.84 -1.70
C THR F 27 -52.15 13.05 -0.49
N MET F 28 -51.69 13.79 0.53
CA MET F 28 -51.08 13.17 1.71
C MET F 28 -52.10 12.41 2.54
N GLY F 29 -53.36 12.82 2.50
CA GLY F 29 -54.42 12.04 3.12
C GLY F 29 -54.62 10.69 2.47
N ALA F 30 -54.45 10.62 1.15
CA ALA F 30 -54.52 9.35 0.43
C ALA F 30 -53.19 8.62 0.39
N ALA F 31 -52.08 9.33 0.52
CA ALA F 31 -50.77 8.70 0.57
C ALA F 31 -50.39 8.21 1.95
N SER F 32 -51.15 8.58 2.99
CA SER F 32 -50.92 8.07 4.33
C SER F 32 -51.40 6.64 4.52
N MET F 33 -52.15 6.09 3.57
CA MET F 33 -52.65 4.73 3.67
C MET F 33 -51.62 3.69 3.21
N THR F 34 -50.55 4.10 2.54
CA THR F 34 -49.59 3.17 1.97
C THR F 34 -48.20 3.38 2.54
N LEU F 35 -48.08 3.53 3.86
CA LEU F 35 -46.77 3.69 4.47
C LEU F 35 -45.98 2.39 4.52
N THR F 36 -46.66 1.25 4.48
CA THR F 36 -45.98 -0.04 4.59
C THR F 36 -45.14 -0.35 3.36
N VAL F 37 -45.61 0.07 2.18
CA VAL F 37 -44.86 -0.24 0.96
C VAL F 37 -43.63 0.64 0.81
N GLN F 38 -43.63 1.85 1.40
CA GLN F 38 -42.40 2.63 1.45
C GLN F 38 -41.47 2.16 2.56
N ALA F 39 -42.03 1.75 3.71
CA ALA F 39 -41.18 1.35 4.82
C ALA F 39 -40.57 -0.04 4.61
N ARG F 40 -41.21 -0.88 3.81
CA ARG F 40 -40.73 -2.24 3.61
C ARG F 40 -39.54 -2.29 2.67
N ASN F 41 -39.50 -1.42 1.67
CA ASN F 41 -38.48 -1.45 0.63
C ASN F 41 -37.19 -0.75 1.03
N LEU F 42 -37.04 -0.36 2.30
CA LEU F 42 -35.75 -0.01 2.84
C LEU F 42 -35.09 -1.27 3.40
N LEU F 43 -33.81 -1.13 3.80
CA LEU F 43 -33.01 -2.18 4.45
C LEU F 43 -32.91 -3.42 3.54
N SER F 44 -32.17 -3.21 2.45
CA SER F 44 -31.85 -4.22 1.43
C SER F 44 -33.11 -4.79 0.77
N GLY F 45 -34.08 -3.91 0.52
CA GLY F 45 -35.30 -4.31 -0.16
C GLY F 45 -35.36 -3.80 -1.59
N LYS F 65 -8.97 -5.11 -2.22
CA LYS F 65 -10.17 -5.76 -2.77
C LYS F 65 -9.82 -6.66 -3.94
N LEU F 66 -10.61 -7.71 -4.14
CA LEU F 66 -10.45 -8.58 -5.29
C LEU F 66 -11.18 -8.05 -6.52
N THR F 67 -12.24 -7.26 -6.31
CA THR F 67 -13.04 -6.71 -7.40
C THR F 67 -13.39 -5.28 -7.03
N VAL F 68 -13.61 -4.44 -8.06
CA VAL F 68 -14.05 -3.07 -7.84
C VAL F 68 -15.44 -3.05 -7.20
N TRP F 69 -16.30 -3.99 -7.58
CA TRP F 69 -17.65 -4.08 -7.03
C TRP F 69 -17.71 -4.75 -5.66
N GLY F 70 -16.58 -4.99 -5.00
CA GLY F 70 -16.58 -5.67 -3.72
C GLY F 70 -16.73 -4.77 -2.51
N ILE F 71 -15.84 -3.80 -2.37
CA ILE F 71 -15.79 -2.97 -1.16
C ILE F 71 -16.97 -2.00 -1.11
N LYS F 72 -17.30 -1.38 -2.25
CA LYS F 72 -18.27 -0.28 -2.23
C LYS F 72 -19.70 -0.78 -2.03
N GLN F 73 -20.02 -2.01 -2.44
CA GLN F 73 -21.36 -2.52 -2.15
C GLN F 73 -21.50 -2.89 -0.67
N LEU F 74 -20.41 -3.33 -0.04
CA LEU F 74 -20.43 -3.55 1.40
C LEU F 74 -20.58 -2.24 2.15
N GLN F 75 -19.89 -1.20 1.67
CA GLN F 75 -20.02 0.13 2.27
C GLN F 75 -21.43 0.70 2.09
N ALA F 76 -22.05 0.44 0.93
CA ALA F 76 -23.43 0.87 0.71
C ALA F 76 -24.42 0.12 1.60
N ARG F 77 -24.18 -1.19 1.81
CA ARG F 77 -25.03 -1.96 2.72
C ARG F 77 -24.92 -1.48 4.16
N VAL F 78 -23.69 -1.19 4.61
CA VAL F 78 -23.48 -0.68 5.97
C VAL F 78 -24.08 0.72 6.12
N LEU F 79 -23.99 1.54 5.07
CA LEU F 79 -24.60 2.87 5.09
C LEU F 79 -26.12 2.78 5.16
N ALA F 80 -26.72 1.82 4.44
CA ALA F 80 -28.17 1.62 4.50
C ALA F 80 -28.60 1.14 5.88
N VAL F 81 -27.82 0.24 6.50
CA VAL F 81 -28.12 -0.24 7.85
C VAL F 81 -28.04 0.90 8.85
N GLU F 82 -27.01 1.75 8.73
CA GLU F 82 -26.86 2.90 9.63
C GLU F 82 -27.99 3.91 9.45
N ARG F 83 -28.39 4.17 8.19
CA ARG F 83 -29.46 5.12 7.93
C ARG F 83 -30.81 4.61 8.42
N TYR F 84 -31.02 3.29 8.39
CA TYR F 84 -32.23 2.73 8.97
C TYR F 84 -32.19 2.81 10.50
N LEU F 85 -31.03 2.52 11.09
CA LEU F 85 -30.93 2.46 12.55
C LEU F 85 -31.03 3.84 13.19
N ARG F 86 -30.50 4.87 12.53
CA ARG F 86 -30.63 6.22 13.06
C ARG F 86 -32.09 6.69 13.09
N ASP F 87 -32.85 6.39 12.04
CA ASP F 87 -34.26 6.74 12.01
C ASP F 87 -35.06 5.93 13.02
N GLN F 88 -34.71 4.65 13.21
CA GLN F 88 -35.39 3.84 14.21
C GLN F 88 -35.10 4.33 15.62
N GLN F 89 -33.85 4.75 15.89
CA GLN F 89 -33.52 5.32 17.19
C GLN F 89 -34.26 6.64 17.42
N LEU F 90 -34.34 7.48 16.38
CA LEU F 90 -35.02 8.76 16.49
C LEU F 90 -36.53 8.56 16.70
N LEU F 91 -37.10 7.49 16.14
CA LEU F 91 -38.48 7.14 16.47
C LEU F 91 -38.59 6.63 17.91
N GLY F 92 -37.59 5.87 18.36
CA GLY F 92 -37.68 5.26 19.69
C GLY F 92 -37.46 6.25 20.83
N ILE F 93 -36.76 7.35 20.57
CA ILE F 93 -36.59 8.38 21.60
C ILE F 93 -37.92 9.09 21.88
N TRP F 94 -38.71 9.36 20.83
CA TRP F 94 -39.98 10.05 21.00
C TRP F 94 -41.06 9.17 21.62
N GLY F 95 -40.85 7.87 21.75
CA GLY F 95 -41.86 6.98 22.29
C GLY F 95 -42.80 6.40 21.26
N CYS F 96 -42.45 6.45 19.98
CA CYS F 96 -43.29 5.92 18.91
C CYS F 96 -42.68 4.68 18.27
N SER F 97 -41.98 3.87 19.07
CA SER F 97 -41.34 2.67 18.54
C SER F 97 -42.36 1.58 18.28
N GLY F 98 -42.16 0.84 17.19
CA GLY F 98 -43.03 -0.27 16.86
C GLY F 98 -44.31 0.10 16.13
N LYS F 99 -44.44 1.33 15.63
CA LYS F 99 -45.64 1.73 14.94
C LYS F 99 -45.30 2.77 13.88
N LEU F 100 -46.20 2.93 12.92
CA LEU F 100 -46.01 3.87 11.82
C LEU F 100 -46.65 5.22 12.11
N ILE F 101 -47.93 5.23 12.45
CA ILE F 101 -48.65 6.45 12.79
C ILE F 101 -48.72 6.55 14.31
N CYS F 102 -48.08 7.59 14.85
CA CYS F 102 -47.98 7.78 16.29
C CYS F 102 -48.52 9.15 16.68
N CYS F 103 -49.39 9.16 17.69
CA CYS F 103 -50.01 10.39 18.17
C CYS F 103 -49.23 10.92 19.37
N THR F 104 -48.89 12.20 19.33
CA THR F 104 -48.13 12.85 20.39
C THR F 104 -49.01 13.87 21.08
N ASN F 105 -48.44 14.53 22.09
CA ASN F 105 -49.15 15.52 22.90
C ASN F 105 -48.52 16.90 22.82
N VAL F 106 -47.82 17.18 21.72
CA VAL F 106 -47.19 18.48 21.49
C VAL F 106 -48.17 19.32 20.67
N PRO F 107 -48.59 20.49 21.15
CA PRO F 107 -49.53 21.32 20.38
C PRO F 107 -48.88 21.91 19.14
N TRP F 108 -49.70 22.14 18.13
CA TRP F 108 -49.23 22.67 16.86
C TRP F 108 -49.16 24.19 16.92
N ASN F 109 -47.96 24.73 16.81
CA ASN F 109 -47.77 26.17 16.81
C ASN F 109 -48.28 26.78 15.51
N SER F 110 -48.84 27.99 15.61
CA SER F 110 -49.32 28.70 14.44
C SER F 110 -48.21 29.36 13.64
N SER F 111 -47.01 29.49 14.20
CA SER F 111 -45.89 30.06 13.45
C SER F 111 -45.36 29.10 12.40
N TRP F 112 -45.53 27.80 12.62
CA TRP F 112 -45.06 26.81 11.65
C TRP F 112 -45.92 26.81 10.39
N SER F 113 -47.24 26.83 10.57
CA SER F 113 -48.16 26.91 9.44
C SER F 113 -49.47 27.52 9.92
N ASN F 114 -50.23 28.07 8.98
CA ASN F 114 -51.53 28.65 9.26
C ASN F 114 -52.67 27.96 8.52
N ARG F 115 -52.36 26.96 7.69
CA ARG F 115 -53.39 26.25 6.95
C ARG F 115 -54.19 25.34 7.87
N ASN F 116 -55.48 25.18 7.55
CA ASN F 116 -56.36 24.35 8.34
C ASN F 116 -56.29 22.89 7.87
N LEU F 117 -56.98 22.01 8.59
CA LEU F 117 -56.96 20.58 8.31
C LEU F 117 -57.73 20.22 7.05
N SER F 118 -58.68 21.06 6.62
CA SER F 118 -59.54 20.70 5.50
C SER F 118 -58.83 20.74 4.16
N GLU F 119 -57.72 21.48 4.04
CA GLU F 119 -57.01 21.59 2.77
C GLU F 119 -55.59 21.06 2.82
N ILE F 120 -55.00 20.85 4.00
CA ILE F 120 -53.69 20.22 4.08
C ILE F 120 -53.77 18.76 3.62
N TRP F 121 -54.75 18.03 4.14
CA TRP F 121 -54.89 16.61 3.83
C TRP F 121 -55.66 16.36 2.53
N ASP F 122 -56.20 17.39 1.91
CA ASP F 122 -57.03 17.24 0.71
C ASP F 122 -56.56 18.04 -0.49
N ASN F 123 -55.54 18.89 -0.34
CA ASN F 123 -55.03 19.67 -1.46
C ASN F 123 -53.52 19.60 -1.63
N MET F 124 -52.78 19.16 -0.62
CA MET F 124 -51.33 19.11 -0.68
C MET F 124 -50.86 17.66 -0.70
N THR F 125 -49.66 17.46 -1.21
CA THR F 125 -48.99 16.17 -1.18
C THR F 125 -47.90 16.21 -0.12
N TRP F 126 -47.20 15.09 0.05
CA TRP F 126 -46.14 15.03 1.05
C TRP F 126 -44.91 15.81 0.61
N LEU F 127 -44.66 15.88 -0.70
CA LEU F 127 -43.50 16.60 -1.21
C LEU F 127 -43.68 18.11 -1.07
N GLN F 128 -44.90 18.61 -1.28
CA GLN F 128 -45.16 20.02 -1.09
C GLN F 128 -45.17 20.39 0.39
N TRP F 129 -45.65 19.48 1.24
CA TRP F 129 -45.67 19.75 2.68
C TRP F 129 -44.27 19.71 3.28
N ASP F 130 -43.39 18.86 2.74
CA ASP F 130 -42.03 18.76 3.27
C ASP F 130 -41.22 20.02 3.00
N LYS F 131 -41.46 20.68 1.87
CA LYS F 131 -40.76 21.92 1.54
C LYS F 131 -41.28 23.12 2.32
N GLU F 132 -42.41 23.00 3.01
CA GLU F 132 -42.99 24.12 3.72
C GLU F 132 -42.56 24.18 5.18
N ILE F 133 -42.32 23.03 5.82
CA ILE F 133 -41.95 23.00 7.22
C ILE F 133 -40.51 22.55 7.36
N SER F 134 -39.70 22.78 6.32
CA SER F 134 -38.31 22.35 6.35
C SER F 134 -37.49 23.21 7.30
N ASN F 135 -37.88 24.46 7.52
CA ASN F 135 -37.13 25.34 8.40
C ASN F 135 -37.47 25.14 9.87
N TYR F 136 -38.55 24.43 10.19
CA TYR F 136 -39.03 24.28 11.56
C TYR F 136 -39.08 22.83 12.01
N THR F 137 -38.17 21.98 11.51
CA THR F 137 -38.21 20.58 11.88
C THR F 137 -37.37 20.25 13.12
N GLN F 138 -36.32 21.04 13.39
CA GLN F 138 -35.48 20.76 14.55
C GLN F 138 -36.18 21.16 15.85
N ILE F 139 -37.01 22.21 15.80
CA ILE F 139 -37.79 22.62 16.96
C ILE F 139 -38.78 21.53 17.35
N ILE F 140 -39.46 20.95 16.35
CA ILE F 140 -40.39 19.85 16.61
C ILE F 140 -39.62 18.61 17.09
N TYR F 141 -38.44 18.36 16.51
CA TYR F 141 -37.64 17.20 16.91
C TYR F 141 -37.09 17.33 18.33
N GLY F 142 -36.96 18.55 18.85
CA GLY F 142 -36.61 18.73 20.24
C GLY F 142 -37.81 18.72 21.18
N LEU F 143 -38.93 19.28 20.72
CA LEU F 143 -40.15 19.30 21.53
C LEU F 143 -40.71 17.91 21.77
N LEU F 144 -40.64 17.03 20.76
CA LEU F 144 -41.15 15.66 20.94
C LEU F 144 -40.32 14.88 21.95
N GLU F 145 -38.99 15.01 21.92
CA GLU F 145 -38.17 14.26 22.86
C GLU F 145 -38.27 14.83 24.27
N GLU F 146 -38.44 16.16 24.40
CA GLU F 146 -38.63 16.70 25.75
C GLU F 146 -40.00 16.33 26.31
N SER F 147 -41.02 16.22 25.45
CA SER F 147 -42.33 15.77 25.90
C SER F 147 -42.30 14.31 26.33
N GLN F 148 -41.57 13.46 25.58
CA GLN F 148 -41.49 12.06 25.96
C GLN F 148 -40.66 11.87 27.23
N ASN F 149 -39.60 12.67 27.43
CA ASN F 149 -38.83 12.59 28.67
C ASN F 149 -39.67 13.01 29.86
N GLN F 150 -40.47 14.08 29.71
CA GLN F 150 -41.38 14.48 30.77
C GLN F 150 -42.45 13.43 31.04
N GLN F 151 -42.93 12.77 29.97
CA GLN F 151 -43.94 11.72 30.13
C GLN F 151 -43.38 10.50 30.87
N GLU F 152 -42.14 10.10 30.55
CA GLU F 152 -41.52 8.98 31.26
C GLU F 152 -41.24 9.32 32.72
N LYS F 153 -40.81 10.56 32.99
CA LYS F 153 -40.62 10.98 34.38
C LYS F 153 -41.94 10.99 35.16
N ASN F 154 -43.02 11.44 34.53
CA ASN F 154 -44.32 11.45 35.18
C ASN F 154 -44.84 10.03 35.39
N GLU F 155 -44.56 9.12 34.44
CA GLU F 155 -44.97 7.72 34.60
C GLU F 155 -44.21 7.06 35.74
N GLN F 156 -42.90 7.32 35.86
CA GLN F 156 -42.13 6.77 36.97
C GLN F 156 -42.57 7.36 38.30
N ASP F 157 -42.94 8.64 38.33
CA ASP F 157 -43.45 9.24 39.56
C ASP F 157 -44.83 8.70 39.92
N LEU F 158 -45.66 8.38 38.92
CA LEU F 158 -47.00 7.86 39.19
C LEU F 158 -46.95 6.41 39.65
N LEU F 159 -46.02 5.61 39.12
CA LEU F 159 -45.95 4.21 39.49
C LEU F 159 -45.43 3.99 40.91
N ALA F 160 -44.82 5.00 41.53
CA ALA F 160 -44.35 4.85 42.90
C ALA F 160 -45.51 4.90 43.89
N LEU F 161 -46.50 5.75 43.63
CA LEU F 161 -47.66 5.88 44.51
C LEU F 161 -48.66 4.74 44.27
N TYR G 21 -2.23 30.90 -48.36
CA TYR G 21 -2.41 32.35 -48.44
C TYR G 21 -1.65 33.07 -47.33
N GLU G 22 -1.67 34.40 -47.37
CA GLU G 22 -1.01 35.23 -46.37
C GLU G 22 -1.86 36.46 -46.10
N LEU G 23 -2.02 36.78 -44.82
CA LEU G 23 -2.79 37.95 -44.41
C LEU G 23 -1.98 39.22 -44.66
N THR G 24 -2.66 40.28 -45.09
CA THR G 24 -2.03 41.55 -45.40
C THR G 24 -2.40 42.57 -44.33
N GLN G 25 -1.40 43.29 -43.83
CA GLN G 25 -1.57 44.30 -42.81
C GLN G 25 -0.85 45.58 -43.23
N PRO G 26 -1.33 46.75 -42.80
CA PRO G 26 -0.59 47.97 -43.05
C PRO G 26 0.71 47.99 -42.27
N PRO G 27 1.77 48.61 -42.81
CA PRO G 27 3.07 48.57 -42.14
C PRO G 27 3.17 49.46 -40.91
N SER G 28 2.57 50.65 -40.95
CA SER G 28 2.69 51.60 -39.86
C SER G 28 1.40 52.39 -39.72
N VAL G 29 0.99 52.62 -38.47
CA VAL G 29 -0.15 53.45 -38.14
C VAL G 29 0.30 54.47 -37.10
N SER G 30 0.16 55.75 -37.41
CA SER G 30 0.56 56.83 -36.50
C SER G 30 -0.65 57.69 -36.21
N VAL G 31 -0.99 57.82 -34.92
CA VAL G 31 -2.13 58.60 -34.48
C VAL G 31 -1.71 59.52 -33.34
N SER G 32 -2.47 60.61 -33.18
CA SER G 32 -2.28 61.49 -32.05
C SER G 32 -2.86 60.85 -30.78
N PRO G 33 -2.34 61.20 -29.60
CA PRO G 33 -2.93 60.70 -28.35
C PRO G 33 -4.35 61.21 -28.15
N GLY G 34 -5.20 60.34 -27.59
CA GLY G 34 -6.60 60.64 -27.42
C GLY G 34 -7.48 60.30 -28.60
N GLN G 35 -6.90 59.91 -29.73
CA GLN G 35 -7.66 59.56 -30.92
C GLN G 35 -7.91 58.06 -30.93
N THR G 36 -8.42 57.54 -32.04
CA THR G 36 -8.66 56.12 -32.22
C THR G 36 -7.81 55.59 -33.37
N ALA G 37 -7.45 54.31 -33.28
CA ALA G 37 -6.58 53.69 -34.27
C ALA G 37 -7.22 52.41 -34.79
N THR G 38 -7.29 52.26 -36.10
CA THR G 38 -7.89 51.10 -36.73
C THR G 38 -6.84 50.33 -37.51
N ILE G 39 -6.73 49.03 -37.24
CA ILE G 39 -5.83 48.13 -37.95
C ILE G 39 -6.68 47.08 -38.65
N THR G 40 -6.50 46.96 -39.97
CA THR G 40 -7.32 46.07 -40.79
C THR G 40 -6.50 44.92 -41.33
N CYS G 41 -6.97 43.70 -41.09
CA CYS G 41 -6.43 42.51 -41.72
C CYS G 41 -7.24 42.19 -42.98
N SER G 42 -6.73 41.27 -43.79
CA SER G 42 -7.38 40.91 -45.03
C SER G 42 -7.03 39.48 -45.41
N GLY G 43 -7.86 38.90 -46.27
CA GLY G 43 -7.59 37.57 -46.79
C GLY G 43 -7.80 36.43 -45.83
N ALA G 44 -8.61 36.63 -44.79
CA ALA G 44 -8.83 35.61 -43.77
C ALA G 44 -10.18 34.96 -43.96
N SER G 45 -10.19 33.62 -43.93
CA SER G 45 -11.41 32.85 -44.17
C SER G 45 -12.10 32.40 -42.89
N THR G 46 -11.44 32.50 -41.74
CA THR G 46 -12.03 32.06 -40.48
C THR G 46 -11.66 33.08 -39.41
N ASN G 47 -11.87 32.71 -38.14
CA ASN G 47 -11.76 33.66 -37.03
C ASN G 47 -10.31 34.11 -36.81
N VAL G 48 -10.16 35.39 -36.46
CA VAL G 48 -8.86 36.06 -36.37
C VAL G 48 -8.68 36.54 -34.94
N CYS G 49 -7.53 36.25 -34.34
CA CYS G 49 -7.20 36.78 -33.03
C CYS G 49 -5.90 37.56 -33.10
N TRP G 50 -5.79 38.58 -32.25
CA TRP G 50 -4.75 39.60 -32.33
C TRP G 50 -3.78 39.47 -31.17
N TYR G 51 -2.52 39.77 -31.46
CA TYR G 51 -1.41 39.67 -30.50
C TYR G 51 -0.70 41.01 -30.41
N GLN G 52 -0.35 41.42 -29.19
CA GLN G 52 0.39 42.64 -28.93
C GLN G 52 1.79 42.27 -28.49
N VAL G 53 2.79 42.82 -29.19
CA VAL G 53 4.20 42.51 -28.93
C VAL G 53 4.89 43.80 -28.57
N LYS G 54 5.50 43.84 -27.39
CA LYS G 54 6.31 44.96 -26.96
C LYS G 54 7.79 44.60 -27.03
N PRO G 55 8.67 45.56 -27.28
CA PRO G 55 10.11 45.25 -27.34
C PRO G 55 10.66 44.87 -25.97
N GLY G 56 11.25 43.68 -25.89
CA GLY G 56 11.75 43.16 -24.63
C GLY G 56 10.73 42.48 -23.77
N GLN G 57 9.53 42.22 -24.27
CA GLN G 57 8.47 41.58 -23.51
C GLN G 57 7.82 40.49 -24.34
N SER G 58 7.24 39.51 -23.65
CA SER G 58 6.55 38.42 -24.31
C SER G 58 5.24 38.91 -24.95
N PRO G 59 4.83 38.30 -26.06
CA PRO G 59 3.55 38.67 -26.67
C PRO G 59 2.36 38.31 -25.80
N GLU G 60 1.28 39.08 -25.96
CA GLU G 60 0.06 38.88 -25.20
C GLU G 60 -1.14 39.09 -26.10
N VAL G 61 -2.12 38.19 -26.01
CA VAL G 61 -3.35 38.35 -26.77
C VAL G 61 -4.16 39.49 -26.19
N VAL G 62 -4.82 40.25 -27.06
CA VAL G 62 -5.68 41.35 -26.60
C VAL G 62 -7.13 41.11 -27.00
N ILE G 63 -7.35 40.41 -28.12
CA ILE G 63 -8.67 40.11 -28.65
C ILE G 63 -8.57 38.69 -29.21
N PHE G 64 -9.23 37.73 -28.57
CA PHE G 64 -8.97 36.32 -28.88
C PHE G 64 -9.99 35.68 -29.81
N GLU G 65 -10.97 36.44 -30.29
CA GLU G 65 -11.86 36.00 -31.36
C GLU G 65 -12.08 37.20 -32.26
N ASN G 66 -13.14 37.17 -33.07
CA ASN G 66 -13.47 38.35 -33.87
C ASN G 66 -13.89 39.53 -32.99
N TYR G 67 -14.52 39.27 -31.85
CA TYR G 67 -15.02 40.33 -30.99
C TYR G 67 -14.70 40.15 -29.51
N LYS G 68 -14.40 38.95 -29.05
CA LYS G 68 -14.27 38.68 -27.62
C LYS G 68 -12.96 39.25 -27.07
N ARG G 69 -12.93 39.42 -25.75
CA ARG G 69 -11.79 40.04 -25.07
C ARG G 69 -11.51 39.29 -23.76
N PRO G 70 -10.26 38.95 -23.49
CA PRO G 70 -9.93 38.24 -22.24
C PRO G 70 -10.00 39.18 -21.03
N SER G 71 -9.98 38.57 -19.86
CA SER G 71 -10.00 39.32 -18.61
C SER G 71 -8.64 39.98 -18.36
N GLY G 72 -8.66 41.03 -17.56
CA GLY G 72 -7.46 41.80 -17.28
C GLY G 72 -7.05 42.75 -18.37
N ILE G 73 -7.92 43.01 -19.34
CA ILE G 73 -7.61 43.84 -20.49
C ILE G 73 -8.62 44.97 -20.54
N PRO G 74 -8.20 46.23 -20.71
CA PRO G 74 -9.14 47.35 -20.66
C PRO G 74 -10.10 47.38 -21.85
N ASP G 75 -11.14 48.20 -21.70
CA ASP G 75 -12.23 48.32 -22.67
C ASP G 75 -11.80 49.04 -23.94
N ARG G 76 -10.62 49.65 -23.96
CA ARG G 76 -10.16 50.44 -25.10
C ARG G 76 -9.89 49.61 -26.35
N PHE G 77 -9.73 48.30 -26.22
CA PHE G 77 -9.53 47.40 -27.35
C PHE G 77 -10.86 46.80 -27.77
N SER G 78 -11.19 46.89 -29.05
CA SER G 78 -12.39 46.25 -29.57
C SER G 78 -12.09 45.70 -30.95
N GLY G 79 -12.93 44.76 -31.40
CA GLY G 79 -12.69 44.13 -32.69
C GLY G 79 -13.97 43.78 -33.39
N SER G 80 -13.85 43.58 -34.70
CA SER G 80 -14.97 43.16 -35.54
C SER G 80 -14.42 42.46 -36.76
N LYS G 81 -15.30 41.76 -37.46
CA LYS G 81 -14.92 41.10 -38.71
C LYS G 81 -16.11 41.08 -39.65
N SER G 82 -15.90 41.51 -40.89
CA SER G 82 -16.96 41.56 -41.89
C SER G 82 -16.45 40.97 -43.19
N GLY G 83 -16.97 39.80 -43.56
CA GLY G 83 -16.54 39.15 -44.77
C GLY G 83 -15.21 38.46 -44.61
N SER G 84 -14.17 39.04 -45.19
CA SER G 84 -12.81 38.51 -45.07
C SER G 84 -11.86 39.48 -44.38
N THR G 85 -12.33 40.64 -43.94
CA THR G 85 -11.50 41.64 -43.29
C THR G 85 -11.88 41.75 -41.82
N ALA G 86 -10.89 41.66 -40.94
CA ALA G 86 -11.08 41.82 -39.50
C ALA G 86 -10.35 43.08 -39.04
N THR G 87 -11.06 43.94 -38.32
CA THR G 87 -10.55 45.22 -37.87
C THR G 87 -10.43 45.23 -36.35
N LEU G 88 -9.29 45.74 -35.86
CA LEU G 88 -9.04 45.96 -34.45
C LEU G 88 -8.96 47.46 -34.21
N THR G 89 -9.77 47.96 -33.28
CA THR G 89 -9.84 49.39 -32.98
C THR G 89 -9.36 49.63 -31.56
N ILE G 90 -8.42 50.56 -31.43
CA ILE G 90 -7.99 51.09 -30.14
C ILE G 90 -8.73 52.40 -29.94
N ARG G 91 -9.55 52.47 -28.89
CA ARG G 91 -10.38 53.64 -28.60
C ARG G 91 -9.70 54.45 -27.50
N GLY G 92 -9.29 55.67 -27.82
CA GLY G 92 -8.59 56.50 -26.86
C GLY G 92 -7.20 55.99 -26.57
N THR G 93 -6.31 56.04 -27.56
CA THR G 93 -4.97 55.50 -27.42
C THR G 93 -4.12 56.34 -26.48
N GLN G 94 -3.11 55.71 -25.89
CA GLN G 94 -2.24 56.37 -24.94
C GLN G 94 -0.78 56.13 -25.28
N ALA G 95 0.13 56.51 -24.37
CA ALA G 95 1.55 56.27 -24.58
C ALA G 95 1.95 54.83 -24.31
N ILE G 96 1.10 54.04 -23.64
CA ILE G 96 1.43 52.66 -23.34
C ILE G 96 0.93 51.69 -24.41
N ASP G 97 0.31 52.19 -25.47
CA ASP G 97 -0.14 51.36 -26.58
C ASP G 97 0.82 51.36 -27.75
N GLU G 98 2.00 51.95 -27.59
CA GLU G 98 3.03 51.94 -28.61
C GLU G 98 3.68 50.56 -28.65
N ALA G 99 3.20 49.71 -29.56
CA ALA G 99 3.69 48.34 -29.65
C ALA G 99 3.55 47.88 -31.10
N ASP G 100 3.71 46.57 -31.31
CA ASP G 100 3.59 45.95 -32.62
C ASP G 100 2.44 44.96 -32.58
N TYR G 101 1.51 45.08 -33.52
CA TYR G 101 0.29 44.29 -33.48
C TYR G 101 0.28 43.28 -34.63
N TYR G 102 0.12 42.00 -34.28
CA TYR G 102 0.02 40.92 -35.25
C TYR G 102 -1.36 40.28 -35.14
N CYS G 103 -1.71 39.48 -36.13
CA CYS G 103 -2.95 38.71 -36.11
C CYS G 103 -2.69 37.34 -36.71
N GLN G 104 -3.42 36.34 -36.24
CA GLN G 104 -3.27 35.01 -36.81
C GLN G 104 -4.60 34.48 -37.32
N VAL G 105 -4.50 33.43 -38.13
CA VAL G 105 -5.64 32.76 -38.70
C VAL G 105 -5.28 31.28 -38.77
N TRP G 106 -6.30 30.43 -38.83
CA TRP G 106 -6.11 28.99 -38.90
C TRP G 106 -6.29 28.51 -40.33
N ASP G 107 -5.33 27.72 -40.82
CA ASP G 107 -5.40 27.14 -42.15
C ASP G 107 -5.19 25.64 -42.04
N SER G 108 -5.71 24.89 -43.01
CA SER G 108 -5.73 23.44 -42.90
C SER G 108 -4.35 22.84 -43.15
N PHE G 109 -3.60 23.37 -44.12
CA PHE G 109 -2.28 22.82 -44.42
C PHE G 109 -1.25 23.24 -43.39
N SER G 110 -0.97 24.53 -43.31
CA SER G 110 -0.13 25.10 -42.25
C SER G 110 -1.05 25.58 -41.13
N THR G 111 -0.79 25.11 -39.90
CA THR G 111 -1.79 25.17 -38.83
C THR G 111 -2.09 26.60 -38.40
N PHE G 112 -1.08 27.44 -38.27
CA PHE G 112 -1.28 28.83 -37.89
C PHE G 112 -0.56 29.74 -38.89
N VAL G 113 -1.28 30.73 -39.40
CA VAL G 113 -0.73 31.69 -40.34
C VAL G 113 -0.81 33.07 -39.70
N PHE G 114 0.35 33.71 -39.52
CA PHE G 114 0.43 34.99 -38.85
C PHE G 114 0.47 36.13 -39.87
N GLY G 115 0.14 37.33 -39.39
CA GLY G 115 0.14 38.50 -40.23
C GLY G 115 1.51 39.11 -40.38
N SER G 116 1.58 40.14 -41.23
CA SER G 116 2.85 40.82 -41.49
C SER G 116 3.28 41.67 -40.29
N GLY G 117 2.35 42.43 -39.73
CA GLY G 117 2.68 43.24 -38.55
C GLY G 117 2.40 44.71 -38.80
N THR G 118 1.76 45.34 -37.81
CA THR G 118 1.42 46.75 -37.86
C THR G 118 1.97 47.42 -36.61
N GLN G 119 2.79 48.45 -36.79
CA GLN G 119 3.40 49.18 -35.69
C GLN G 119 2.57 50.42 -35.40
N VAL G 120 2.13 50.56 -34.16
CA VAL G 120 1.33 51.71 -33.72
C VAL G 120 2.24 52.66 -32.96
N THR G 121 2.38 53.87 -33.47
CA THR G 121 3.19 54.91 -32.84
C THR G 121 2.31 56.09 -32.48
N VAL G 122 2.39 56.54 -31.23
CA VAL G 122 1.69 57.73 -30.78
C VAL G 122 2.69 58.88 -30.71
N LEU G 123 2.21 60.09 -30.95
CA LEU G 123 3.06 61.27 -31.11
C LEU G 123 3.02 62.09 -29.83
N GLY G 124 4.03 61.90 -28.98
CA GLY G 124 4.20 62.73 -27.79
C GLY G 124 5.05 63.97 -28.06
N GLN G 125 5.61 64.10 -29.25
CA GLN G 125 6.54 65.16 -29.59
C GLN G 125 6.17 65.69 -30.98
N PRO G 126 6.33 66.99 -31.21
CA PRO G 126 6.11 67.54 -32.56
C PRO G 126 7.19 67.09 -33.55
N LYS G 127 6.96 67.44 -34.81
CA LYS G 127 7.85 67.05 -35.89
C LYS G 127 9.18 67.77 -35.79
N ALA G 128 10.25 67.09 -36.19
CA ALA G 128 11.61 67.61 -36.11
C ALA G 128 12.30 67.48 -37.45
N ASN G 129 13.25 68.38 -37.69
CA ASN G 129 14.03 68.41 -38.92
C ASN G 129 15.30 67.62 -38.73
N PRO G 130 15.58 66.58 -39.53
CA PRO G 130 16.80 65.81 -39.35
C PRO G 130 18.05 66.58 -39.76
N THR G 131 19.17 66.20 -39.15
CA THR G 131 20.48 66.75 -39.45
C THR G 131 21.32 65.66 -40.12
N VAL G 132 21.95 66.01 -41.24
CA VAL G 132 22.63 65.05 -42.11
C VAL G 132 24.10 65.44 -42.20
N THR G 133 24.99 64.49 -41.95
CA THR G 133 26.43 64.67 -42.06
C THR G 133 27.01 63.64 -43.02
N LEU G 134 27.81 64.10 -43.97
CA LEU G 134 28.43 63.24 -44.97
C LEU G 134 29.95 63.36 -44.86
N PHE G 135 30.64 62.21 -44.87
CA PHE G 135 32.09 62.19 -44.72
C PHE G 135 32.75 61.63 -45.98
N PRO G 136 33.66 62.37 -46.61
CA PRO G 136 34.42 61.84 -47.74
C PRO G 136 35.43 60.80 -47.28
N PRO G 137 35.86 59.92 -48.19
CA PRO G 137 36.89 58.93 -47.82
C PRO G 137 38.24 59.58 -47.52
N SER G 138 38.99 58.93 -46.64
CA SER G 138 40.31 59.43 -46.24
C SER G 138 41.42 58.74 -47.03
N LEU G 149 32.33 56.09 -47.61
CA LEU G 149 31.20 57.01 -47.59
C LEU G 149 30.32 56.76 -46.38
N VAL G 150 30.30 57.71 -45.45
CA VAL G 150 29.51 57.63 -44.23
C VAL G 150 28.48 58.75 -44.26
N CYS G 151 27.21 58.40 -44.14
CA CYS G 151 26.11 59.35 -44.11
C CYS G 151 25.29 59.13 -42.84
N LEU G 152 25.29 60.12 -41.96
CA LEU G 152 24.67 59.99 -40.65
C LEU G 152 23.51 60.97 -40.55
N ILE G 153 22.34 60.46 -40.14
CA ILE G 153 21.13 61.26 -39.99
C ILE G 153 20.72 61.20 -38.53
N SER G 154 20.43 62.35 -37.93
CA SER G 154 20.12 62.37 -36.51
C SER G 154 19.02 63.39 -36.22
N ASP G 155 18.39 63.23 -35.05
CA ASP G 155 17.48 64.21 -34.45
C ASP G 155 16.24 64.44 -35.32
N PHE G 156 15.46 63.37 -35.49
CA PHE G 156 14.23 63.42 -36.26
C PHE G 156 13.15 62.61 -35.57
N TYR G 157 11.91 63.05 -35.70
CA TYR G 157 10.75 62.31 -35.19
C TYR G 157 9.62 62.22 -36.22
N PRO G 158 9.81 61.45 -37.34
CA PRO G 158 8.65 60.76 -37.91
C PRO G 158 8.59 59.29 -37.52
N GLY G 159 9.67 58.79 -36.92
CA GLY G 159 9.81 57.40 -36.56
C GLY G 159 10.42 56.51 -37.62
N ALA G 160 10.62 57.00 -38.85
CA ALA G 160 11.14 56.15 -39.92
C ALA G 160 11.78 57.01 -41.01
N VAL G 161 12.87 56.51 -41.58
CA VAL G 161 13.52 57.11 -42.74
C VAL G 161 13.82 56.00 -43.75
N THR G 162 14.03 56.41 -45.01
CA THR G 162 14.36 55.49 -46.11
C THR G 162 15.53 56.10 -46.88
N VAL G 163 16.75 55.68 -46.54
CA VAL G 163 17.95 56.26 -47.13
C VAL G 163 18.15 55.73 -48.54
N ALA G 164 18.33 56.63 -49.50
CA ALA G 164 18.58 56.28 -50.88
C ALA G 164 19.83 56.99 -51.37
N TRP G 165 20.62 56.30 -52.18
CA TRP G 165 21.86 56.88 -52.70
C TRP G 165 21.73 57.24 -54.18
N GLY G 175 25.91 47.70 -52.46
CA GLY G 175 26.64 47.66 -51.20
C GLY G 175 26.24 48.76 -50.24
N VAL G 176 24.94 48.92 -50.03
CA VAL G 176 24.39 49.94 -49.15
C VAL G 176 23.98 49.28 -47.85
N GLU G 177 24.52 49.76 -46.73
CA GLU G 177 24.14 49.28 -45.42
C GLU G 177 23.47 50.42 -44.66
N THR G 178 22.26 50.15 -44.15
CA THR G 178 21.45 51.17 -43.49
C THR G 178 21.04 50.68 -42.11
N THR G 179 21.27 51.51 -41.10
CA THR G 179 20.86 51.21 -39.74
C THR G 179 19.37 51.50 -39.55
N THR G 180 18.67 50.61 -38.86
CA THR G 180 17.30 50.88 -38.46
C THR G 180 17.26 52.05 -37.48
N PRO G 181 16.21 52.89 -37.53
CA PRO G 181 16.15 54.06 -36.65
C PRO G 181 15.99 53.70 -35.18
N SER G 182 17.01 54.02 -34.38
CA SER G 182 17.03 53.73 -32.96
C SER G 182 17.06 55.02 -32.16
N LYS G 183 16.69 54.92 -30.88
CA LYS G 183 16.57 56.08 -30.04
C LYS G 183 17.94 56.59 -29.58
N GLN G 184 18.00 57.90 -29.31
CA GLN G 184 19.14 58.52 -28.65
C GLN G 184 18.67 59.30 -27.44
N SER G 185 19.54 60.10 -26.83
CA SER G 185 19.15 60.97 -25.74
C SER G 185 18.20 62.06 -26.21
N ASN G 186 17.51 62.69 -25.24
CA ASN G 186 16.43 63.68 -25.40
C ASN G 186 15.37 63.27 -26.43
N ASN G 187 15.11 61.95 -26.53
CA ASN G 187 13.97 61.36 -27.25
C ASN G 187 13.97 61.71 -28.74
N LYS G 188 15.07 61.42 -29.41
CA LYS G 188 15.18 61.57 -30.86
C LYS G 188 15.57 60.24 -31.50
N TYR G 189 15.74 60.25 -32.81
CA TYR G 189 16.09 59.05 -33.57
C TYR G 189 17.32 59.29 -34.42
N ALA G 190 18.07 58.22 -34.66
CA ALA G 190 19.32 58.27 -35.41
C ALA G 190 19.39 57.12 -36.41
N ALA G 191 20.14 57.34 -37.49
CA ALA G 191 20.33 56.33 -38.53
C ALA G 191 21.68 56.55 -39.18
N SER G 192 22.25 55.47 -39.69
CA SER G 192 23.57 55.50 -40.32
C SER G 192 23.49 54.79 -41.67
N SER G 193 24.34 55.24 -42.60
CA SER G 193 24.39 54.64 -43.92
C SER G 193 25.83 54.55 -44.38
N TYR G 194 26.20 53.38 -44.89
CA TYR G 194 27.54 53.10 -45.37
C TYR G 194 27.50 52.58 -46.79
N LEU G 195 28.37 53.14 -47.63
CA LEU G 195 28.49 52.77 -49.04
C LEU G 195 29.97 52.61 -49.36
N SER G 196 30.28 51.60 -50.16
CA SER G 196 31.67 51.35 -50.57
C SER G 196 32.12 52.36 -51.61
N CYS G 210 24.35 61.50 -50.14
CA CYS G 210 23.23 60.66 -49.73
C CYS G 210 21.92 61.45 -49.70
N GLN G 211 20.83 60.78 -50.03
CA GLN G 211 19.50 61.37 -50.01
C GLN G 211 18.66 60.69 -48.94
N VAL G 212 17.84 61.49 -48.26
CA VAL G 212 17.09 61.02 -47.10
C VAL G 212 15.64 60.68 -47.46
N THR G 213 15.03 61.50 -48.33
CA THR G 213 13.60 61.44 -48.68
C THR G 213 12.73 61.46 -47.44
N HIS G 214 12.94 62.49 -46.62
CA HIS G 214 12.35 62.59 -45.29
C HIS G 214 10.94 63.15 -45.41
N GLU G 215 9.95 62.26 -45.39
CA GLU G 215 8.52 62.55 -45.49
C GLU G 215 8.19 63.39 -46.73
N GLY G 216 7.84 64.65 -46.53
CA GLY G 216 7.64 65.59 -47.62
C GLY G 216 8.76 66.57 -47.83
N SER G 217 9.87 66.46 -47.09
CA SER G 217 10.99 67.39 -47.17
C SER G 217 12.27 66.57 -47.38
N THR G 218 12.64 66.36 -48.63
CA THR G 218 13.84 65.61 -48.97
C THR G 218 15.07 66.50 -48.78
N VAL G 219 15.98 66.06 -47.93
CA VAL G 219 17.21 66.82 -47.66
C VAL G 219 18.32 66.35 -48.59
N GLN H 20 -1.28 29.23 -13.04
CA GLN H 20 -0.14 28.89 -12.18
C GLN H 20 0.96 28.22 -12.97
N VAL H 21 0.66 27.88 -14.23
CA VAL H 21 1.62 27.21 -15.10
C VAL H 21 2.58 28.25 -15.65
N GLN H 22 3.88 28.04 -15.43
CA GLN H 22 4.91 28.97 -15.86
C GLN H 22 5.96 28.25 -16.68
N LEU H 23 6.29 28.80 -17.85
CA LEU H 23 7.23 28.21 -18.77
C LEU H 23 8.49 29.07 -18.86
N GLN H 24 9.66 28.43 -18.94
CA GLN H 24 10.88 29.19 -19.15
C GLN H 24 11.86 28.38 -19.98
N GLU H 25 12.55 29.05 -20.90
CA GLU H 25 13.51 28.39 -21.78
C GLU H 25 14.90 28.39 -21.13
N SER H 26 15.91 28.02 -21.91
CA SER H 26 17.29 28.08 -21.45
C SER H 26 17.83 29.50 -21.62
N GLY H 27 19.11 29.67 -21.31
CA GLY H 27 19.77 30.95 -21.46
C GLY H 27 20.00 31.31 -22.92
N PRO H 28 20.08 32.61 -23.20
CA PRO H 28 20.33 33.04 -24.59
C PRO H 28 21.75 32.73 -25.05
N GLY H 29 21.89 31.76 -25.94
CA GLY H 29 23.17 31.34 -26.44
C GLY H 29 23.49 31.93 -27.81
N VAL H 30 24.51 31.35 -28.44
CA VAL H 30 24.96 31.77 -29.76
C VAL H 30 25.56 30.55 -30.45
N VAL H 31 25.30 30.41 -31.76
CA VAL H 31 25.71 29.25 -32.51
C VAL H 31 26.40 29.68 -33.80
N LYS H 32 27.12 28.74 -34.40
CA LYS H 32 27.76 28.95 -35.69
C LYS H 32 26.84 28.48 -36.81
N SER H 33 27.24 28.77 -38.05
CA SER H 33 26.49 28.31 -39.20
C SER H 33 26.67 26.80 -39.40
N SER H 34 25.63 26.18 -39.97
CA SER H 34 25.54 24.73 -40.21
C SER H 34 25.71 23.90 -38.94
N GLU H 35 25.27 24.44 -37.81
CA GLU H 35 25.29 23.75 -36.53
C GLU H 35 23.88 23.28 -36.20
N THR H 36 23.69 22.76 -34.99
CA THR H 36 22.39 22.30 -34.52
C THR H 36 21.96 23.16 -33.35
N LEU H 37 20.89 23.93 -33.55
CA LEU H 37 20.29 24.71 -32.47
C LEU H 37 19.54 23.78 -31.53
N SER H 38 19.72 23.99 -30.23
CA SER H 38 19.05 23.16 -29.23
C SER H 38 18.58 24.05 -28.09
N LEU H 39 17.28 24.05 -27.82
CA LEU H 39 16.70 24.82 -26.73
C LEU H 39 15.73 23.96 -25.94
N THR H 40 15.84 24.00 -24.61
CA THR H 40 14.94 23.24 -23.75
C THR H 40 14.07 24.19 -22.96
N CYS H 41 12.79 23.84 -22.83
CA CYS H 41 11.84 24.60 -22.02
C CYS H 41 11.37 23.76 -20.85
N THR H 42 11.33 24.37 -19.67
CA THR H 42 10.91 23.75 -18.44
C THR H 42 9.59 24.37 -18.00
N VAL H 43 8.65 23.53 -17.59
CA VAL H 43 7.33 23.96 -17.13
C VAL H 43 7.23 23.70 -15.63
N SER H 44 6.68 24.68 -14.91
CA SER H 44 6.46 24.60 -13.47
C SER H 44 4.97 24.77 -13.21
N GLY H 45 4.39 23.83 -12.48
CA GLY H 45 2.96 23.85 -12.21
C GLY H 45 2.17 23.14 -13.29
N GLY H 46 1.08 22.50 -12.86
CA GLY H 46 0.22 21.79 -13.79
C GLY H 46 0.82 20.47 -14.26
N SER H 47 0.13 19.87 -15.22
CA SER H 47 0.52 18.58 -15.77
C SER H 47 0.72 18.70 -17.28
N MET H 48 1.35 17.68 -17.85
CA MET H 48 1.68 17.65 -19.27
C MET H 48 0.56 17.10 -20.14
N GLY H 49 -0.56 16.69 -19.55
CA GLY H 49 -1.64 16.10 -20.31
C GLY H 49 -2.65 17.12 -20.80
N GLY H 50 -3.23 16.83 -21.97
CA GLY H 50 -4.25 17.68 -22.54
C GLY H 50 -3.76 19.03 -23.01
N THR H 51 -2.50 19.14 -23.42
CA THR H 51 -1.93 20.42 -23.81
C THR H 51 -0.92 20.20 -24.94
N TYR H 52 -1.03 21.01 -25.99
CA TYR H 52 -0.04 21.02 -27.06
C TYR H 52 1.05 22.02 -26.70
N TRP H 53 2.28 21.54 -26.58
CA TRP H 53 3.41 22.41 -26.20
C TRP H 53 4.05 22.92 -27.49
N SER H 54 4.05 24.24 -27.67
CA SER H 54 4.42 24.84 -28.95
C SER H 54 5.69 25.68 -28.82
N TRP H 55 6.41 25.79 -29.93
CA TRP H 55 7.60 26.63 -30.05
C TRP H 55 7.35 27.69 -31.10
N LEU H 56 7.76 28.92 -30.82
CA LEU H 56 7.58 30.03 -31.74
C LEU H 56 8.85 30.84 -31.80
N ARG H 57 8.98 31.67 -32.83
CA ARG H 57 10.11 32.58 -32.92
C ARG H 57 9.65 33.91 -33.50
N LEU H 58 10.39 34.96 -33.15
CA LEU H 58 10.07 36.32 -33.57
C LEU H 58 11.34 36.98 -34.07
N SER H 59 11.32 37.42 -35.32
CA SER H 59 12.45 38.07 -35.95
C SER H 59 11.99 39.32 -36.68
N PRO H 60 12.83 40.36 -36.76
CA PRO H 60 12.46 41.56 -37.52
C PRO H 60 12.32 41.34 -39.01
N GLY H 61 12.97 40.31 -39.57
CA GLY H 61 12.92 40.11 -41.01
C GLY H 61 11.69 39.38 -41.51
N LYS H 62 11.02 38.61 -40.66
CA LYS H 62 9.85 37.86 -41.08
C LYS H 62 8.68 37.96 -40.11
N GLY H 63 8.79 38.75 -39.04
CA GLY H 63 7.69 38.87 -38.11
C GLY H 63 7.57 37.64 -37.21
N LEU H 64 6.40 37.51 -36.60
CA LEU H 64 6.13 36.37 -35.74
C LEU H 64 5.92 35.12 -36.57
N GLU H 65 6.41 33.98 -36.07
CA GLU H 65 6.40 32.74 -36.81
C GLU H 65 6.11 31.59 -35.85
N TRP H 66 5.55 30.50 -36.40
CA TRP H 66 5.24 29.31 -35.65
C TRP H 66 6.09 28.16 -36.15
N ILE H 67 6.68 27.40 -35.24
CA ILE H 67 7.61 26.32 -35.56
C ILE H 67 6.94 24.95 -35.49
N GLY H 68 6.34 24.62 -34.36
CA GLY H 68 5.61 23.37 -34.24
C GLY H 68 5.24 23.09 -32.80
N TYR H 69 4.34 22.12 -32.64
CA TYR H 69 3.93 21.71 -31.31
C TYR H 69 4.09 20.20 -31.15
N ILE H 70 3.99 19.76 -29.90
CA ILE H 70 4.09 18.35 -29.56
C ILE H 70 3.02 18.01 -28.51
N PHE H 71 2.40 16.85 -28.66
CA PHE H 71 1.49 16.28 -27.68
C PHE H 71 2.25 15.33 -26.75
N HIS H 72 1.64 15.02 -25.61
CA HIS H 72 2.30 14.19 -24.61
C HIS H 72 2.44 12.74 -25.04
N THR H 73 1.62 12.28 -26.00
CA THR H 73 1.75 10.92 -26.50
C THR H 73 2.85 10.77 -27.54
N GLY H 74 3.44 11.87 -28.01
CA GLY H 74 4.49 11.82 -29.00
C GLY H 74 4.07 12.20 -30.40
N GLU H 75 2.87 12.72 -30.59
CA GLU H 75 2.39 13.12 -31.92
C GLU H 75 2.77 14.58 -32.14
N THR H 76 3.81 14.80 -32.95
CA THR H 76 4.30 16.14 -33.23
C THR H 76 3.58 16.73 -34.44
N ASN H 77 3.71 18.04 -34.61
CA ASN H 77 3.18 18.72 -35.78
C ASN H 77 4.10 19.90 -36.07
N TYR H 78 4.82 19.83 -37.18
CA TYR H 78 5.79 20.85 -37.55
C TYR H 78 5.24 21.75 -38.65
N SER H 79 5.84 22.94 -38.76
CA SER H 79 5.47 23.85 -39.83
C SER H 79 6.02 23.34 -41.17
N PRO H 80 5.28 23.53 -42.27
CA PRO H 80 5.79 23.08 -43.57
C PRO H 80 6.98 23.86 -44.08
N SER H 81 7.19 25.09 -43.62
CA SER H 81 8.35 25.86 -44.05
C SER H 81 9.64 25.34 -43.42
N LEU H 82 9.57 24.90 -42.17
CA LEU H 82 10.72 24.39 -41.44
C LEU H 82 10.75 22.86 -41.38
N LYS H 83 9.93 22.19 -42.17
CA LYS H 83 9.91 20.74 -42.16
C LYS H 83 11.16 20.18 -42.85
N GLY H 84 11.70 19.11 -42.29
CA GLY H 84 12.91 18.49 -42.77
C GLY H 84 14.15 18.85 -41.97
N ARG H 85 14.11 19.93 -41.19
CA ARG H 85 15.25 20.31 -40.37
C ARG H 85 14.81 20.77 -38.99
N VAL H 86 13.72 20.20 -38.46
CA VAL H 86 13.23 20.52 -37.13
C VAL H 86 12.89 19.22 -36.42
N SER H 87 13.03 19.22 -35.09
CA SER H 87 12.69 18.06 -34.29
C SER H 87 12.31 18.52 -32.90
N ILE H 88 11.12 18.14 -32.42
CA ILE H 88 10.63 18.53 -31.11
C ILE H 88 10.40 17.26 -30.29
N SER H 89 10.96 17.23 -29.08
CA SER H 89 10.86 16.07 -28.22
C SER H 89 10.31 16.50 -26.86
N VAL H 90 9.74 15.55 -26.13
CA VAL H 90 9.14 15.81 -24.83
C VAL H 90 9.74 14.85 -23.80
N ASP H 91 10.05 15.39 -22.62
CA ASP H 91 10.51 14.62 -21.47
C ASP H 91 9.44 14.79 -20.40
N THR H 92 8.55 13.79 -20.28
CA THR H 92 7.36 13.93 -19.46
C THR H 92 7.67 13.82 -17.97
N SER H 93 8.64 12.96 -17.60
CA SER H 93 8.95 12.77 -16.19
C SER H 93 9.68 13.96 -15.60
N GLU H 94 10.49 14.65 -16.40
CA GLU H 94 11.23 15.82 -15.95
C GLU H 94 10.50 17.13 -16.23
N ASP H 95 9.31 17.08 -16.84
CA ASP H 95 8.48 18.23 -17.20
C ASP H 95 9.24 19.21 -18.11
N GLN H 96 9.70 18.71 -19.25
CA GLN H 96 10.48 19.50 -20.17
C GLN H 96 10.07 19.18 -21.61
N PHE H 97 10.36 20.11 -22.52
CA PHE H 97 10.28 19.78 -23.94
C PHE H 97 11.31 20.61 -24.70
N SER H 98 11.89 19.99 -25.72
CA SER H 98 13.09 20.51 -26.37
C SER H 98 12.89 20.63 -27.87
N LEU H 99 13.58 21.62 -28.43
CA LEU H 99 13.59 21.95 -29.85
C LEU H 99 15.00 21.80 -30.40
N ARG H 100 15.10 21.15 -31.56
CA ARG H 100 16.37 20.97 -32.27
C ARG H 100 16.18 21.43 -33.71
N LEU H 101 16.98 22.40 -34.12
CA LEU H 101 16.93 22.94 -35.48
C LEU H 101 18.21 22.56 -36.20
N ARG H 102 18.06 21.88 -37.33
CA ARG H 102 19.19 21.33 -38.07
C ARG H 102 19.61 22.29 -39.17
N SER H 103 20.93 22.41 -39.38
CA SER H 103 21.57 23.20 -40.43
C SER H 103 21.18 24.68 -40.31
N VAL H 104 21.63 25.28 -39.21
CA VAL H 104 21.24 26.64 -38.84
C VAL H 104 21.89 27.63 -39.80
N THR H 105 21.06 28.34 -40.54
CA THR H 105 21.47 29.40 -41.45
C THR H 105 21.54 30.71 -40.67
N ALA H 106 22.34 31.66 -41.16
CA ALA H 106 22.52 32.95 -40.50
C ALA H 106 21.26 33.82 -40.51
N ALA H 107 20.23 33.46 -41.26
CA ALA H 107 18.95 34.16 -41.24
C ALA H 107 18.02 33.68 -40.13
N ASP H 108 18.48 32.76 -39.28
CA ASP H 108 17.67 32.24 -38.18
C ASP H 108 17.93 32.95 -36.86
N THR H 109 18.35 34.21 -36.89
CA THR H 109 18.61 34.99 -35.68
C THR H 109 17.29 35.58 -35.19
N ALA H 110 16.82 35.12 -34.04
CA ALA H 110 15.48 35.49 -33.60
C ALA H 110 15.36 35.30 -32.10
N VAL H 111 14.28 35.83 -31.54
CA VAL H 111 13.93 35.59 -30.15
C VAL H 111 12.94 34.43 -30.11
N TYR H 112 13.30 33.36 -29.39
CA TYR H 112 12.53 32.13 -29.40
C TYR H 112 11.67 32.07 -28.15
N PHE H 113 10.39 31.78 -28.34
CA PHE H 113 9.38 31.70 -27.30
C PHE H 113 8.83 30.28 -27.20
N CYS H 114 8.35 29.95 -26.01
CA CYS H 114 7.63 28.72 -25.75
C CYS H 114 6.21 29.06 -25.34
N ALA H 115 5.24 28.26 -25.79
CA ALA H 115 3.85 28.56 -25.51
C ALA H 115 3.09 27.24 -25.39
N SER H 116 1.78 27.35 -25.17
CA SER H 116 0.94 26.18 -25.02
C SER H 116 -0.43 26.45 -25.62
N LEU H 117 -1.10 25.37 -26.02
CA LEU H 117 -2.46 25.42 -26.54
C LEU H 117 -3.30 24.36 -25.84
N PRO H 118 -4.56 24.65 -25.54
CA PRO H 118 -5.44 23.62 -24.98
C PRO H 118 -5.78 22.56 -26.01
N ARG H 119 -6.01 21.34 -25.54
CA ARG H 119 -6.34 20.23 -26.42
C ARG H 119 -7.77 20.37 -26.93
N GLY H 120 -7.95 20.15 -28.22
CA GLY H 120 -9.26 20.27 -28.83
C GLY H 120 -9.20 20.91 -30.21
N GLN H 121 -10.25 21.65 -30.56
CA GLN H 121 -10.31 22.33 -31.85
C GLN H 121 -9.40 23.54 -31.85
N LEU H 122 -8.67 23.72 -32.94
CA LEU H 122 -7.69 24.79 -33.08
C LEU H 122 -8.19 25.93 -33.95
N VAL H 123 -9.48 25.97 -34.29
CA VAL H 123 -9.98 27.04 -35.15
C VAL H 123 -10.06 28.36 -34.39
N ASN H 124 -10.31 28.31 -33.07
CA ASN H 124 -10.38 29.51 -32.25
C ASN H 124 -9.28 29.54 -31.19
N ALA H 125 -8.32 28.63 -31.26
CA ALA H 125 -7.30 28.52 -30.22
C ALA H 125 -6.25 29.61 -30.38
N TYR H 126 -5.76 30.11 -29.26
CA TYR H 126 -4.71 31.12 -29.22
C TYR H 126 -3.64 30.67 -28.24
N PHE H 127 -2.41 31.12 -28.47
CA PHE H 127 -1.29 30.70 -27.64
C PHE H 127 -1.36 31.36 -26.27
N ARG H 128 -1.02 30.59 -25.24
CA ARG H 128 -1.09 31.05 -23.87
C ARG H 128 0.13 30.53 -23.12
N ASN H 129 0.38 31.13 -21.95
CA ASN H 129 1.52 30.83 -21.07
C ASN H 129 2.86 31.00 -21.80
N TRP H 130 3.06 32.21 -22.33
CA TRP H 130 4.29 32.52 -23.05
C TRP H 130 5.48 32.56 -22.11
N GLY H 131 6.64 32.15 -22.64
CA GLY H 131 7.87 32.24 -21.89
C GLY H 131 8.50 33.61 -21.99
N ARG H 132 9.66 33.75 -21.35
CA ARG H 132 10.38 35.02 -21.39
C ARG H 132 11.05 35.24 -22.75
N GLY H 133 11.38 34.17 -23.45
CA GLY H 133 12.01 34.28 -24.75
C GLY H 133 13.51 34.44 -24.67
N SER H 134 14.24 33.68 -25.47
CA SER H 134 15.70 33.72 -25.48
C SER H 134 16.18 34.15 -26.86
N LEU H 135 17.10 35.12 -26.89
CA LEU H 135 17.63 35.62 -28.15
C LEU H 135 18.75 34.71 -28.64
N VAL H 136 18.63 34.25 -29.88
CA VAL H 136 19.63 33.39 -30.51
C VAL H 136 20.12 34.07 -31.77
N SER H 137 21.44 34.25 -31.87
CA SER H 137 22.10 34.84 -33.02
C SER H 137 23.10 33.86 -33.60
N VAL H 138 23.43 34.07 -34.88
CA VAL H 138 24.35 33.22 -35.62
C VAL H 138 25.57 34.04 -35.98
N THR H 139 26.76 33.50 -35.67
CA THR H 139 28.00 34.22 -35.90
C THR H 139 28.34 34.33 -37.38
N ALA H 140 27.87 33.36 -38.19
CA ALA H 140 28.20 33.19 -39.61
C ALA H 140 29.71 33.06 -39.84
N ALA H 141 30.41 32.44 -38.87
CA ALA H 141 31.83 32.10 -38.93
C ALA H 141 32.71 33.33 -39.18
N SER H 142 32.67 34.26 -38.22
CA SER H 142 33.41 35.52 -38.35
C SER H 142 34.07 35.87 -37.03
N THR H 143 35.39 36.06 -37.07
CA THR H 143 36.16 36.54 -35.92
C THR H 143 37.29 37.41 -36.44
N LYS H 144 37.34 38.66 -35.99
CA LYS H 144 38.31 39.61 -36.51
C LYS H 144 38.49 40.73 -35.49
N GLY H 145 39.73 41.21 -35.34
CA GLY H 145 40.03 42.31 -34.47
C GLY H 145 39.63 43.64 -35.09
N PRO H 146 39.87 44.71 -34.34
CA PRO H 146 39.38 46.03 -34.75
C PRO H 146 40.21 46.65 -35.87
N SER H 147 39.59 47.62 -36.54
CA SER H 147 40.25 48.39 -37.59
C SER H 147 39.71 49.81 -37.54
N VAL H 148 40.59 50.78 -37.28
CA VAL H 148 40.20 52.15 -37.01
C VAL H 148 40.76 53.05 -38.11
N PHE H 149 39.89 53.84 -38.74
CA PHE H 149 40.28 54.79 -39.76
C PHE H 149 39.75 56.17 -39.39
N PRO H 150 40.53 57.23 -39.65
CA PRO H 150 40.07 58.57 -39.32
C PRO H 150 39.20 59.16 -40.42
N LEU H 151 38.46 60.21 -40.04
CA LEU H 151 37.58 60.91 -40.98
C LEU H 151 37.96 62.38 -41.08
N GLY H 166 35.51 63.19 -37.14
CA GLY H 166 35.08 61.97 -36.48
C GLY H 166 35.99 60.79 -36.73
N CYS H 167 35.57 59.61 -36.27
CA CYS H 167 36.34 58.39 -36.42
C CYS H 167 35.43 57.27 -36.89
N LEU H 168 36.01 56.29 -37.58
CA LEU H 168 35.26 55.19 -38.18
C LEU H 168 35.92 53.87 -37.83
N VAL H 169 35.12 52.91 -37.36
CA VAL H 169 35.57 51.56 -37.09
C VAL H 169 34.84 50.63 -38.04
N LYS H 170 35.60 49.84 -38.81
CA LYS H 170 35.05 49.10 -39.94
C LYS H 170 34.71 47.65 -39.63
N ASP H 171 35.55 46.94 -38.86
CA ASP H 171 35.34 45.51 -38.63
C ASP H 171 35.68 45.16 -37.20
N TYR H 172 34.69 44.58 -36.49
CA TYR H 172 34.91 44.00 -35.16
C TYR H 172 33.77 43.03 -34.89
N PHE H 173 34.09 41.81 -34.45
CA PHE H 173 33.02 40.85 -34.17
C PHE H 173 32.37 40.88 -32.77
N PRO H 174 33.06 40.88 -31.62
CA PRO H 174 32.39 40.51 -30.37
C PRO H 174 31.54 41.59 -29.72
N GLU H 175 31.32 42.73 -30.37
CA GLU H 175 30.90 43.97 -29.72
C GLU H 175 31.65 44.34 -28.43
N PRO H 176 32.97 44.55 -28.48
CA PRO H 176 33.66 45.05 -27.27
C PRO H 176 33.97 46.55 -27.27
N VAL H 177 33.52 47.31 -28.27
CA VAL H 177 34.09 48.63 -28.52
C VAL H 177 33.52 49.66 -27.55
N THR H 178 34.34 50.66 -27.24
CA THR H 178 33.93 51.82 -26.44
C THR H 178 34.76 53.01 -26.92
N VAL H 179 34.09 54.00 -27.48
CA VAL H 179 34.76 55.13 -28.13
C VAL H 179 34.64 56.34 -27.22
N SER H 180 35.79 56.91 -26.85
CA SER H 180 35.85 58.12 -26.05
C SER H 180 36.81 59.11 -26.69
N TRP H 181 36.48 60.39 -26.55
CA TRP H 181 37.29 61.45 -27.14
C TRP H 181 38.02 62.26 -26.06
N THR H 192 27.32 58.58 -30.01
CA THR H 192 27.89 57.43 -30.71
C THR H 192 26.80 56.66 -31.45
N PHE H 193 26.95 56.55 -32.76
CA PHE H 193 25.99 55.83 -33.57
C PHE H 193 26.16 54.32 -33.39
N PRO H 194 25.06 53.54 -33.45
CA PRO H 194 25.16 52.09 -33.20
C PRO H 194 25.83 51.32 -34.33
N ALA H 195 25.97 50.00 -34.14
CA ALA H 195 26.68 49.15 -35.07
C ALA H 195 25.83 48.85 -36.31
N VAL H 196 26.42 48.15 -37.26
CA VAL H 196 25.78 47.81 -38.53
C VAL H 196 25.99 46.33 -38.80
N LEU H 197 24.90 45.61 -39.05
CA LEU H 197 24.95 44.22 -39.50
C LEU H 197 25.34 44.21 -40.98
N GLN H 198 26.62 44.07 -41.27
CA GLN H 198 27.05 43.98 -42.65
C GLN H 198 26.80 42.58 -43.20
N SER H 199 26.85 42.47 -44.53
CA SER H 199 26.61 41.19 -45.18
C SER H 199 27.77 40.22 -45.02
N SER H 200 28.96 40.70 -44.68
CA SER H 200 30.10 39.84 -44.46
C SER H 200 30.14 39.25 -43.05
N GLY H 201 29.27 39.69 -42.16
CA GLY H 201 29.24 39.20 -40.81
C GLY H 201 30.00 40.02 -39.78
N LEU H 202 30.48 41.20 -40.16
CA LEU H 202 31.24 42.06 -39.27
C LEU H 202 30.46 43.34 -39.00
N TYR H 203 30.96 44.12 -38.04
CA TYR H 203 30.25 45.28 -37.52
C TYR H 203 31.08 46.54 -37.71
N SER H 204 30.38 47.66 -37.95
CA SER H 204 31.01 48.95 -38.20
C SER H 204 30.23 50.04 -37.49
N LEU H 205 30.93 51.09 -37.03
CA LEU H 205 30.27 52.27 -36.50
C LEU H 205 31.13 53.49 -36.75
N SER H 206 30.62 54.65 -36.36
CA SER H 206 31.36 55.91 -36.47
C SER H 206 30.98 56.80 -35.31
N SER H 207 31.88 57.73 -34.99
CA SER H 207 31.69 58.70 -33.93
C SER H 207 31.99 60.10 -34.45
N VAL H 208 31.16 61.05 -34.04
CA VAL H 208 31.25 62.43 -34.50
C VAL H 208 31.34 63.33 -33.27
N VAL H 209 32.39 64.15 -33.21
CA VAL H 209 32.56 65.09 -32.11
C VAL H 209 31.86 66.41 -32.42
N CYS H 223 40.62 59.83 -31.59
CA CYS H 223 39.92 59.39 -30.39
C CYS H 223 40.61 58.16 -29.80
N ASN H 224 39.97 57.57 -28.79
CA ASN H 224 40.48 56.38 -28.12
C ASN H 224 39.48 55.25 -28.31
N VAL H 225 39.98 54.08 -28.71
CA VAL H 225 39.15 52.91 -28.96
C VAL H 225 39.57 51.78 -28.03
N ASN H 226 38.61 50.90 -27.73
CA ASN H 226 38.84 49.76 -26.85
C ASN H 226 38.38 48.48 -27.55
N HIS H 227 39.01 47.36 -27.17
CA HIS H 227 38.66 46.06 -27.72
C HIS H 227 39.07 45.02 -26.68
N LYS H 228 38.08 44.44 -26.00
CA LYS H 228 38.35 43.53 -24.88
C LYS H 228 39.05 42.22 -25.26
N PRO H 229 38.60 41.43 -26.30
CA PRO H 229 39.31 40.16 -26.55
C PRO H 229 40.67 40.33 -27.21
N SER H 230 40.81 41.32 -28.08
CA SER H 230 42.07 41.53 -28.79
C SER H 230 43.04 42.43 -28.03
N ASN H 231 42.62 42.95 -26.86
CA ASN H 231 43.43 43.82 -25.99
C ASN H 231 43.91 45.07 -26.73
N THR H 232 43.05 45.66 -27.54
CA THR H 232 43.39 46.86 -28.29
C THR H 232 42.76 48.10 -27.65
N TYR I 21 45.81 4.46 28.67
CA TYR I 21 44.75 4.00 29.55
C TYR I 21 44.97 2.54 29.95
N GLU I 22 45.22 2.31 31.23
CA GLU I 22 45.45 0.97 31.76
C GLU I 22 44.60 0.74 32.99
N LEU I 23 44.15 -0.49 33.16
CA LEU I 23 43.42 -0.93 34.34
C LEU I 23 44.25 -1.97 35.07
N THR I 24 44.53 -1.73 36.34
CA THR I 24 45.47 -2.55 37.10
C THR I 24 44.71 -3.47 38.04
N GLN I 25 45.10 -4.74 38.06
CA GLN I 25 44.56 -5.75 38.95
C GLN I 25 45.71 -6.52 39.60
N PRO I 26 45.50 -7.08 40.79
CA PRO I 26 46.50 -7.98 41.36
C PRO I 26 46.60 -9.25 40.54
N PRO I 27 47.79 -9.85 40.45
CA PRO I 27 47.95 -11.02 39.57
C PRO I 27 47.34 -12.29 40.14
N SER I 28 47.33 -12.45 41.46
CA SER I 28 46.81 -13.68 42.06
C SER I 28 46.28 -13.39 43.46
N VAL I 29 45.20 -14.09 43.82
CA VAL I 29 44.63 -14.03 45.16
C VAL I 29 44.43 -15.48 45.61
N SER I 30 45.06 -15.84 46.73
CA SER I 30 44.99 -17.20 47.26
C SER I 30 44.35 -17.17 48.64
N VAL I 31 43.31 -17.97 48.84
CA VAL I 31 42.58 -18.04 50.10
C VAL I 31 42.38 -19.49 50.48
N SER I 32 41.95 -19.69 51.72
CA SER I 32 41.53 -20.98 52.25
C SER I 32 40.05 -21.19 51.97
N PRO I 33 39.58 -22.45 51.95
CA PRO I 33 38.13 -22.69 51.86
C PRO I 33 37.41 -22.15 53.08
N GLY I 34 36.21 -21.59 52.85
CA GLY I 34 35.45 -20.94 53.89
C GLY I 34 35.87 -19.52 54.18
N GLN I 35 36.82 -18.97 53.43
CA GLN I 35 37.33 -17.62 53.63
C GLN I 35 36.92 -16.73 52.47
N THR I 36 36.63 -15.46 52.78
CA THR I 36 36.26 -14.49 51.76
C THR I 36 37.50 -14.07 50.97
N ALA I 37 37.25 -13.59 49.75
CA ALA I 37 38.32 -13.13 48.87
C ALA I 37 37.93 -11.79 48.27
N THR I 38 38.91 -10.93 48.05
CA THR I 38 38.68 -9.61 47.50
C THR I 38 39.56 -9.37 46.28
N ILE I 39 38.98 -8.73 45.26
CA ILE I 39 39.68 -8.34 44.05
C ILE I 39 39.42 -6.86 43.82
N THR I 40 40.48 -6.08 43.61
CA THR I 40 40.35 -4.64 43.40
C THR I 40 40.81 -4.26 42.01
N CYS I 41 40.13 -3.29 41.42
CA CYS I 41 40.51 -2.68 40.15
C CYS I 41 40.85 -1.21 40.40
N SER I 42 41.47 -0.59 39.40
CA SER I 42 41.88 0.80 39.52
C SER I 42 41.87 1.45 38.14
N GLY I 43 41.85 2.78 38.16
CA GLY I 43 41.86 3.53 36.91
C GLY I 43 40.55 3.52 36.15
N ALA I 44 39.42 3.41 36.85
CA ALA I 44 38.11 3.32 36.22
C ALA I 44 37.35 4.62 36.43
N SER I 45 36.79 5.15 35.35
CA SER I 45 36.02 6.39 35.41
C SER I 45 34.52 6.17 35.33
N THR I 46 34.08 5.07 34.73
CA THR I 46 32.67 4.73 34.60
C THR I 46 32.41 3.42 35.34
N ASN I 47 31.21 2.88 35.15
CA ASN I 47 30.80 1.66 35.85
C ASN I 47 31.57 0.45 35.32
N VAL I 48 31.91 -0.45 36.24
CA VAL I 48 32.80 -1.58 35.97
C VAL I 48 31.98 -2.85 36.05
N CYS I 49 32.14 -3.74 35.08
CA CYS I 49 31.45 -5.03 35.13
C CYS I 49 32.45 -6.18 35.10
N TRP I 50 32.17 -7.22 35.88
CA TRP I 50 33.12 -8.30 36.13
C TRP I 50 32.74 -9.57 35.39
N TYR I 51 33.73 -10.20 34.75
CA TYR I 51 33.57 -11.46 34.05
C TYR I 51 34.40 -12.54 34.72
N GLN I 52 33.86 -13.76 34.70
CA GLN I 52 34.53 -14.94 35.25
C GLN I 52 34.77 -15.93 34.10
N VAL I 53 36.02 -16.30 33.88
CA VAL I 53 36.35 -17.26 32.85
C VAL I 53 36.83 -18.54 33.52
N LYS I 54 36.77 -19.64 32.77
CA LYS I 54 37.25 -20.93 33.25
C LYS I 54 38.02 -21.61 32.13
N PRO I 55 38.99 -22.47 32.47
CA PRO I 55 39.72 -23.20 31.41
C PRO I 55 38.84 -24.17 30.64
N GLY I 56 38.63 -23.89 29.36
CA GLY I 56 37.76 -24.69 28.53
C GLY I 56 36.29 -24.35 28.61
N GLN I 57 35.94 -23.21 29.19
CA GLN I 57 34.54 -22.81 29.34
C GLN I 57 34.35 -21.37 28.90
N SER I 58 33.13 -21.06 28.51
CA SER I 58 32.79 -19.72 28.04
C SER I 58 32.75 -18.74 29.21
N PRO I 59 33.10 -17.47 28.97
CA PRO I 59 32.97 -16.46 30.02
C PRO I 59 31.52 -16.15 30.35
N GLU I 60 31.31 -15.69 31.58
CA GLU I 60 29.99 -15.25 32.02
C GLU I 60 30.15 -14.09 32.97
N VAL I 61 29.14 -13.23 33.01
CA VAL I 61 29.13 -12.09 33.92
C VAL I 61 28.63 -12.54 35.29
N VAL I 62 29.20 -11.95 36.34
CA VAL I 62 28.76 -12.26 37.69
C VAL I 62 28.26 -11.00 38.40
N ILE I 63 28.81 -9.84 38.03
CA ILE I 63 28.42 -8.54 38.57
C ILE I 63 28.41 -7.56 37.39
N PHE I 64 27.22 -7.24 36.87
CA PHE I 64 27.14 -6.52 35.60
C PHE I 64 27.07 -5.00 35.76
N GLU I 65 27.23 -4.50 36.96
CA GLU I 65 27.36 -3.07 37.19
C GLU I 65 28.28 -2.92 38.41
N ASN I 66 28.25 -1.77 39.09
CA ASN I 66 29.05 -1.62 40.28
C ASN I 66 28.57 -2.54 41.41
N TYR I 67 27.26 -2.76 41.52
CA TYR I 67 26.71 -3.54 42.61
C TYR I 67 25.68 -4.59 42.19
N LYS I 68 25.14 -4.52 40.98
CA LYS I 68 24.01 -5.36 40.60
C LYS I 68 24.46 -6.79 40.30
N ARG I 69 23.49 -7.70 40.29
CA ARG I 69 23.73 -9.11 40.03
C ARG I 69 22.69 -9.64 39.04
N PRO I 70 23.11 -10.43 38.07
CA PRO I 70 22.16 -11.02 37.12
C PRO I 70 21.48 -12.25 37.71
N SER I 71 20.49 -12.75 36.97
CA SER I 71 19.74 -13.92 37.41
C SER I 71 20.58 -15.19 37.24
N GLY I 72 20.46 -16.09 38.21
CA GLY I 72 21.19 -17.34 38.21
C GLY I 72 22.52 -17.31 38.95
N ILE I 73 23.06 -16.13 39.20
CA ILE I 73 24.31 -16.00 39.94
C ILE I 73 23.99 -16.01 41.44
N PRO I 74 24.65 -16.85 42.24
CA PRO I 74 24.36 -16.89 43.69
C PRO I 74 24.85 -15.63 44.39
N ASP I 75 24.38 -15.47 45.63
CA ASP I 75 24.61 -14.25 46.40
C ASP I 75 25.97 -14.21 47.10
N ARG I 76 26.91 -15.07 46.72
CA ARG I 76 28.25 -15.03 47.29
C ARG I 76 29.10 -13.91 46.70
N PHE I 77 28.71 -13.35 45.56
CA PHE I 77 29.46 -12.29 44.90
C PHE I 77 28.82 -10.95 45.21
N SER I 78 29.62 -9.99 45.67
CA SER I 78 29.10 -8.65 45.93
C SER I 78 30.19 -7.63 45.62
N GLY I 79 29.80 -6.58 44.90
CA GLY I 79 30.76 -5.58 44.47
C GLY I 79 30.34 -4.19 44.91
N SER I 80 31.33 -3.31 44.98
CA SER I 80 31.09 -1.91 45.33
C SER I 80 32.20 -1.04 44.77
N LYS I 81 31.84 0.16 44.35
CA LYS I 81 32.78 1.10 43.75
C LYS I 81 32.89 2.34 44.63
N SER I 82 34.12 2.78 44.88
CA SER I 82 34.38 3.96 45.70
C SER I 82 35.43 4.80 45.01
N GLY I 83 35.01 5.91 44.41
CA GLY I 83 35.93 6.77 43.70
C GLY I 83 36.31 6.23 42.34
N SER I 84 37.54 5.74 42.20
CA SER I 84 38.01 5.14 40.97
C SER I 84 38.35 3.66 41.11
N THR I 85 38.10 3.07 42.28
CA THR I 85 38.40 1.66 42.53
C THR I 85 37.10 0.91 42.77
N ALA I 86 36.91 -0.18 42.02
CA ALA I 86 35.77 -1.05 42.18
C ALA I 86 36.24 -2.41 42.68
N THR I 87 35.66 -2.87 43.78
CA THR I 87 36.06 -4.10 44.44
C THR I 87 34.96 -5.15 44.33
N LEU I 88 35.40 -6.40 44.16
CA LEU I 88 34.52 -7.56 44.12
C LEU I 88 34.92 -8.50 45.25
N THR I 89 33.94 -8.90 46.07
CA THR I 89 34.17 -9.76 47.21
C THR I 89 33.38 -11.05 47.03
N ILE I 90 34.07 -12.17 47.21
CA ILE I 90 33.46 -13.50 47.20
C ILE I 90 33.38 -13.98 48.64
N ARG I 91 32.15 -14.32 49.06
CA ARG I 91 31.88 -14.70 50.44
C ARG I 91 31.86 -16.22 50.54
N GLY I 92 32.82 -16.79 51.26
CA GLY I 92 32.88 -18.23 51.43
C GLY I 92 33.29 -18.97 50.18
N THR I 93 34.54 -18.81 49.77
CA THR I 93 35.04 -19.49 48.58
C THR I 93 35.13 -21.00 48.82
N GLN I 94 34.90 -21.76 47.76
CA GLN I 94 34.82 -23.22 47.82
C GLN I 94 35.84 -23.80 46.83
N ALA I 95 35.74 -25.11 46.61
CA ALA I 95 36.49 -25.75 45.52
C ALA I 95 35.99 -25.29 44.15
N ILE I 96 34.74 -24.84 44.06
CA ILE I 96 34.19 -24.19 42.88
C ILE I 96 34.73 -22.76 42.82
N ASP I 97 34.51 -22.08 41.68
CA ASP I 97 34.94 -20.69 41.37
C ASP I 97 36.43 -20.44 41.64
N GLU I 98 37.25 -21.47 41.48
CA GLU I 98 38.70 -21.31 41.32
C GLU I 98 38.95 -20.92 39.88
N ALA I 99 39.10 -19.63 39.61
CA ALA I 99 38.94 -19.14 38.25
C ALA I 99 39.64 -17.80 38.09
N ASP I 100 39.66 -17.31 36.85
CA ASP I 100 40.23 -16.00 36.54
C ASP I 100 39.11 -15.00 36.36
N TYR I 101 39.31 -13.79 36.88
CA TYR I 101 38.32 -12.73 36.87
C TYR I 101 38.89 -11.52 36.15
N TYR I 102 38.08 -10.95 35.24
CA TYR I 102 38.43 -9.75 34.51
C TYR I 102 37.40 -8.67 34.77
N CYS I 103 37.78 -7.42 34.54
CA CYS I 103 36.87 -6.29 34.64
C CYS I 103 36.75 -5.61 33.28
N GLN I 104 35.69 -4.83 33.13
CA GLN I 104 35.44 -4.13 31.87
C GLN I 104 34.89 -2.75 32.16
N VAL I 105 35.47 -1.74 31.49
CA VAL I 105 35.07 -0.34 31.60
C VAL I 105 34.92 0.22 30.19
N TRP I 106 33.79 0.89 29.93
CA TRP I 106 33.61 1.57 28.65
C TRP I 106 34.45 2.84 28.60
N ASP I 107 35.05 3.10 27.44
CA ASP I 107 35.82 4.32 27.21
C ASP I 107 35.44 4.90 25.86
N SER I 108 35.75 6.19 25.66
CA SER I 108 35.29 6.90 24.49
C SER I 108 36.01 6.48 23.22
N PHE I 109 37.34 6.39 23.26
CA PHE I 109 38.10 6.05 22.07
C PHE I 109 38.06 4.55 21.78
N SER I 110 38.65 3.76 22.67
CA SER I 110 38.48 2.31 22.64
C SER I 110 37.19 1.99 23.36
N THR I 111 36.28 1.28 22.70
CA THR I 111 34.92 1.14 23.20
C THR I 111 34.86 0.33 24.48
N PHE I 112 35.71 -0.69 24.61
CA PHE I 112 35.74 -1.52 25.80
C PHE I 112 37.18 -1.73 26.24
N VAL I 113 37.46 -1.47 27.51
CA VAL I 113 38.79 -1.64 28.08
C VAL I 113 38.71 -2.71 29.15
N PHE I 114 39.52 -3.75 29.00
CA PHE I 114 39.51 -4.90 29.91
C PHE I 114 40.71 -4.84 30.86
N GLY I 115 40.57 -5.52 31.99
CA GLY I 115 41.63 -5.58 32.96
C GLY I 115 42.67 -6.64 32.64
N SER I 116 43.71 -6.67 33.46
CA SER I 116 44.80 -7.63 33.27
C SER I 116 44.36 -9.03 33.65
N GLY I 117 43.63 -9.18 34.75
CA GLY I 117 43.13 -10.50 35.15
C GLY I 117 43.68 -10.93 36.49
N THR I 118 42.80 -11.42 37.34
CA THR I 118 43.16 -11.88 38.67
C THR I 118 42.79 -13.35 38.82
N GLN I 119 43.75 -14.16 39.22
CA GLN I 119 43.54 -15.59 39.40
C GLN I 119 43.19 -15.87 40.86
N VAL I 120 42.04 -16.49 41.07
CA VAL I 120 41.58 -16.84 42.41
C VAL I 120 41.68 -18.36 42.55
N THR I 121 42.48 -18.80 43.51
CA THR I 121 42.73 -20.20 43.78
C THR I 121 42.49 -20.49 45.26
N VAL I 122 42.23 -21.76 45.56
CA VAL I 122 41.94 -22.19 46.92
C VAL I 122 42.94 -23.28 47.30
N LEU I 123 43.17 -23.42 48.60
CA LEU I 123 44.16 -24.35 49.14
C LEU I 123 43.40 -25.49 49.84
N GLY I 124 43.08 -26.53 49.07
CA GLY I 124 42.38 -27.70 49.60
C GLY I 124 43.32 -28.83 49.98
N GLN I 125 44.64 -28.60 49.91
CA GLN I 125 45.65 -29.58 50.28
C GLN I 125 46.86 -28.77 50.72
N PRO I 126 47.63 -29.23 51.70
CA PRO I 126 48.70 -28.38 52.26
C PRO I 126 49.90 -28.29 51.33
N LYS I 127 50.79 -27.37 51.68
CA LYS I 127 51.91 -27.02 50.83
C LYS I 127 52.95 -28.13 50.79
N ALA I 128 53.53 -28.35 49.62
CA ALA I 128 54.59 -29.33 49.43
C ALA I 128 55.75 -28.70 48.68
N ASN I 129 56.96 -29.11 49.02
CA ASN I 129 58.15 -28.56 48.38
C ASN I 129 58.45 -29.30 47.09
N PRO I 130 58.84 -28.59 46.03
CA PRO I 130 59.13 -29.24 44.76
C PRO I 130 60.47 -29.96 44.78
N THR I 131 60.62 -30.89 43.84
CA THR I 131 61.86 -31.65 43.65
C THR I 131 62.43 -31.28 42.28
N VAL I 132 63.68 -30.79 42.28
CA VAL I 132 64.33 -30.36 41.05
C VAL I 132 65.36 -31.40 40.65
N THR I 133 65.54 -31.56 39.34
CA THR I 133 66.54 -32.47 38.78
C THR I 133 67.14 -31.84 37.54
N LEU I 134 68.45 -31.66 37.55
CA LEU I 134 69.17 -31.06 36.43
C LEU I 134 69.96 -32.13 35.69
N PHE I 135 70.02 -31.99 34.36
CA PHE I 135 70.76 -32.94 33.55
C PHE I 135 71.78 -32.22 32.68
N PRO I 136 73.06 -32.59 32.73
CA PRO I 136 74.03 -32.08 31.77
C PRO I 136 73.75 -32.62 30.38
N PRO I 137 74.16 -31.88 29.32
CA PRO I 137 73.94 -32.32 27.94
C PRO I 137 74.74 -33.59 27.60
N ALA I 147 74.12 -28.90 22.93
CA ALA I 147 74.31 -28.53 24.33
C ALA I 147 73.04 -27.94 24.92
N THR I 148 72.20 -28.80 25.49
CA THR I 148 70.92 -28.40 26.05
C THR I 148 70.89 -28.75 27.54
N LEU I 149 70.71 -27.73 28.38
CA LEU I 149 70.58 -27.92 29.81
C LEU I 149 69.10 -27.94 30.19
N VAL I 150 68.72 -28.92 31.01
CA VAL I 150 67.32 -29.14 31.35
C VAL I 150 67.18 -29.32 32.87
N CYS I 151 66.18 -28.63 33.42
CA CYS I 151 65.78 -28.77 34.82
C CYS I 151 64.32 -29.21 34.85
N LEU I 152 64.03 -30.24 35.64
CA LEU I 152 62.68 -30.76 35.83
C LEU I 152 62.24 -30.46 37.25
N ILE I 153 61.04 -29.90 37.39
CA ILE I 153 60.45 -29.52 38.67
C ILE I 153 59.14 -30.28 38.81
N SER I 154 58.90 -30.84 39.99
CA SER I 154 57.69 -31.61 40.20
C SER I 154 57.24 -31.52 41.66
N ASP I 155 55.96 -31.86 41.86
CA ASP I 155 55.35 -32.11 43.18
C ASP I 155 55.37 -30.87 44.07
N PHE I 156 54.63 -29.86 43.63
CA PHE I 156 54.43 -28.63 44.39
C PHE I 156 53.00 -28.15 44.19
N TYR I 157 52.31 -27.83 45.30
CA TYR I 157 50.92 -27.40 45.17
C TYR I 157 50.75 -25.91 44.83
N PRO I 158 51.50 -24.93 45.42
CA PRO I 158 51.42 -23.57 44.86
C PRO I 158 52.14 -23.48 43.52
N GLY I 159 51.37 -23.32 42.45
CA GLY I 159 51.91 -23.38 41.10
C GLY I 159 52.73 -22.19 40.67
N ALA I 160 52.72 -21.10 41.42
CA ALA I 160 53.49 -19.90 41.06
C ALA I 160 54.95 -20.14 41.41
N VAL I 161 55.73 -20.56 40.42
CA VAL I 161 57.16 -20.80 40.59
C VAL I 161 57.92 -20.03 39.53
N THR I 162 59.13 -19.61 39.88
CA THR I 162 60.02 -18.88 38.97
C THR I 162 61.37 -19.57 38.90
N VAL I 163 61.91 -19.64 37.69
CA VAL I 163 63.19 -20.31 37.41
C VAL I 163 64.17 -19.27 36.90
N ALA I 164 65.39 -19.29 37.44
CA ALA I 164 66.46 -18.41 37.00
C ALA I 164 67.71 -19.22 36.70
N TRP I 165 68.58 -18.67 35.88
CA TRP I 165 69.82 -19.34 35.49
C TRP I 165 71.03 -18.47 35.78
N VAL I 176 65.74 -18.25 27.37
CA VAL I 176 65.32 -19.54 27.91
C VAL I 176 63.83 -19.73 27.68
N GLU I 177 63.38 -20.97 27.82
CA GLU I 177 61.97 -21.32 27.64
C GLU I 177 61.48 -22.06 28.88
N THR I 178 60.34 -21.63 29.41
CA THR I 178 59.75 -22.22 30.59
C THR I 178 58.29 -22.56 30.32
N THR I 179 57.76 -23.50 31.09
CA THR I 179 56.40 -23.99 30.90
C THR I 179 55.43 -23.32 31.84
N THR I 180 54.17 -23.26 31.42
CA THR I 180 53.08 -23.00 32.35
C THR I 180 52.88 -24.24 33.20
N PRO I 181 52.89 -24.12 34.54
CA PRO I 181 52.79 -25.30 35.39
C PRO I 181 51.44 -25.98 35.34
N SER I 182 51.38 -27.15 34.70
CA SER I 182 50.14 -27.88 34.49
C SER I 182 49.94 -28.91 35.60
N LYS I 183 48.70 -29.38 35.71
CA LYS I 183 48.32 -30.29 36.78
C LYS I 183 48.80 -31.71 36.48
N GLN I 184 49.26 -32.40 37.53
CA GLN I 184 49.67 -33.79 37.43
C GLN I 184 48.46 -34.70 37.62
N SER I 185 48.70 -36.01 37.64
CA SER I 185 47.62 -36.96 37.91
C SER I 185 47.28 -37.01 39.39
N ASN I 186 48.24 -36.72 40.27
CA ASN I 186 48.04 -36.78 41.72
C ASN I 186 47.70 -35.41 42.31
N ASN I 187 47.05 -34.55 41.53
CA ASN I 187 46.59 -33.21 41.93
C ASN I 187 47.75 -32.32 42.41
N LYS I 188 48.88 -32.42 41.73
CA LYS I 188 50.03 -31.56 41.99
C LYS I 188 50.48 -30.93 40.67
N TYR I 189 51.59 -30.21 40.71
CA TYR I 189 52.06 -29.46 39.55
C TYR I 189 53.49 -29.86 39.20
N ALA I 190 53.80 -29.72 37.90
CA ALA I 190 55.13 -29.99 37.37
C ALA I 190 55.47 -28.96 36.31
N ALA I 191 56.76 -28.76 36.08
CA ALA I 191 57.25 -27.78 35.11
C ALA I 191 58.62 -28.20 34.63
N SER I 192 59.06 -27.60 33.52
CA SER I 192 60.37 -27.94 32.96
C SER I 192 61.00 -26.68 32.38
N SER I 193 62.32 -26.70 32.27
CA SER I 193 63.05 -25.57 31.72
C SER I 193 64.08 -26.07 30.71
N TYR I 194 64.41 -25.19 29.76
CA TYR I 194 65.40 -25.49 28.73
C TYR I 194 66.38 -24.35 28.59
N LEU I 195 67.62 -24.70 28.25
CA LEU I 195 68.63 -23.70 27.93
C LEU I 195 69.54 -24.22 26.82
N CYS I 210 70.75 -24.32 37.48
CA CYS I 210 69.55 -23.50 37.55
C CYS I 210 69.03 -23.40 38.99
N GLN I 211 68.36 -22.29 39.30
CA GLN I 211 67.79 -22.07 40.61
C GLN I 211 66.30 -21.84 40.48
N VAL I 212 65.54 -22.31 41.45
CA VAL I 212 64.10 -22.14 41.50
C VAL I 212 63.73 -21.44 42.78
N THR I 213 62.76 -20.53 42.68
CA THR I 213 62.28 -19.73 43.81
C THR I 213 60.86 -20.16 44.13
N HIS I 214 60.59 -20.36 45.42
CA HIS I 214 59.32 -20.82 45.93
C HIS I 214 58.92 -19.93 47.10
N GLU I 215 57.67 -20.06 47.53
CA GLU I 215 57.10 -19.19 48.56
C GLU I 215 57.78 -19.49 49.89
N GLY I 216 58.84 -18.73 50.18
CA GLY I 216 59.64 -18.95 51.36
C GLY I 216 60.81 -19.90 51.18
N SER I 217 61.19 -20.21 49.94
CA SER I 217 62.26 -21.18 49.72
C SER I 217 62.99 -20.87 48.42
N THR I 218 64.19 -21.42 48.29
CA THR I 218 64.92 -21.41 47.03
C THR I 218 65.81 -22.65 46.97
N VAL I 219 65.86 -23.27 45.79
CA VAL I 219 66.68 -24.45 45.57
C VAL I 219 67.56 -24.21 44.35
N GLU I 220 68.88 -24.30 44.52
CA GLU I 220 69.84 -24.08 43.45
C GLU I 220 70.59 -25.37 43.17
N LYS I 221 70.72 -25.71 41.88
CA LYS I 221 71.44 -26.92 41.49
C LYS I 221 72.39 -26.62 40.34
N GLN J 20 15.42 -19.18 22.81
CA GLN J 20 16.60 -18.44 23.22
C GLN J 20 17.63 -18.45 22.08
N VAL J 21 18.47 -17.42 22.03
CA VAL J 21 19.45 -17.27 20.96
C VAL J 21 20.74 -17.96 21.36
N GLN J 22 21.26 -18.83 20.48
CA GLN J 22 22.55 -19.47 20.68
C GLN J 22 23.49 -19.10 19.55
N LEU J 23 24.78 -19.03 19.85
CA LEU J 23 25.80 -18.63 18.89
C LEU J 23 26.83 -19.73 18.77
N GLN J 24 27.22 -20.04 17.53
CA GLN J 24 28.14 -21.15 17.27
C GLN J 24 29.24 -20.70 16.32
N GLU J 25 30.50 -20.91 16.72
CA GLU J 25 31.63 -20.55 15.88
C GLU J 25 32.05 -21.71 14.97
N SER J 26 32.68 -21.36 13.85
CA SER J 26 33.21 -22.35 12.92
C SER J 26 34.36 -21.73 12.15
N GLY J 27 35.47 -22.45 12.07
CA GLY J 27 36.61 -21.99 11.33
C GLY J 27 37.76 -22.98 11.36
N PRO J 28 38.81 -22.72 10.60
CA PRO J 28 39.99 -23.59 10.63
C PRO J 28 40.76 -23.43 11.94
N GLY J 29 41.44 -24.51 12.32
CA GLY J 29 42.18 -24.51 13.58
C GLY J 29 43.65 -24.20 13.42
N VAL J 30 44.20 -24.42 12.23
CA VAL J 30 45.60 -24.15 11.94
C VAL J 30 45.64 -23.13 10.80
N VAL J 31 46.30 -22.00 11.06
CA VAL J 31 46.45 -20.92 10.08
C VAL J 31 47.94 -20.65 9.91
N LYS J 32 48.39 -20.61 8.66
CA LYS J 32 49.78 -20.28 8.38
C LYS J 32 50.05 -18.80 8.67
N SER J 33 51.32 -18.49 8.92
CA SER J 33 51.72 -17.12 9.18
C SER J 33 51.64 -16.29 7.90
N SER J 34 51.41 -14.98 8.08
CA SER J 34 51.23 -13.99 7.00
C SER J 34 50.10 -14.39 6.05
N GLU J 35 49.01 -14.90 6.62
CA GLU J 35 47.83 -15.27 5.85
C GLU J 35 46.59 -14.60 6.41
N THR J 36 45.41 -15.01 5.94
CA THR J 36 44.15 -14.44 6.38
C THR J 36 43.40 -15.47 7.23
N LEU J 37 43.02 -15.05 8.42
CA LEU J 37 42.28 -15.89 9.36
C LEU J 37 40.80 -15.56 9.25
N SER J 38 39.98 -16.54 8.90
CA SER J 38 38.56 -16.35 8.68
C SER J 38 37.78 -17.22 9.65
N LEU J 39 36.83 -16.61 10.37
CA LEU J 39 35.93 -17.34 11.25
C LEU J 39 34.49 -16.93 10.94
N THR J 40 33.54 -17.76 11.36
CA THR J 40 32.15 -17.49 11.08
C THR J 40 31.31 -17.91 12.28
N CYS J 41 30.53 -16.98 12.82
CA CYS J 41 29.59 -17.25 13.89
C CYS J 41 28.18 -17.26 13.33
N THR J 42 27.46 -18.36 13.59
CA THR J 42 26.10 -18.57 13.15
C THR J 42 25.18 -18.48 14.36
N VAL J 43 24.11 -17.70 14.24
CA VAL J 43 23.16 -17.56 15.33
C VAL J 43 21.97 -18.49 15.07
N SER J 44 21.29 -18.85 16.16
CA SER J 44 20.14 -19.74 16.12
C SER J 44 19.09 -19.18 17.07
N GLY J 45 17.92 -18.87 16.52
CA GLY J 45 16.87 -18.23 17.29
C GLY J 45 17.02 -16.72 17.29
N GLY J 46 15.91 -16.05 17.58
CA GLY J 46 15.92 -14.59 17.62
C GLY J 46 16.01 -13.96 16.25
N SER J 47 16.34 -12.67 16.26
CA SER J 47 16.43 -11.87 15.04
C SER J 47 17.75 -11.10 15.06
N MET J 48 18.13 -10.60 13.89
CA MET J 48 19.39 -9.90 13.71
C MET J 48 19.26 -8.39 13.91
N GLY J 49 18.07 -7.88 14.26
CA GLY J 49 17.88 -6.46 14.42
C GLY J 49 18.03 -6.00 15.86
N GLY J 50 18.51 -4.77 16.01
CA GLY J 50 18.69 -4.17 17.31
C GLY J 50 19.76 -4.83 18.16
N THR J 51 20.85 -5.29 17.54
CA THR J 51 21.87 -6.04 18.23
C THR J 51 23.23 -5.73 17.61
N TYR J 52 24.22 -5.44 18.46
CA TYR J 52 25.60 -5.31 18.04
C TYR J 52 26.27 -6.68 18.16
N TRP J 53 26.66 -7.26 17.03
CA TRP J 53 27.29 -8.57 17.05
C TRP J 53 28.80 -8.37 17.19
N SER J 54 29.37 -8.92 18.25
CA SER J 54 30.75 -8.62 18.63
C SER J 54 31.64 -9.85 18.52
N TRP J 55 32.94 -9.59 18.35
CA TRP J 55 33.95 -10.64 18.29
C TRP J 55 34.99 -10.36 19.37
N LEU J 56 35.39 -11.41 20.10
CA LEU J 56 36.36 -11.26 21.18
C LEU J 56 37.36 -12.41 21.09
N ARG J 57 38.49 -12.24 21.78
CA ARG J 57 39.46 -13.32 21.88
C ARG J 57 40.07 -13.32 23.27
N LEU J 58 40.55 -14.50 23.69
CA LEU J 58 41.10 -14.72 25.02
C LEU J 58 42.51 -15.26 24.87
N SER J 59 43.48 -14.36 24.76
CA SER J 59 44.87 -14.79 24.69
C SER J 59 45.38 -15.15 26.08
N PRO J 60 46.26 -16.16 26.20
CA PRO J 60 46.82 -16.49 27.51
C PRO J 60 47.89 -15.52 27.99
N GLY J 61 48.37 -14.63 27.14
CA GLY J 61 49.43 -13.72 27.52
C GLY J 61 48.97 -12.32 27.86
N LYS J 62 47.90 -11.85 27.21
CA LYS J 62 47.39 -10.51 27.43
C LYS J 62 45.95 -10.49 27.90
N GLY J 63 45.38 -11.65 28.24
CA GLY J 63 44.03 -11.68 28.80
C GLY J 63 42.96 -11.50 27.73
N LEU J 64 41.76 -11.17 28.22
CA LEU J 64 40.60 -11.02 27.35
C LEU J 64 40.71 -9.73 26.54
N GLU J 65 40.23 -9.77 25.30
CA GLU J 65 40.36 -8.65 24.38
C GLU J 65 39.09 -8.53 23.55
N TRP J 66 38.83 -7.32 23.07
CA TRP J 66 37.69 -7.01 22.23
C TRP J 66 38.19 -6.62 20.85
N ILE J 67 37.62 -7.24 19.82
CA ILE J 67 38.06 -7.04 18.43
C ILE J 67 37.19 -6.03 17.71
N GLY J 68 35.87 -6.23 17.74
CA GLY J 68 34.96 -5.29 17.12
C GLY J 68 33.55 -5.79 17.01
N TYR J 69 32.59 -4.89 16.79
CA TYR J 69 31.20 -5.28 16.60
C TYR J 69 30.67 -4.72 15.29
N ILE J 70 29.49 -5.17 14.92
CA ILE J 70 28.84 -4.74 13.68
C ILE J 70 27.33 -4.73 13.91
N PHE J 71 26.67 -3.69 13.38
CA PHE J 71 25.22 -3.55 13.40
C PHE J 71 24.65 -4.14 12.11
N HIS J 72 23.33 -4.37 12.11
CA HIS J 72 22.69 -5.02 10.96
C HIS J 72 22.64 -4.13 9.72
N THR J 73 22.76 -2.81 9.89
CA THR J 73 22.75 -1.92 8.74
C THR J 73 24.03 -2.05 7.93
N GLY J 74 25.16 -2.22 8.60
CA GLY J 74 26.44 -2.32 7.92
C GLY J 74 27.50 -1.49 8.60
N GLU J 75 27.10 -0.76 9.64
CA GLU J 75 28.04 0.06 10.39
C GLU J 75 28.87 -0.82 11.32
N THR J 76 30.19 -0.69 11.23
CA THR J 76 31.11 -1.49 12.02
C THR J 76 31.79 -0.62 13.07
N ASN J 77 32.47 -1.29 14.00
CA ASN J 77 33.30 -0.59 14.98
C ASN J 77 34.42 -1.55 15.36
N TYR J 78 35.65 -1.22 14.96
CA TYR J 78 36.82 -2.05 15.22
C TYR J 78 37.65 -1.47 16.35
N SER J 79 38.44 -2.33 16.98
CA SER J 79 39.36 -1.88 18.01
C SER J 79 40.52 -1.12 17.37
N PRO J 80 41.02 -0.06 18.01
CA PRO J 80 42.12 0.70 17.43
C PRO J 80 43.45 -0.04 17.41
N SER J 81 43.62 -1.06 18.25
CA SER J 81 44.84 -1.87 18.21
C SER J 81 44.85 -2.76 16.97
N LEU J 82 43.70 -3.31 16.60
CA LEU J 82 43.58 -4.17 15.44
C LEU J 82 43.00 -3.46 14.22
N LYS J 83 42.93 -2.13 14.25
CA LYS J 83 42.41 -1.37 13.13
C LYS J 83 43.39 -1.40 11.96
N GLY J 84 42.86 -1.64 10.77
CA GLY J 84 43.65 -1.70 9.55
C GLY J 84 43.85 -3.09 9.00
N ARG J 85 43.65 -4.13 9.81
CA ARG J 85 43.79 -5.51 9.34
C ARG J 85 42.66 -6.38 9.89
N VAL J 86 41.46 -5.82 10.01
CA VAL J 86 40.30 -6.57 10.47
C VAL J 86 39.10 -6.14 9.64
N SER J 87 38.18 -7.10 9.43
CA SER J 87 36.96 -6.83 8.67
C SER J 87 35.87 -7.78 9.14
N ILE J 88 34.74 -7.22 9.56
CA ILE J 88 33.60 -8.00 10.04
C ILE J 88 32.43 -7.74 9.11
N SER J 89 31.74 -8.81 8.70
CA SER J 89 30.61 -8.67 7.80
C SER J 89 29.44 -9.53 8.29
N VAL J 90 28.23 -9.16 7.89
CA VAL J 90 27.03 -9.89 8.27
C VAL J 90 26.35 -10.47 7.03
N ASP J 91 25.37 -11.34 7.29
CA ASP J 91 24.53 -11.96 6.28
C ASP J 91 23.19 -12.19 6.98
N THR J 92 22.27 -11.24 6.77
CA THR J 92 20.97 -11.29 7.45
C THR J 92 20.03 -12.31 6.82
N SER J 93 20.24 -12.66 5.55
CA SER J 93 19.40 -13.66 4.90
C SER J 93 19.68 -15.07 5.41
N GLU J 94 20.86 -15.30 5.97
CA GLU J 94 21.23 -16.62 6.51
C GLU J 94 21.44 -16.61 8.01
N ASP J 95 21.26 -15.45 8.66
CA ASP J 95 21.46 -15.24 10.11
C ASP J 95 22.89 -15.65 10.52
N GLN J 96 23.85 -14.90 9.99
CA GLN J 96 25.24 -15.32 10.05
C GLN J 96 26.12 -14.08 10.05
N PHE J 97 27.30 -14.17 10.66
CA PHE J 97 28.28 -13.10 10.51
C PHE J 97 29.69 -13.69 10.60
N SER J 98 30.67 -12.95 10.07
CA SER J 98 32.00 -13.50 9.84
C SER J 98 33.07 -12.46 10.12
N LEU J 99 34.25 -12.96 10.49
CA LEU J 99 35.42 -12.16 10.85
C LEU J 99 36.60 -12.55 9.97
N ARG J 100 37.35 -11.54 9.53
CA ARG J 100 38.54 -11.73 8.70
C ARG J 100 39.67 -10.89 9.28
N LEU J 101 40.74 -11.55 9.71
CA LEU J 101 41.96 -10.89 10.17
C LEU J 101 43.04 -11.07 9.11
N ARG J 102 43.75 -9.99 8.81
CA ARG J 102 44.76 -10.00 7.75
C ARG J 102 46.15 -9.92 8.35
N SER J 103 47.08 -10.66 7.74
CA SER J 103 48.51 -10.70 8.09
C SER J 103 48.71 -11.13 9.57
N VAL J 104 48.26 -12.34 9.86
CA VAL J 104 48.38 -12.86 11.22
C VAL J 104 49.82 -13.26 11.50
N THR J 105 50.24 -13.09 12.75
CA THR J 105 51.56 -13.46 13.22
C THR J 105 51.42 -14.52 14.31
N ALA J 106 52.56 -14.88 14.92
CA ALA J 106 52.56 -15.93 15.93
C ALA J 106 51.94 -15.49 17.25
N ALA J 107 51.77 -14.19 17.46
CA ALA J 107 51.17 -13.66 18.68
C ALA J 107 49.66 -13.50 18.57
N ASP J 108 49.06 -13.89 17.45
CA ASP J 108 47.63 -13.73 17.23
C ASP J 108 46.85 -15.02 17.46
N THR J 109 47.37 -15.91 18.31
CA THR J 109 46.66 -17.12 18.69
C THR J 109 45.95 -16.94 20.02
N ALA J 110 44.70 -17.39 20.07
CA ALA J 110 43.81 -17.21 21.22
C ALA J 110 42.62 -18.14 21.04
N VAL J 111 41.64 -18.02 21.92
CA VAL J 111 40.34 -18.65 21.78
C VAL J 111 39.35 -17.55 21.39
N TYR J 112 38.66 -17.74 20.27
CA TYR J 112 37.84 -16.69 19.69
C TYR J 112 36.37 -16.92 20.00
N PHE J 113 35.72 -15.92 20.57
CA PHE J 113 34.32 -15.97 20.94
C PHE J 113 33.53 -14.97 20.10
N CYS J 114 32.26 -15.29 19.86
CA CYS J 114 31.31 -14.35 19.27
C CYS J 114 30.22 -14.08 20.28
N ALA J 115 29.88 -12.79 20.45
CA ALA J 115 28.94 -12.41 21.50
C ALA J 115 27.95 -11.36 21.01
N SER J 116 27.08 -10.92 21.90
CA SER J 116 25.96 -10.04 21.56
C SER J 116 25.94 -8.86 22.51
N LEU J 117 25.50 -7.71 22.00
CA LEU J 117 25.25 -6.54 22.82
C LEU J 117 23.90 -5.94 22.44
N PRO J 118 23.11 -5.51 23.42
CA PRO J 118 21.86 -4.82 23.09
C PRO J 118 22.12 -3.44 22.52
N ARG J 119 21.24 -3.01 21.62
CA ARG J 119 21.36 -1.71 21.00
C ARG J 119 20.95 -0.62 21.98
N GLY J 120 21.77 0.42 22.08
CA GLY J 120 21.48 1.53 22.96
C GLY J 120 22.78 2.11 23.51
N GLN J 121 22.75 2.45 24.79
CA GLN J 121 23.91 3.04 25.46
C GLN J 121 24.85 1.93 25.92
N LEU J 122 26.14 2.10 25.65
CA LEU J 122 27.15 1.10 25.96
C LEU J 122 27.92 1.41 27.23
N VAL J 123 27.47 2.38 28.03
CA VAL J 123 28.18 2.72 29.25
C VAL J 123 28.02 1.63 30.32
N ASN J 124 26.85 0.97 30.34
CA ASN J 124 26.59 -0.08 31.31
C ASN J 124 26.28 -1.41 30.64
N ALA J 125 26.70 -1.60 29.39
CA ALA J 125 26.37 -2.79 28.64
C ALA J 125 27.45 -3.84 28.80
N TYR J 126 27.03 -5.10 28.85
CA TYR J 126 27.92 -6.24 29.01
C TYR J 126 27.61 -7.27 27.93
N PHE J 127 28.61 -8.08 27.60
CA PHE J 127 28.48 -9.04 26.51
C PHE J 127 27.62 -10.23 26.91
N ARG J 128 26.63 -10.54 26.09
CA ARG J 128 25.72 -11.64 26.32
C ARG J 128 25.80 -12.62 25.16
N ASN J 129 25.22 -13.80 25.38
CA ASN J 129 25.10 -14.89 24.39
C ASN J 129 26.47 -15.33 23.87
N TRP J 130 27.33 -15.74 24.80
CA TRP J 130 28.66 -16.19 24.44
C TRP J 130 28.61 -17.54 23.74
N GLY J 131 29.55 -17.73 22.80
CA GLY J 131 29.73 -19.02 22.17
C GLY J 131 30.69 -19.89 22.95
N ARG J 132 30.90 -21.11 22.44
CA ARG J 132 31.79 -22.04 23.11
C ARG J 132 33.26 -21.72 22.90
N GLY J 133 33.59 -20.97 21.85
CA GLY J 133 34.97 -20.60 21.59
C GLY J 133 35.69 -21.54 20.64
N SER J 134 36.26 -20.99 19.58
CA SER J 134 37.02 -21.76 18.61
C SER J 134 38.49 -21.41 18.75
N LEU J 135 39.32 -22.42 18.99
CA LEU J 135 40.75 -22.22 19.21
C LEU J 135 41.50 -22.30 17.89
N VAL J 136 42.29 -21.27 17.61
CA VAL J 136 43.16 -21.26 16.44
C VAL J 136 44.60 -21.19 16.91
N SER J 137 45.52 -21.52 16.01
CA SER J 137 46.94 -21.48 16.31
C SER J 137 47.71 -21.09 15.05
N VAL J 138 48.55 -20.07 15.15
CA VAL J 138 49.33 -19.59 14.02
C VAL J 138 50.77 -20.00 14.25
N THR J 139 51.22 -21.01 13.50
CA THR J 139 52.58 -21.53 13.60
C THR J 139 53.16 -21.68 12.20
N ALA J 140 54.48 -21.62 12.12
CA ALA J 140 55.21 -21.91 10.88
C ALA J 140 55.44 -23.41 10.82
N ALA J 141 54.60 -24.10 10.05
CA ALA J 141 54.56 -25.56 10.05
C ALA J 141 55.70 -26.11 9.23
N SER J 142 56.84 -26.34 9.90
CA SER J 142 57.97 -27.05 9.31
C SER J 142 58.00 -28.43 9.97
N THR J 143 57.51 -29.44 9.26
CA THR J 143 57.39 -30.77 9.82
C THR J 143 58.77 -31.42 9.95
N LYS J 144 59.13 -31.78 11.18
CA LYS J 144 60.44 -32.32 11.49
C LYS J 144 60.28 -33.52 12.39
N GLY J 145 61.06 -34.57 12.14
CA GLY J 145 61.05 -35.76 12.95
C GLY J 145 61.70 -35.52 14.29
N PRO J 146 61.33 -36.32 15.29
CA PRO J 146 61.90 -36.15 16.63
C PRO J 146 63.35 -36.64 16.69
N SER J 147 64.14 -35.96 17.52
CA SER J 147 65.52 -36.34 17.79
C SER J 147 65.64 -36.68 19.27
N VAL J 148 66.09 -37.90 19.57
CA VAL J 148 66.10 -38.43 20.93
C VAL J 148 67.54 -38.39 21.45
N PHE J 149 67.70 -37.82 22.64
CA PHE J 149 69.01 -37.75 23.31
C PHE J 149 68.88 -38.34 24.70
N PRO J 150 69.70 -39.32 25.06
CA PRO J 150 69.71 -39.80 26.44
C PRO J 150 70.38 -38.81 27.38
N LEU J 151 70.10 -38.97 28.68
CA LEU J 151 70.64 -38.06 29.67
C LEU J 151 71.50 -38.81 30.70
N LEU J 165 68.42 -40.91 35.50
CA LEU J 165 68.60 -40.78 34.06
C LEU J 165 67.25 -40.53 33.37
N GLY J 166 67.31 -40.25 32.07
CA GLY J 166 66.09 -39.98 31.33
C GLY J 166 66.36 -39.76 29.86
N CYS J 167 65.33 -39.32 29.16
CA CYS J 167 65.38 -39.08 27.73
C CYS J 167 64.86 -37.68 27.42
N LEU J 168 65.32 -37.12 26.31
CA LEU J 168 64.92 -35.80 25.86
C LEU J 168 64.61 -35.85 24.37
N VAL J 169 63.57 -35.11 23.96
CA VAL J 169 63.23 -34.94 22.56
C VAL J 169 63.56 -33.50 22.20
N LYS J 170 64.44 -33.32 21.21
CA LYS J 170 64.98 -31.99 20.93
C LYS J 170 63.98 -31.14 20.15
N ASP J 171 63.61 -31.58 18.94
CA ASP J 171 62.73 -30.80 18.09
C ASP J 171 61.82 -31.74 17.31
N TYR J 172 60.52 -31.47 17.33
CA TYR J 172 59.56 -32.23 16.55
C TYR J 172 58.36 -31.36 16.25
N PHE J 173 57.59 -31.78 15.25
CA PHE J 173 56.35 -31.12 14.87
C PHE J 173 55.48 -32.10 14.09
N PRO J 174 54.17 -32.19 14.40
CA PRO J 174 53.44 -31.49 15.44
C PRO J 174 53.13 -32.34 16.67
N GLU J 175 52.33 -31.79 17.56
CA GLU J 175 51.83 -32.51 18.73
C GLU J 175 50.89 -33.62 18.28
N PRO J 176 50.94 -34.82 18.92
CA PRO J 176 51.87 -35.29 19.95
C PRO J 176 52.85 -36.38 19.53
N VAL J 177 53.70 -36.79 20.48
CA VAL J 177 54.54 -37.97 20.34
C VAL J 177 54.49 -38.70 21.68
N THR J 178 54.37 -40.03 21.63
CA THR J 178 54.31 -40.85 22.83
C THR J 178 55.68 -41.39 23.19
N VAL J 179 55.85 -41.73 24.46
CA VAL J 179 57.10 -42.28 24.95
C VAL J 179 56.83 -43.55 25.75
N THR J 192 56.51 -38.36 31.78
CA THR J 192 55.93 -37.77 30.58
C THR J 192 55.60 -36.29 30.80
N PHE J 193 56.63 -35.45 30.69
CA PHE J 193 56.45 -34.02 30.89
C PHE J 193 55.79 -33.40 29.65
N PRO J 194 54.98 -32.35 29.84
CA PRO J 194 54.28 -31.75 28.70
C PRO J 194 55.22 -31.00 27.77
N ALA J 195 54.72 -30.75 26.56
CA ALA J 195 55.52 -30.17 25.49
C ALA J 195 55.81 -28.68 25.75
N VAL J 196 56.89 -28.21 25.14
CA VAL J 196 57.36 -26.84 25.28
C VAL J 196 57.33 -26.19 23.91
N LEU J 197 56.63 -25.06 23.79
CA LEU J 197 56.59 -24.31 22.54
C LEU J 197 57.74 -23.32 22.53
N GLN J 198 58.73 -23.58 21.68
CA GLN J 198 59.93 -22.74 21.60
C GLN J 198 59.65 -21.49 20.76
N SER J 199 60.65 -20.62 20.68
CA SER J 199 60.52 -19.41 19.87
C SER J 199 60.63 -19.68 18.38
N SER J 200 61.18 -20.83 17.98
CA SER J 200 61.29 -21.21 16.58
C SER J 200 60.08 -21.97 16.07
N GLY J 201 59.09 -22.23 16.93
CA GLY J 201 57.89 -22.93 16.52
C GLY J 201 57.98 -24.45 16.58
N LEU J 202 58.99 -25.01 17.24
CA LEU J 202 59.15 -26.45 17.33
C LEU J 202 58.96 -26.89 18.77
N TYR J 203 58.35 -28.06 18.93
CA TYR J 203 58.01 -28.59 20.25
C TYR J 203 59.16 -29.43 20.81
N SER J 204 59.17 -29.56 22.15
CA SER J 204 60.19 -30.33 22.84
C SER J 204 59.60 -30.85 24.14
N LEU J 205 60.03 -32.05 24.53
CA LEU J 205 59.59 -32.65 25.79
C LEU J 205 60.72 -33.50 26.38
N SER J 206 60.50 -33.96 27.60
CA SER J 206 61.49 -34.77 28.31
C SER J 206 60.77 -35.81 29.14
N SER J 207 61.53 -36.82 29.57
CA SER J 207 60.98 -37.88 30.40
C SER J 207 62.06 -38.37 31.35
N VAL J 208 61.64 -38.73 32.57
CA VAL J 208 62.57 -39.16 33.61
C VAL J 208 62.01 -40.44 34.21
N VAL J 209 62.91 -41.28 34.74
CA VAL J 209 62.52 -42.54 35.34
C VAL J 209 63.39 -42.82 36.55
#